data_2EQM
#
_entry.id   2EQM
#
_entity_poly.entity_id   1
_entity_poly.type   'polypeptide(L)'
_entity_poly.pdbx_seq_one_letter_code
;GSSGSSGMSKKPPNRPGITFEIGARLEALDYLQKWYPSRIEKIDYEEGKMLVHFERWSHRYDEWIYWDSNRLRPLERPAL
RKEGLKDE
;
_entity_poly.pdbx_strand_id   A
#
# COMPACT_ATOMS: atom_id res chain seq x y z
N GLY A 1 9.94 26.13 -0.55
CA GLY A 1 9.33 24.83 -0.28
C GLY A 1 7.83 24.84 -0.45
N SER A 2 7.24 23.66 -0.54
CA SER A 2 5.79 23.54 -0.71
C SER A 2 5.26 22.29 0.00
N SER A 3 4.28 22.50 0.87
CA SER A 3 3.69 21.38 1.61
C SER A 3 2.26 21.12 1.16
N GLY A 4 1.90 19.84 1.07
CA GLY A 4 0.56 19.48 0.64
C GLY A 4 -0.15 18.59 1.64
N SER A 5 -0.39 17.34 1.26
CA SER A 5 -1.07 16.39 2.13
C SER A 5 -2.25 17.06 2.84
N SER A 6 -3.02 17.84 2.10
CA SER A 6 -4.16 18.55 2.66
C SER A 6 -5.46 18.00 2.10
N GLY A 7 -5.43 17.61 0.82
CA GLY A 7 -6.62 17.08 0.18
C GLY A 7 -6.98 15.69 0.70
N MET A 8 -7.67 15.66 1.83
CA MET A 8 -8.09 14.39 2.43
C MET A 8 -6.94 13.38 2.40
N SER A 9 -5.78 13.79 2.90
CA SER A 9 -4.62 12.92 2.93
C SER A 9 -5.02 11.48 3.21
N LYS A 10 -5.88 11.29 4.21
CA LYS A 10 -6.34 9.96 4.59
C LYS A 10 -6.47 9.07 3.37
N LYS A 11 -7.52 9.30 2.58
CA LYS A 11 -7.75 8.51 1.38
C LYS A 11 -6.55 8.57 0.44
N PRO A 12 -6.42 7.55 -0.41
CA PRO A 12 -5.31 7.45 -1.37
C PRO A 12 -5.43 8.48 -2.48
N PRO A 13 -4.51 9.47 -2.48
CA PRO A 13 -4.50 10.54 -3.48
C PRO A 13 -4.08 10.03 -4.85
N ASN A 14 -4.19 10.89 -5.86
CA ASN A 14 -3.83 10.52 -7.22
C ASN A 14 -2.43 9.90 -7.26
N ARG A 15 -2.39 8.56 -7.32
CA ARG A 15 -1.13 7.85 -7.36
C ARG A 15 -1.16 6.75 -8.41
N PRO A 16 -0.56 7.03 -9.57
CA PRO A 16 -0.51 6.07 -10.68
C PRO A 16 0.40 4.88 -10.40
N GLY A 17 -0.11 3.92 -9.64
CA GLY A 17 0.66 2.75 -9.30
C GLY A 17 0.25 2.14 -7.96
N ILE A 18 0.45 2.89 -6.89
CA ILE A 18 0.10 2.43 -5.55
C ILE A 18 -1.38 2.70 -5.25
N THR A 19 -2.00 1.77 -4.53
CA THR A 19 -3.40 1.91 -4.16
C THR A 19 -3.67 1.33 -2.78
N PHE A 20 -3.91 2.21 -1.81
CA PHE A 20 -4.19 1.79 -0.44
C PHE A 20 -5.54 1.08 -0.35
N GLU A 21 -5.49 -0.25 -0.24
CA GLU A 21 -6.71 -1.04 -0.14
C GLU A 21 -6.49 -2.27 0.76
N ILE A 22 -7.54 -3.08 0.88
CA ILE A 22 -7.47 -4.28 1.72
C ILE A 22 -7.01 -5.48 0.90
N GLY A 23 -5.79 -5.95 1.15
CA GLY A 23 -5.27 -7.10 0.44
C GLY A 23 -4.39 -6.69 -0.72
N ALA A 24 -4.30 -5.40 -0.99
CA ALA A 24 -3.49 -4.88 -2.08
C ALA A 24 -2.03 -5.32 -1.92
N ARG A 25 -1.38 -5.62 -3.03
CA ARG A 25 0.01 -6.05 -3.02
C ARG A 25 0.93 -4.91 -3.45
N LEU A 26 1.80 -4.49 -2.54
CA LEU A 26 2.75 -3.41 -2.83
C LEU A 26 4.05 -3.61 -2.08
N GLU A 27 4.95 -2.64 -2.20
CA GLU A 27 6.25 -2.72 -1.53
C GLU A 27 6.36 -1.67 -0.43
N ALA A 28 7.21 -1.93 0.56
CA ALA A 28 7.40 -1.00 1.66
C ALA A 28 8.89 -0.80 1.95
N LEU A 29 9.25 0.41 2.36
CA LEU A 29 10.64 0.73 2.67
C LEU A 29 10.94 0.48 4.14
N ASP A 30 11.67 -0.59 4.42
CA ASP A 30 12.02 -0.95 5.79
C ASP A 30 13.09 -0.01 6.32
N TYR A 31 13.25 0.01 7.65
CA TYR A 31 14.25 0.86 8.29
C TYR A 31 15.61 0.72 7.61
N LEU A 32 15.81 -0.39 6.91
CA LEU A 32 17.06 -0.65 6.22
C LEU A 32 17.04 -0.02 4.83
N GLN A 33 16.12 0.89 4.61
CA GLN A 33 16.00 1.57 3.32
C GLN A 33 15.98 0.56 2.18
N LYS A 34 15.51 -0.64 2.47
CA LYS A 34 15.43 -1.70 1.46
C LYS A 34 14.01 -1.84 0.93
N TRP A 35 13.89 -2.30 -0.30
CA TRP A 35 12.58 -2.49 -0.92
C TRP A 35 12.17 -3.95 -0.89
N TYR A 36 10.92 -4.20 -0.50
CA TYR A 36 10.39 -5.56 -0.42
C TYR A 36 8.88 -5.57 -0.59
N PRO A 37 8.34 -6.71 -1.05
CA PRO A 37 6.90 -6.88 -1.25
C PRO A 37 6.13 -6.93 0.06
N SER A 38 4.85 -6.59 0.00
CA SER A 38 4.00 -6.60 1.18
C SER A 38 2.52 -6.47 0.80
N ARG A 39 1.64 -6.62 1.79
CA ARG A 39 0.21 -6.53 1.55
C ARG A 39 -0.47 -5.73 2.65
N ILE A 40 -1.70 -5.30 2.38
CA ILE A 40 -2.46 -4.52 3.36
C ILE A 40 -3.51 -5.38 4.06
N GLU A 41 -3.21 -5.79 5.29
CA GLU A 41 -4.12 -6.62 6.06
C GLU A 41 -5.32 -5.81 6.53
N LYS A 42 -5.06 -4.60 7.01
CA LYS A 42 -6.12 -3.72 7.50
C LYS A 42 -5.78 -2.25 7.23
N ILE A 43 -6.78 -1.39 7.34
CA ILE A 43 -6.58 0.04 7.12
C ILE A 43 -7.40 0.87 8.09
N ASP A 44 -6.76 1.83 8.74
CA ASP A 44 -7.44 2.69 9.70
C ASP A 44 -7.60 4.10 9.14
N TYR A 45 -8.82 4.45 8.75
CA TYR A 45 -9.10 5.76 8.19
C TYR A 45 -9.34 6.78 9.30
N GLU A 46 -9.65 6.29 10.49
CA GLU A 46 -9.90 7.15 11.64
C GLU A 46 -8.59 7.62 12.26
N GLU A 47 -7.54 6.82 12.10
CA GLU A 47 -6.23 7.15 12.65
C GLU A 47 -5.25 7.51 11.53
N GLY A 48 -5.27 6.73 10.46
CA GLY A 48 -4.39 6.98 9.33
C GLY A 48 -3.27 5.96 9.25
N LYS A 49 -3.49 4.78 9.82
CA LYS A 49 -2.49 3.72 9.79
C LYS A 49 -3.08 2.43 9.22
N MET A 50 -2.27 1.70 8.46
CA MET A 50 -2.71 0.45 7.85
C MET A 50 -1.79 -0.70 8.25
N LEU A 51 -2.38 -1.86 8.51
CA LEU A 51 -1.62 -3.04 8.90
C LEU A 51 -1.00 -3.72 7.67
N VAL A 52 0.29 -3.47 7.46
CA VAL A 52 1.00 -4.07 6.34
C VAL A 52 1.89 -5.21 6.78
N HIS A 53 1.92 -6.28 5.99
CA HIS A 53 2.73 -7.46 6.31
C HIS A 53 3.91 -7.57 5.35
N PHE A 54 5.06 -7.95 5.89
CA PHE A 54 6.28 -8.09 5.08
C PHE A 54 6.52 -9.57 4.73
N GLU A 55 7.09 -9.80 3.55
CA GLU A 55 7.38 -11.15 3.11
C GLU A 55 8.79 -11.56 3.49
N ARG A 56 9.76 -10.71 3.14
CA ARG A 56 11.16 -11.00 3.44
C ARG A 56 11.29 -11.74 4.76
N TRP A 57 11.00 -11.06 5.86
CA TRP A 57 11.09 -11.65 7.19
C TRP A 57 10.38 -13.00 7.23
N SER A 58 11.16 -14.07 7.15
CA SER A 58 10.59 -15.42 7.17
C SER A 58 9.36 -15.48 8.07
N HIS A 59 9.59 -15.26 9.36
CA HIS A 59 8.49 -15.29 10.34
C HIS A 59 7.48 -14.20 10.05
N ARG A 60 6.26 -14.59 9.72
CA ARG A 60 5.20 -13.64 9.42
C ARG A 60 5.33 -12.39 10.28
N TYR A 61 5.99 -11.37 9.75
CA TYR A 61 6.19 -10.12 10.47
C TYR A 61 5.33 -9.01 9.87
N ASP A 62 4.34 -8.56 10.64
CA ASP A 62 3.45 -7.51 10.20
C ASP A 62 3.54 -6.30 11.11
N GLU A 63 3.39 -5.11 10.54
CA GLU A 63 3.46 -3.87 11.31
C GLU A 63 2.66 -2.76 10.63
N TRP A 64 1.93 -1.99 11.43
CA TRP A 64 1.13 -0.89 10.91
C TRP A 64 2.01 0.24 10.39
N ILE A 65 1.80 0.64 9.14
CA ILE A 65 2.57 1.71 8.54
C ILE A 65 1.67 2.80 7.99
N TYR A 66 1.79 4.00 8.57
CA TYR A 66 0.97 5.13 8.13
C TYR A 66 0.91 5.22 6.62
N TRP A 67 -0.30 5.11 6.07
CA TRP A 67 -0.50 5.17 4.63
C TRP A 67 -0.05 6.52 4.07
N ASP A 68 0.27 7.45 4.97
CA ASP A 68 0.71 8.78 4.58
C ASP A 68 2.20 8.96 4.84
N SER A 69 2.91 7.85 4.96
CA SER A 69 4.35 7.88 5.23
C SER A 69 5.13 8.15 3.95
N ASN A 70 4.57 7.73 2.81
CA ASN A 70 5.21 7.93 1.52
C ASN A 70 6.47 7.08 1.40
N ARG A 71 6.46 5.92 2.05
CA ARG A 71 7.60 5.02 2.02
C ARG A 71 7.26 3.73 1.28
N LEU A 72 6.20 3.77 0.48
CA LEU A 72 5.76 2.61 -0.28
C LEU A 72 5.82 2.89 -1.78
N ARG A 73 6.09 1.85 -2.57
CA ARG A 73 6.18 1.97 -4.01
C ARG A 73 5.22 1.01 -4.70
N PRO A 74 4.78 1.36 -5.91
CA PRO A 74 3.86 0.54 -6.71
C PRO A 74 4.51 -0.75 -7.21
N LEU A 75 4.29 -1.84 -6.49
CA LEU A 75 4.87 -3.13 -6.87
C LEU A 75 4.44 -3.52 -8.28
N GLU A 76 5.27 -4.31 -8.95
CA GLU A 76 4.98 -4.75 -10.30
C GLU A 76 3.52 -5.17 -10.43
N ARG A 77 2.83 -4.61 -11.42
CA ARG A 77 1.43 -4.92 -11.64
C ARG A 77 1.27 -6.34 -12.21
N PRO A 78 0.16 -6.99 -11.84
CA PRO A 78 -0.13 -8.36 -12.29
C PRO A 78 -0.47 -8.42 -13.77
N ALA A 79 -0.91 -9.59 -14.24
CA ALA A 79 -1.26 -9.77 -15.64
C ALA A 79 -2.77 -9.64 -15.84
N LEU A 80 -3.17 -8.60 -16.57
CA LEU A 80 -4.58 -8.36 -16.84
C LEU A 80 -5.17 -9.44 -17.74
N ARG A 81 -6.00 -10.29 -17.16
CA ARG A 81 -6.63 -11.38 -17.90
C ARG A 81 -5.68 -11.91 -18.99
N LYS A 82 -4.48 -12.28 -18.59
CA LYS A 82 -3.48 -12.79 -19.53
C LYS A 82 -4.13 -13.72 -20.55
N GLU A 83 -3.68 -13.64 -21.79
CA GLU A 83 -4.21 -14.48 -22.86
C GLU A 83 -3.65 -15.90 -22.76
N GLY A 84 -4.55 -16.87 -22.65
CA GLY A 84 -4.14 -18.25 -22.56
C GLY A 84 -2.97 -18.45 -21.61
N LEU A 85 -3.22 -18.28 -20.32
CA LEU A 85 -2.18 -18.44 -19.30
C LEU A 85 -1.48 -19.78 -19.45
N LYS A 86 -2.27 -20.85 -19.44
CA LYS A 86 -1.72 -22.20 -19.57
C LYS A 86 -1.75 -22.66 -21.02
N ASP A 87 -1.22 -23.86 -21.27
CA ASP A 87 -1.20 -24.41 -22.62
C ASP A 87 -1.90 -25.77 -22.66
N GLU A 88 -1.57 -26.63 -21.71
CA GLU A 88 -2.16 -27.96 -21.63
C GLU A 88 -3.67 -27.88 -21.76
N GLY A 1 9.54 17.84 -8.61
CA GLY A 1 8.72 17.36 -7.51
C GLY A 1 7.88 18.46 -6.91
N SER A 2 6.60 18.17 -6.70
CA SER A 2 5.68 19.15 -6.12
C SER A 2 4.36 18.50 -5.75
N SER A 3 4.02 18.55 -4.47
CA SER A 3 2.77 17.96 -3.97
C SER A 3 2.05 18.92 -3.02
N GLY A 4 0.87 18.52 -2.58
CA GLY A 4 0.10 19.34 -1.68
C GLY A 4 -1.15 18.64 -1.16
N SER A 5 -1.97 19.37 -0.41
CA SER A 5 -3.20 18.81 0.15
C SER A 5 -4.42 19.40 -0.55
N SER A 6 -5.19 18.53 -1.21
CA SER A 6 -6.39 18.96 -1.91
C SER A 6 -7.64 18.37 -1.27
N GLY A 7 -7.61 17.07 -1.01
CA GLY A 7 -8.75 16.40 -0.40
C GLY A 7 -8.46 15.93 1.01
N MET A 8 -8.57 14.63 1.25
CA MET A 8 -8.32 14.06 2.56
C MET A 8 -7.10 13.14 2.53
N SER A 9 -6.11 13.45 3.36
CA SER A 9 -4.90 12.64 3.43
C SER A 9 -5.23 11.17 3.66
N LYS A 10 -6.00 10.90 4.71
CA LYS A 10 -6.40 9.54 5.03
C LYS A 10 -6.58 8.70 3.77
N LYS A 11 -7.65 8.96 3.04
CA LYS A 11 -7.93 8.24 1.80
C LYS A 11 -6.77 8.36 0.82
N PRO A 12 -6.62 7.34 -0.04
CA PRO A 12 -5.55 7.31 -1.04
C PRO A 12 -5.75 8.34 -2.15
N PRO A 13 -4.89 9.37 -2.16
CA PRO A 13 -4.96 10.45 -3.16
C PRO A 13 -4.56 9.96 -4.55
N ASN A 14 -4.40 10.91 -5.46
CA ASN A 14 -4.02 10.59 -6.84
C ASN A 14 -2.62 9.98 -6.88
N ARG A 15 -2.55 8.66 -6.98
CA ARG A 15 -1.29 7.95 -7.04
C ARG A 15 -1.30 6.89 -8.13
N PRO A 16 -0.70 7.21 -9.28
CA PRO A 16 -0.62 6.29 -10.43
C PRO A 16 0.29 5.11 -10.16
N GLY A 17 -0.22 4.12 -9.44
CA GLY A 17 0.58 2.93 -9.14
C GLY A 17 0.17 2.30 -7.83
N ILE A 18 0.45 2.99 -6.72
CA ILE A 18 0.11 2.48 -5.40
C ILE A 18 -1.35 2.74 -5.07
N THR A 19 -1.98 1.79 -4.37
CA THR A 19 -3.37 1.91 -3.99
C THR A 19 -3.62 1.29 -2.62
N PHE A 20 -3.84 2.14 -1.61
CA PHE A 20 -4.09 1.67 -0.25
C PHE A 20 -5.44 0.96 -0.17
N GLU A 21 -5.41 -0.37 -0.10
CA GLU A 21 -6.62 -1.16 -0.03
C GLU A 21 -6.39 -2.41 0.82
N ILE A 22 -7.46 -3.18 1.03
CA ILE A 22 -7.38 -4.40 1.81
C ILE A 22 -6.92 -5.59 0.96
N GLY A 23 -5.71 -6.06 1.22
CA GLY A 23 -5.17 -7.18 0.47
C GLY A 23 -4.27 -6.74 -0.66
N ALA A 24 -4.22 -5.43 -0.90
CA ALA A 24 -3.39 -4.88 -1.97
C ALA A 24 -1.92 -5.23 -1.75
N ARG A 25 -1.25 -5.65 -2.83
CA ARG A 25 0.15 -6.01 -2.76
C ARG A 25 1.03 -4.87 -3.22
N LEU A 26 1.85 -4.34 -2.30
CA LEU A 26 2.74 -3.24 -2.62
C LEU A 26 4.10 -3.42 -1.92
N GLU A 27 5.03 -2.53 -2.23
CA GLU A 27 6.36 -2.59 -1.64
C GLU A 27 6.47 -1.63 -0.45
N ALA A 28 7.33 -1.98 0.50
CA ALA A 28 7.54 -1.15 1.68
C ALA A 28 9.02 -0.93 1.95
N LEU A 29 9.37 0.29 2.38
CA LEU A 29 10.76 0.63 2.68
C LEU A 29 11.12 0.22 4.11
N ASP A 30 12.07 -0.70 4.22
CA ASP A 30 12.53 -1.17 5.53
C ASP A 30 13.50 -0.17 6.16
N TYR A 31 13.71 -0.30 7.46
CA TYR A 31 14.62 0.58 8.18
C TYR A 31 15.98 0.64 7.50
N LEU A 32 16.25 -0.35 6.65
CA LEU A 32 17.52 -0.42 5.93
C LEU A 32 17.36 0.06 4.50
N GLN A 33 16.33 0.88 4.26
CA GLN A 33 16.06 1.41 2.93
C GLN A 33 15.96 0.29 1.91
N LYS A 34 15.55 -0.89 2.36
CA LYS A 34 15.42 -2.05 1.48
C LYS A 34 13.99 -2.17 0.96
N TRP A 35 13.85 -2.31 -0.35
CA TRP A 35 12.53 -2.45 -0.96
C TRP A 35 12.12 -3.91 -1.07
N TYR A 36 10.93 -4.22 -0.56
CA TYR A 36 10.43 -5.59 -0.59
C TYR A 36 8.91 -5.60 -0.72
N PRO A 37 8.37 -6.71 -1.26
CA PRO A 37 6.93 -6.87 -1.45
C PRO A 37 6.17 -7.03 -0.14
N SER A 38 4.95 -6.52 -0.10
CA SER A 38 4.13 -6.60 1.11
C SER A 38 2.65 -6.52 0.76
N ARG A 39 1.80 -6.70 1.76
CA ARG A 39 0.35 -6.65 1.56
C ARG A 39 -0.32 -5.84 2.67
N ILE A 40 -1.57 -5.45 2.43
CA ILE A 40 -2.32 -4.67 3.41
C ILE A 40 -3.36 -5.54 4.11
N GLU A 41 -3.09 -5.89 5.37
CA GLU A 41 -4.00 -6.71 6.15
C GLU A 41 -5.22 -5.91 6.58
N LYS A 42 -4.98 -4.70 7.08
CA LYS A 42 -6.07 -3.83 7.54
C LYS A 42 -5.73 -2.37 7.26
N ILE A 43 -6.74 -1.51 7.37
CA ILE A 43 -6.56 -0.09 7.12
C ILE A 43 -7.39 0.74 8.09
N ASP A 44 -6.72 1.39 9.04
CA ASP A 44 -7.38 2.23 10.03
C ASP A 44 -7.52 3.66 9.53
N TYR A 45 -8.75 4.08 9.27
CA TYR A 45 -9.02 5.43 8.78
C TYR A 45 -9.28 6.39 9.96
N GLU A 46 -9.66 5.83 11.10
CA GLU A 46 -9.93 6.63 12.28
C GLU A 46 -8.65 7.19 12.87
N GLU A 47 -7.54 6.49 12.62
CA GLU A 47 -6.24 6.93 13.14
C GLU A 47 -5.35 7.44 12.01
N GLY A 48 -5.39 6.75 10.88
CA GLY A 48 -4.59 7.16 9.74
C GLY A 48 -3.45 6.20 9.46
N LYS A 49 -3.57 4.97 9.95
CA LYS A 49 -2.55 3.95 9.75
C LYS A 49 -3.15 2.68 9.15
N MET A 50 -2.31 1.90 8.49
CA MET A 50 -2.75 0.66 7.86
C MET A 50 -1.84 -0.50 8.24
N LEU A 51 -2.42 -1.68 8.44
CA LEU A 51 -1.65 -2.86 8.81
C LEU A 51 -1.07 -3.54 7.57
N VAL A 52 0.24 -3.35 7.36
CA VAL A 52 0.92 -3.94 6.21
C VAL A 52 1.87 -5.05 6.66
N HIS A 53 1.79 -6.20 5.98
CA HIS A 53 2.65 -7.34 6.30
C HIS A 53 3.73 -7.51 5.25
N PHE A 54 4.93 -7.83 5.71
CA PHE A 54 6.07 -8.02 4.81
C PHE A 54 6.18 -9.49 4.38
N GLU A 55 6.32 -9.70 3.07
CA GLU A 55 6.45 -11.05 2.53
C GLU A 55 7.45 -11.88 3.34
N ARG A 56 8.62 -11.30 3.58
CA ARG A 56 9.67 -11.98 4.34
C ARG A 56 10.39 -11.01 5.27
N TRP A 57 10.50 -11.39 6.53
CA TRP A 57 11.17 -10.54 7.51
C TRP A 57 11.33 -11.28 8.84
N SER A 58 11.95 -10.62 9.81
CA SER A 58 12.17 -11.21 11.12
C SER A 58 11.54 -10.36 12.22
N HIS A 59 11.95 -9.10 12.29
CA HIS A 59 11.43 -8.17 13.29
C HIS A 59 9.95 -8.45 13.56
N ARG A 60 9.13 -8.29 12.52
CA ARG A 60 7.70 -8.52 12.64
C ARG A 60 7.06 -8.74 11.28
N TYR A 61 6.35 -9.86 11.13
CA TYR A 61 5.70 -10.17 9.87
C TYR A 61 4.64 -9.14 9.52
N ASP A 62 3.98 -8.60 10.54
CA ASP A 62 2.94 -7.60 10.33
C ASP A 62 3.23 -6.36 11.15
N GLU A 63 3.19 -5.20 10.50
CA GLU A 63 3.45 -3.93 11.17
C GLU A 63 2.67 -2.79 10.51
N TRP A 64 1.97 -2.01 11.33
CA TRP A 64 1.18 -0.89 10.82
C TRP A 64 2.09 0.23 10.30
N ILE A 65 1.81 0.69 9.09
CA ILE A 65 2.60 1.75 8.49
C ILE A 65 1.70 2.85 7.94
N TYR A 66 1.78 4.03 8.55
CA TYR A 66 0.97 5.17 8.13
C TYR A 66 0.88 5.23 6.60
N TRP A 67 -0.35 5.18 6.10
CA TRP A 67 -0.58 5.24 4.66
C TRP A 67 -0.09 6.55 4.07
N ASP A 68 0.31 7.47 4.95
CA ASP A 68 0.80 8.77 4.51
C ASP A 68 2.29 8.91 4.82
N SER A 69 2.97 7.78 4.99
CA SER A 69 4.39 7.79 5.29
C SER A 69 5.21 8.13 4.05
N ASN A 70 4.73 7.68 2.88
CA ASN A 70 5.41 7.95 1.63
C ASN A 70 6.67 7.08 1.50
N ARG A 71 6.62 5.89 2.07
CA ARG A 71 7.75 4.97 2.01
C ARG A 71 7.36 3.66 1.33
N LEU A 72 6.31 3.72 0.51
CA LEU A 72 5.84 2.54 -0.20
C LEU A 72 5.88 2.76 -1.72
N ARG A 73 6.08 1.68 -2.47
CA ARG A 73 6.15 1.76 -3.91
C ARG A 73 5.12 0.84 -4.55
N PRO A 74 4.67 1.19 -5.77
CA PRO A 74 3.68 0.40 -6.52
C PRO A 74 4.24 -0.92 -7.01
N LEU A 75 4.01 -1.98 -6.23
CA LEU A 75 4.49 -3.31 -6.59
C LEU A 75 3.96 -3.74 -7.95
N GLU A 76 4.86 -4.18 -8.81
CA GLU A 76 4.49 -4.63 -10.15
C GLU A 76 4.51 -6.14 -10.25
N ARG A 77 3.38 -6.77 -9.94
CA ARG A 77 3.26 -8.22 -9.98
C ARG A 77 2.38 -8.65 -11.15
N PRO A 78 2.85 -9.68 -11.90
CA PRO A 78 2.12 -10.20 -13.05
C PRO A 78 0.86 -10.95 -12.64
N ALA A 79 0.09 -11.40 -13.64
CA ALA A 79 -1.14 -12.13 -13.38
C ALA A 79 -0.97 -13.61 -13.65
N LEU A 80 -0.62 -14.37 -12.62
CA LEU A 80 -0.42 -15.80 -12.75
C LEU A 80 -1.53 -16.58 -12.03
N ARG A 81 -2.24 -15.89 -11.14
CA ARG A 81 -3.32 -16.51 -10.39
C ARG A 81 -4.65 -16.32 -11.11
N LYS A 82 -4.62 -16.43 -12.44
CA LYS A 82 -5.82 -16.28 -13.24
C LYS A 82 -6.35 -17.63 -13.70
N GLU A 83 -7.19 -18.24 -12.86
CA GLU A 83 -7.76 -19.55 -13.18
C GLU A 83 -9.22 -19.40 -13.61
N GLY A 84 -9.44 -19.14 -14.89
CA GLY A 84 -10.78 -18.98 -15.41
C GLY A 84 -10.83 -19.01 -16.93
N LEU A 85 -12.02 -19.27 -17.47
CA LEU A 85 -12.19 -19.33 -18.92
C LEU A 85 -11.30 -18.30 -19.62
N LYS A 86 -10.74 -18.70 -20.75
CA LYS A 86 -9.87 -17.81 -21.52
C LYS A 86 -9.57 -18.39 -22.89
N ASP A 87 -9.10 -17.55 -23.80
CA ASP A 87 -8.76 -17.99 -25.15
C ASP A 87 -7.68 -17.10 -25.76
N GLU A 88 -7.12 -17.54 -26.88
CA GLU A 88 -6.07 -16.79 -27.56
C GLU A 88 -6.57 -15.41 -27.96
N GLY A 1 7.36 24.23 4.59
CA GLY A 1 6.07 24.79 4.22
C GLY A 1 5.87 24.79 2.71
N SER A 2 4.99 23.91 2.24
CA SER A 2 4.70 23.80 0.81
C SER A 2 3.23 23.50 0.58
N SER A 3 2.54 24.44 -0.06
CA SER A 3 1.12 24.28 -0.35
C SER A 3 0.79 22.83 -0.66
N GLY A 4 0.17 22.15 0.31
CA GLY A 4 -0.19 20.76 0.12
C GLY A 4 -1.50 20.58 -0.62
N SER A 5 -1.47 19.86 -1.73
CA SER A 5 -2.66 19.64 -2.54
C SER A 5 -3.89 19.44 -1.65
N SER A 6 -4.88 20.30 -1.84
CA SER A 6 -6.11 20.24 -1.05
C SER A 6 -6.75 18.85 -1.16
N GLY A 7 -7.52 18.48 -0.15
CA GLY A 7 -8.19 17.19 -0.15
C GLY A 7 -8.15 16.51 1.20
N MET A 8 -8.28 15.19 1.21
CA MET A 8 -8.25 14.43 2.45
C MET A 8 -7.06 13.47 2.47
N SER A 9 -5.98 13.88 3.13
CA SER A 9 -4.79 13.05 3.22
C SER A 9 -5.15 11.58 3.45
N LYS A 10 -6.02 11.34 4.42
CA LYS A 10 -6.46 9.99 4.73
C LYS A 10 -6.58 9.14 3.48
N LYS A 11 -7.63 9.40 2.71
CA LYS A 11 -7.86 8.66 1.47
C LYS A 11 -6.64 8.73 0.56
N PRO A 12 -6.49 7.72 -0.31
CA PRO A 12 -5.38 7.64 -1.25
C PRO A 12 -5.46 8.70 -2.35
N PRO A 13 -4.54 9.67 -2.32
CA PRO A 13 -4.49 10.75 -3.30
C PRO A 13 -4.07 10.26 -4.68
N ASN A 14 -4.12 11.15 -5.66
CA ASN A 14 -3.73 10.81 -7.02
C ASN A 14 -2.39 10.09 -7.06
N ARG A 15 -2.43 8.77 -7.16
CA ARG A 15 -1.22 7.97 -7.19
C ARG A 15 -1.29 6.90 -8.28
N PRO A 16 -0.67 7.19 -9.43
CA PRO A 16 -0.64 6.28 -10.57
C PRO A 16 0.19 5.03 -10.31
N GLY A 17 -0.39 4.08 -9.58
CA GLY A 17 0.32 2.84 -9.27
C GLY A 17 -0.07 2.29 -7.92
N ILE A 18 0.27 3.01 -6.86
CA ILE A 18 -0.05 2.58 -5.50
C ILE A 18 -1.51 2.84 -5.17
N THR A 19 -2.12 1.91 -4.43
CA THR A 19 -3.51 2.04 -4.04
C THR A 19 -3.75 1.45 -2.66
N PHE A 20 -3.97 2.32 -1.68
CA PHE A 20 -4.21 1.88 -0.31
C PHE A 20 -5.57 1.18 -0.19
N GLU A 21 -5.53 -0.15 -0.12
CA GLU A 21 -6.75 -0.94 -0.01
C GLU A 21 -6.51 -2.20 0.83
N ILE A 22 -7.55 -3.00 0.98
CA ILE A 22 -7.46 -4.23 1.75
C ILE A 22 -6.98 -5.39 0.88
N GLY A 23 -5.75 -5.84 1.12
CA GLY A 23 -5.19 -6.94 0.35
C GLY A 23 -4.35 -6.46 -0.81
N ALA A 24 -4.15 -5.15 -0.90
CA ALA A 24 -3.36 -4.56 -1.97
C ALA A 24 -1.90 -5.00 -1.87
N ARG A 25 -1.31 -5.36 -3.01
CA ARG A 25 0.08 -5.79 -3.04
C ARG A 25 0.99 -4.64 -3.45
N LEU A 26 1.88 -4.23 -2.54
CA LEU A 26 2.81 -3.14 -2.81
C LEU A 26 4.13 -3.36 -2.07
N GLU A 27 5.06 -2.44 -2.26
CA GLU A 27 6.36 -2.53 -1.61
C GLU A 27 6.48 -1.51 -0.48
N ALA A 28 7.15 -1.90 0.59
CA ALA A 28 7.35 -1.01 1.74
C ALA A 28 8.83 -0.82 2.05
N LEU A 29 9.19 0.40 2.42
CA LEU A 29 10.58 0.71 2.75
C LEU A 29 10.88 0.40 4.20
N ASP A 30 11.68 -0.64 4.43
CA ASP A 30 12.03 -1.05 5.78
C ASP A 30 13.10 -0.12 6.35
N TYR A 31 13.28 -0.16 7.68
CA TYR A 31 14.26 0.68 8.35
C TYR A 31 15.61 0.61 7.63
N LEU A 32 15.87 -0.52 6.98
CA LEU A 32 17.12 -0.72 6.27
C LEU A 32 17.05 -0.10 4.87
N GLN A 33 16.12 0.82 4.69
CA GLN A 33 15.94 1.49 3.39
C GLN A 33 15.91 0.47 2.26
N LYS A 34 15.45 -0.73 2.56
CA LYS A 34 15.36 -1.79 1.57
C LYS A 34 13.93 -1.97 1.09
N TRP A 35 13.78 -2.20 -0.22
CA TRP A 35 12.45 -2.39 -0.81
C TRP A 35 12.08 -3.87 -0.83
N TYR A 36 10.84 -4.16 -0.44
CA TYR A 36 10.35 -5.54 -0.41
C TYR A 36 8.84 -5.59 -0.59
N PRO A 37 8.34 -6.74 -1.09
CA PRO A 37 6.91 -6.93 -1.32
C PRO A 37 6.12 -7.05 -0.03
N SER A 38 4.92 -6.48 -0.02
CA SER A 38 4.06 -6.52 1.16
C SER A 38 2.59 -6.39 0.76
N ARG A 39 1.71 -6.54 1.75
CA ARG A 39 0.28 -6.44 1.51
C ARG A 39 -0.41 -5.67 2.64
N ILE A 40 -1.64 -5.24 2.39
CA ILE A 40 -2.41 -4.50 3.39
C ILE A 40 -3.46 -5.39 4.04
N GLU A 41 -3.20 -5.78 5.29
CA GLU A 41 -4.13 -6.63 6.03
C GLU A 41 -5.34 -5.83 6.50
N LYS A 42 -5.09 -4.69 7.13
CA LYS A 42 -6.16 -3.84 7.62
C LYS A 42 -5.82 -2.36 7.42
N ILE A 43 -6.85 -1.52 7.43
CA ILE A 43 -6.65 -0.08 7.25
C ILE A 43 -7.47 0.71 8.27
N ASP A 44 -6.88 1.78 8.78
CA ASP A 44 -7.56 2.63 9.76
C ASP A 44 -7.66 4.06 9.25
N TYR A 45 -8.85 4.43 8.78
CA TYR A 45 -9.09 5.77 8.26
C TYR A 45 -9.24 6.77 9.39
N GLU A 46 -9.68 6.28 10.56
CA GLU A 46 -9.86 7.14 11.72
C GLU A 46 -8.52 7.60 12.28
N GLU A 47 -7.52 6.74 12.19
CA GLU A 47 -6.18 7.06 12.69
C GLU A 47 -5.28 7.53 11.56
N GLY A 48 -5.36 6.83 10.42
CA GLY A 48 -4.54 7.19 9.28
C GLY A 48 -3.39 6.22 9.07
N LYS A 49 -3.59 4.97 9.47
CA LYS A 49 -2.56 3.94 9.33
C LYS A 49 -3.12 2.70 8.67
N MET A 50 -2.29 1.67 8.53
CA MET A 50 -2.70 0.42 7.90
C MET A 50 -1.76 -0.72 8.30
N LEU A 51 -2.32 -1.89 8.54
CA LEU A 51 -1.54 -3.06 8.92
C LEU A 51 -0.93 -3.73 7.70
N VAL A 52 0.35 -3.46 7.46
CA VAL A 52 1.05 -4.04 6.32
C VAL A 52 1.91 -5.23 6.75
N HIS A 53 1.91 -6.27 5.93
CA HIS A 53 2.69 -7.47 6.22
C HIS A 53 3.99 -7.49 5.42
N PHE A 54 5.07 -7.93 6.05
CA PHE A 54 6.37 -7.99 5.39
C PHE A 54 6.67 -9.41 4.92
N GLU A 55 6.81 -9.57 3.61
CA GLU A 55 7.10 -10.87 3.02
C GLU A 55 8.48 -11.36 3.43
N ARG A 56 9.50 -10.54 3.17
CA ARG A 56 10.87 -10.88 3.49
C ARG A 56 10.94 -11.62 4.84
N TRP A 57 10.31 -11.04 5.85
CA TRP A 57 10.30 -11.63 7.18
C TRP A 57 9.20 -12.67 7.31
N SER A 58 9.18 -13.38 8.43
CA SER A 58 8.18 -14.41 8.66
C SER A 58 6.81 -13.98 8.12
N HIS A 59 6.06 -14.93 7.59
CA HIS A 59 4.75 -14.65 7.03
C HIS A 59 3.92 -13.80 8.00
N ARG A 60 4.06 -14.08 9.29
CA ARG A 60 3.33 -13.33 10.31
C ARG A 60 3.90 -11.93 10.48
N TYR A 61 5.23 -11.82 10.40
CA TYR A 61 5.90 -10.54 10.55
C TYR A 61 5.10 -9.42 9.86
N ASP A 62 4.38 -8.64 10.66
CA ASP A 62 3.58 -7.55 10.13
C ASP A 62 3.69 -6.32 11.03
N GLU A 63 3.61 -5.14 10.43
CA GLU A 63 3.71 -3.89 11.17
C GLU A 63 2.89 -2.79 10.51
N TRP A 64 2.16 -2.03 11.31
CA TRP A 64 1.33 -0.95 10.79
C TRP A 64 2.20 0.19 10.27
N ILE A 65 1.89 0.66 9.05
CA ILE A 65 2.63 1.75 8.45
C ILE A 65 1.70 2.84 7.93
N TYR A 66 1.88 4.05 8.43
CA TYR A 66 1.06 5.19 8.03
C TYR A 66 0.93 5.25 6.51
N TRP A 67 -0.29 5.08 6.02
CA TRP A 67 -0.55 5.12 4.58
C TRP A 67 -0.15 6.46 4.00
N ASP A 68 0.17 7.42 4.86
CA ASP A 68 0.56 8.75 4.43
C ASP A 68 2.06 8.96 4.65
N SER A 69 2.80 7.87 4.74
CA SER A 69 4.24 7.95 4.95
C SER A 69 4.98 8.12 3.62
N ASN A 70 4.35 7.68 2.54
CA ASN A 70 4.94 7.79 1.21
C ASN A 70 6.22 6.97 1.11
N ARG A 71 6.30 5.90 1.90
CA ARG A 71 7.46 5.04 1.91
C ARG A 71 7.16 3.70 1.23
N LEU A 72 6.11 3.69 0.42
CA LEU A 72 5.71 2.47 -0.29
C LEU A 72 5.77 2.69 -1.80
N ARG A 73 5.84 1.59 -2.54
CA ARG A 73 5.91 1.66 -4.00
C ARG A 73 4.90 0.69 -4.63
N PRO A 74 4.45 1.03 -5.85
CA PRO A 74 3.48 0.21 -6.59
C PRO A 74 4.09 -1.11 -7.07
N LEU A 75 3.95 -2.14 -6.25
CA LEU A 75 4.48 -3.46 -6.59
C LEU A 75 3.90 -3.96 -7.92
N GLU A 76 4.72 -4.66 -8.69
CA GLU A 76 4.29 -5.20 -9.98
C GLU A 76 3.29 -6.33 -9.79
N ARG A 77 2.55 -6.64 -10.85
CA ARG A 77 1.56 -7.70 -10.79
C ARG A 77 1.83 -8.76 -11.86
N PRO A 78 1.51 -10.02 -11.54
CA PRO A 78 1.72 -11.15 -12.46
C PRO A 78 0.77 -11.11 -13.65
N ALA A 79 1.05 -11.94 -14.65
CA ALA A 79 0.23 -11.99 -15.85
C ALA A 79 -0.73 -13.18 -15.80
N LEU A 80 -1.99 -12.93 -16.10
CA LEU A 80 -3.01 -13.97 -16.09
C LEU A 80 -2.90 -14.86 -17.32
N ARG A 81 -2.25 -14.34 -18.36
CA ARG A 81 -2.07 -15.08 -19.60
C ARG A 81 -3.39 -15.65 -20.09
N LYS A 82 -4.45 -14.86 -19.96
CA LYS A 82 -5.78 -15.28 -20.40
C LYS A 82 -6.70 -14.08 -20.58
N GLU A 83 -7.46 -14.09 -21.67
CA GLU A 83 -8.39 -12.99 -21.96
C GLU A 83 -9.79 -13.32 -21.46
N GLY A 84 -10.01 -13.15 -20.16
CA GLY A 84 -11.31 -13.44 -19.58
C GLY A 84 -11.76 -14.86 -19.83
N LEU A 85 -11.53 -15.74 -18.86
CA LEU A 85 -11.92 -17.14 -18.99
C LEU A 85 -13.40 -17.27 -19.31
N LYS A 86 -13.70 -17.62 -20.55
CA LYS A 86 -15.09 -17.78 -20.98
C LYS A 86 -15.16 -18.45 -22.35
N ASP A 87 -16.36 -18.82 -22.76
CA ASP A 87 -16.56 -19.47 -24.05
C ASP A 87 -17.21 -18.52 -25.05
N GLU A 88 -18.30 -17.89 -24.63
CA GLU A 88 -19.02 -16.95 -25.49
C GLU A 88 -18.08 -15.89 -26.04
N GLY A 1 6.34 12.62 -10.09
CA GLY A 1 5.06 12.80 -9.44
C GLY A 1 4.61 14.25 -9.45
N SER A 2 3.80 14.62 -8.46
CA SER A 2 3.30 15.99 -8.36
C SER A 2 3.21 16.44 -6.91
N SER A 3 3.06 17.74 -6.69
CA SER A 3 2.97 18.29 -5.35
C SER A 3 2.02 17.47 -4.49
N GLY A 4 2.10 17.66 -3.18
CA GLY A 4 1.25 16.94 -2.27
C GLY A 4 0.33 17.85 -1.48
N SER A 5 -0.95 17.50 -1.40
CA SER A 5 -1.93 18.29 -0.68
C SER A 5 -1.81 18.06 0.83
N SER A 6 -1.10 18.95 1.51
CA SER A 6 -0.91 18.84 2.96
C SER A 6 -2.23 19.04 3.69
N GLY A 7 -2.79 17.94 4.21
CA GLY A 7 -4.04 18.02 4.93
C GLY A 7 -5.12 17.17 4.30
N MET A 8 -5.67 16.24 5.07
CA MET A 8 -6.73 15.35 4.58
C MET A 8 -6.18 14.39 3.53
N SER A 9 -5.08 13.71 3.87
CA SER A 9 -4.46 12.76 2.95
C SER A 9 -4.89 11.33 3.29
N LYS A 10 -5.82 11.20 4.21
CA LYS A 10 -6.31 9.89 4.63
C LYS A 10 -6.52 8.99 3.42
N LYS A 11 -7.57 9.26 2.64
CA LYS A 11 -7.87 8.48 1.46
C LYS A 11 -6.72 8.53 0.46
N PRO A 12 -6.63 7.50 -0.39
CA PRO A 12 -5.58 7.40 -1.41
C PRO A 12 -5.75 8.42 -2.52
N PRO A 13 -4.84 9.41 -2.56
CA PRO A 13 -4.87 10.47 -3.57
C PRO A 13 -4.52 9.95 -4.97
N ASN A 14 -4.80 10.76 -5.97
CA ASN A 14 -4.51 10.38 -7.36
C ASN A 14 -3.07 9.89 -7.49
N ARG A 15 -2.91 8.58 -7.54
CA ARG A 15 -1.58 7.97 -7.67
C ARG A 15 -1.62 6.79 -8.63
N PRO A 16 -1.09 7.00 -9.85
CA PRO A 16 -1.05 5.96 -10.88
C PRO A 16 -0.07 4.84 -10.54
N GLY A 17 -0.51 3.92 -9.69
CA GLY A 17 0.35 2.82 -9.29
C GLY A 17 -0.03 2.24 -7.94
N ILE A 18 0.23 3.00 -6.88
CA ILE A 18 -0.09 2.56 -5.53
C ILE A 18 -1.56 2.79 -5.21
N THR A 19 -2.15 1.86 -4.47
CA THR A 19 -3.56 1.97 -4.09
C THR A 19 -3.80 1.37 -2.71
N PHE A 20 -4.06 2.24 -1.73
CA PHE A 20 -4.31 1.81 -0.37
C PHE A 20 -5.64 1.06 -0.27
N GLU A 21 -5.58 -0.26 -0.19
CA GLU A 21 -6.77 -1.07 -0.09
C GLU A 21 -6.51 -2.34 0.73
N ILE A 22 -7.56 -3.14 0.93
CA ILE A 22 -7.43 -4.37 1.70
C ILE A 22 -6.98 -5.52 0.81
N GLY A 23 -5.75 -5.99 1.04
CA GLY A 23 -5.22 -7.09 0.26
C GLY A 23 -4.33 -6.62 -0.88
N ALA A 24 -4.17 -5.30 -0.99
CA ALA A 24 -3.33 -4.72 -2.05
C ALA A 24 -1.88 -5.13 -1.89
N ARG A 25 -1.24 -5.50 -2.99
CA ARG A 25 0.15 -5.91 -2.97
C ARG A 25 1.06 -4.79 -3.46
N LEU A 26 1.91 -4.30 -2.57
CA LEU A 26 2.83 -3.22 -2.91
C LEU A 26 4.19 -3.45 -2.25
N GLU A 27 5.09 -2.48 -2.41
CA GLU A 27 6.42 -2.56 -1.84
C GLU A 27 6.58 -1.58 -0.68
N ALA A 28 7.14 -2.05 0.43
CA ALA A 28 7.34 -1.22 1.60
C ALA A 28 8.83 -1.03 1.89
N LEU A 29 9.19 0.16 2.32
CA LEU A 29 10.59 0.48 2.62
C LEU A 29 10.91 0.14 4.08
N ASP A 30 11.90 -0.72 4.29
CA ASP A 30 12.30 -1.11 5.63
C ASP A 30 13.35 -0.14 6.18
N TYR A 31 13.53 -0.18 7.50
CA TYR A 31 14.49 0.69 8.15
C TYR A 31 15.82 0.70 7.43
N LEU A 32 16.06 -0.35 6.64
CA LEU A 32 17.30 -0.48 5.88
C LEU A 32 17.17 0.19 4.51
N GLN A 33 16.22 1.11 4.41
CA GLN A 33 16.00 1.83 3.15
C GLN A 33 15.93 0.86 1.98
N LYS A 34 15.55 -0.38 2.26
CA LYS A 34 15.44 -1.40 1.23
C LYS A 34 14.00 -1.58 0.79
N TRP A 35 13.81 -2.09 -0.43
CA TRP A 35 12.47 -2.32 -0.96
C TRP A 35 12.11 -3.80 -0.94
N TYR A 36 10.89 -4.11 -0.55
CA TYR A 36 10.42 -5.48 -0.48
C TYR A 36 8.93 -5.57 -0.66
N PRO A 37 8.44 -6.74 -1.11
CA PRO A 37 7.01 -6.97 -1.34
C PRO A 37 6.22 -7.03 -0.03
N SER A 38 5.00 -6.49 -0.05
CA SER A 38 4.14 -6.48 1.13
C SER A 38 2.68 -6.41 0.73
N ARG A 39 1.80 -6.51 1.72
CA ARG A 39 0.36 -6.46 1.48
C ARG A 39 -0.35 -5.68 2.58
N ILE A 40 -1.60 -5.28 2.32
CA ILE A 40 -2.38 -4.54 3.28
C ILE A 40 -3.41 -5.43 3.97
N GLU A 41 -3.16 -5.75 5.24
CA GLU A 41 -4.06 -6.60 6.00
C GLU A 41 -5.28 -5.81 6.48
N LYS A 42 -5.02 -4.64 7.05
CA LYS A 42 -6.09 -3.79 7.56
C LYS A 42 -5.78 -2.32 7.30
N ILE A 43 -6.77 -1.46 7.52
CA ILE A 43 -6.60 -0.02 7.31
C ILE A 43 -7.38 0.77 8.34
N ASP A 44 -6.77 1.83 8.87
CA ASP A 44 -7.42 2.67 9.87
C ASP A 44 -7.59 4.10 9.33
N TYR A 45 -8.82 4.43 8.96
CA TYR A 45 -9.12 5.75 8.43
C TYR A 45 -9.30 6.77 9.56
N GLU A 46 -9.66 6.28 10.74
CA GLU A 46 -9.87 7.13 11.90
C GLU A 46 -8.53 7.65 12.43
N GLU A 47 -7.49 6.84 12.28
CA GLU A 47 -6.16 7.21 12.75
C GLU A 47 -5.23 7.54 11.58
N GLY A 48 -5.34 6.76 10.51
CA GLY A 48 -4.51 6.98 9.34
C GLY A 48 -3.37 5.99 9.23
N LYS A 49 -3.56 4.81 9.83
CA LYS A 49 -2.55 3.76 9.79
C LYS A 49 -3.11 2.47 9.23
N MET A 50 -2.29 1.75 8.46
CA MET A 50 -2.71 0.50 7.87
C MET A 50 -1.78 -0.64 8.28
N LEU A 51 -2.36 -1.82 8.49
CA LEU A 51 -1.58 -2.99 8.90
C LEU A 51 -0.96 -3.68 7.68
N VAL A 52 0.32 -3.38 7.43
CA VAL A 52 1.03 -3.97 6.30
C VAL A 52 1.88 -5.16 6.75
N HIS A 53 1.89 -6.21 5.93
CA HIS A 53 2.67 -7.40 6.24
C HIS A 53 3.94 -7.45 5.41
N PHE A 54 5.02 -7.93 6.03
CA PHE A 54 6.31 -8.03 5.35
C PHE A 54 6.65 -9.48 5.02
N GLU A 55 6.91 -9.74 3.74
CA GLU A 55 7.24 -11.09 3.30
C GLU A 55 8.49 -11.61 4.01
N ARG A 56 9.46 -10.72 4.21
CA ARG A 56 10.70 -11.08 4.88
C ARG A 56 10.70 -10.60 6.33
N TRP A 57 11.83 -10.80 7.01
CA TRP A 57 11.96 -10.38 8.40
C TRP A 57 10.90 -11.06 9.28
N SER A 58 10.86 -12.39 9.21
CA SER A 58 9.89 -13.16 9.99
C SER A 58 9.67 -12.52 11.36
N HIS A 59 10.76 -12.10 11.99
CA HIS A 59 10.69 -11.47 13.31
C HIS A 59 9.43 -10.61 13.42
N ARG A 60 9.21 -9.75 12.43
CA ARG A 60 8.05 -8.86 12.43
C ARG A 60 7.09 -9.24 11.30
N TYR A 61 6.33 -10.30 11.50
CA TYR A 61 5.38 -10.76 10.49
C TYR A 61 4.73 -9.58 9.77
N ASP A 62 4.04 -8.74 10.53
CA ASP A 62 3.38 -7.56 9.97
C ASP A 62 3.44 -6.39 10.93
N GLU A 63 3.38 -5.18 10.39
CA GLU A 63 3.42 -3.97 11.20
C GLU A 63 2.62 -2.85 10.56
N TRP A 64 1.97 -2.04 11.40
CA TRP A 64 1.16 -0.92 10.91
C TRP A 64 2.05 0.21 10.40
N ILE A 65 1.80 0.66 9.18
CA ILE A 65 2.57 1.74 8.59
C ILE A 65 1.67 2.83 8.03
N TYR A 66 1.77 4.03 8.61
CA TYR A 66 0.94 5.15 8.17
C TYR A 66 0.88 5.23 6.65
N TRP A 67 -0.32 5.14 6.10
CA TRP A 67 -0.52 5.19 4.66
C TRP A 67 -0.05 6.53 4.10
N ASP A 68 0.28 7.45 4.99
CA ASP A 68 0.74 8.78 4.58
C ASP A 68 2.23 8.94 4.84
N SER A 69 2.94 7.81 4.91
CA SER A 69 4.37 7.82 5.15
C SER A 69 5.14 8.09 3.86
N ASN A 70 4.58 7.63 2.74
CA ASN A 70 5.21 7.81 1.44
C ASN A 70 6.46 6.95 1.31
N ARG A 71 6.45 5.81 1.99
CA ARG A 71 7.58 4.89 1.95
C ARG A 71 7.21 3.60 1.23
N LEU A 72 6.16 3.66 0.43
CA LEU A 72 5.70 2.49 -0.32
C LEU A 72 5.78 2.75 -1.83
N ARG A 73 5.85 1.68 -2.61
CA ARG A 73 5.93 1.79 -4.05
C ARG A 73 4.94 0.84 -4.73
N PRO A 74 4.49 1.20 -5.94
CA PRO A 74 3.53 0.40 -6.70
C PRO A 74 4.15 -0.91 -7.22
N LEU A 75 3.91 -1.99 -6.49
CA LEU A 75 4.44 -3.30 -6.87
C LEU A 75 3.95 -3.71 -8.26
N GLU A 76 4.76 -4.47 -8.96
CA GLU A 76 4.41 -4.94 -10.30
C GLU A 76 3.37 -6.06 -10.24
N ARG A 77 2.11 -5.68 -10.06
CA ARG A 77 1.03 -6.65 -9.99
C ARG A 77 0.58 -7.09 -11.38
N PRO A 78 0.16 -8.35 -11.50
CA PRO A 78 -0.30 -8.92 -12.77
C PRO A 78 -1.64 -8.33 -13.21
N ALA A 79 -1.84 -8.20 -14.51
CA ALA A 79 -3.07 -7.66 -15.05
C ALA A 79 -4.17 -8.72 -15.10
N LEU A 80 -5.42 -8.28 -15.07
CA LEU A 80 -6.55 -9.19 -15.11
C LEU A 80 -7.55 -8.77 -16.17
N ARG A 81 -7.93 -9.72 -17.03
CA ARG A 81 -8.89 -9.46 -18.10
C ARG A 81 -10.28 -9.98 -17.73
N LYS A 82 -10.80 -9.50 -16.61
CA LYS A 82 -12.12 -9.91 -16.14
C LYS A 82 -13.20 -8.99 -16.70
N GLU A 83 -14.14 -9.57 -17.44
CA GLU A 83 -15.23 -8.80 -18.03
C GLU A 83 -16.54 -9.57 -17.95
N GLY A 84 -17.62 -8.86 -17.63
CA GLY A 84 -18.93 -9.50 -17.52
C GLY A 84 -19.23 -9.96 -16.11
N LEU A 85 -20.10 -9.23 -15.42
CA LEU A 85 -20.48 -9.58 -14.06
C LEU A 85 -21.72 -10.47 -14.03
N LYS A 86 -22.85 -9.89 -14.41
CA LYS A 86 -24.11 -10.63 -14.44
C LYS A 86 -25.04 -10.07 -15.51
N ASP A 87 -26.20 -10.70 -15.67
CA ASP A 87 -27.18 -10.26 -16.66
C ASP A 87 -28.56 -10.12 -16.03
N GLU A 88 -29.34 -9.17 -16.54
CA GLU A 88 -30.68 -8.92 -16.03
C GLU A 88 -31.73 -9.52 -16.95
N GLY A 1 6.85 16.33 -9.32
CA GLY A 1 7.40 15.78 -8.11
C GLY A 1 6.39 15.69 -6.98
N SER A 2 6.87 15.67 -5.74
CA SER A 2 6.01 15.58 -4.58
C SER A 2 5.14 16.84 -4.46
N SER A 3 4.00 16.82 -5.13
CA SER A 3 3.08 17.96 -5.10
C SER A 3 1.78 17.58 -4.40
N GLY A 4 1.62 18.05 -3.17
CA GLY A 4 0.41 17.75 -2.41
C GLY A 4 0.10 18.82 -1.38
N SER A 5 -0.98 19.57 -1.61
CA SER A 5 -1.38 20.63 -0.69
C SER A 5 -2.23 20.07 0.45
N SER A 6 -2.54 20.92 1.42
CA SER A 6 -3.33 20.51 2.57
C SER A 6 -4.74 20.14 2.15
N GLY A 7 -5.26 19.04 2.70
CA GLY A 7 -6.59 18.59 2.37
C GLY A 7 -6.87 17.19 2.86
N MET A 8 -7.07 16.26 1.92
CA MET A 8 -7.34 14.87 2.26
C MET A 8 -6.05 14.05 2.27
N SER A 9 -5.79 13.39 3.40
CA SER A 9 -4.60 12.57 3.53
C SER A 9 -4.96 11.11 3.81
N LYS A 10 -5.84 10.91 4.79
CA LYS A 10 -6.27 9.57 5.16
C LYS A 10 -6.45 8.70 3.93
N LYS A 11 -7.52 8.95 3.17
CA LYS A 11 -7.80 8.20 1.96
C LYS A 11 -6.65 8.31 0.96
N PRO A 12 -6.52 7.29 0.09
CA PRO A 12 -5.47 7.26 -0.93
C PRO A 12 -5.69 8.30 -2.02
N PRO A 13 -4.81 9.33 -2.04
CA PRO A 13 -4.89 10.41 -3.02
C PRO A 13 -4.52 9.93 -4.43
N ASN A 14 -4.69 10.81 -5.41
CA ASN A 14 -4.37 10.49 -6.79
C ASN A 14 -2.93 9.99 -6.92
N ARG A 15 -2.78 8.67 -7.04
CA ARG A 15 -1.46 8.07 -7.17
C ARG A 15 -1.47 6.96 -8.22
N PRO A 16 -0.90 7.25 -9.40
CA PRO A 16 -0.83 6.29 -10.51
C PRO A 16 0.12 5.13 -10.21
N GLY A 17 -0.35 4.16 -9.44
CA GLY A 17 0.46 3.02 -9.09
C GLY A 17 0.07 2.39 -7.77
N ILE A 18 0.35 3.09 -6.68
CA ILE A 18 0.01 2.60 -5.35
C ILE A 18 -1.45 2.85 -5.02
N THR A 19 -2.07 1.90 -4.34
CA THR A 19 -3.47 2.01 -3.96
C THR A 19 -3.73 1.38 -2.59
N PHE A 20 -3.91 2.22 -1.58
CA PHE A 20 -4.18 1.75 -0.22
C PHE A 20 -5.52 1.04 -0.14
N GLU A 21 -5.48 -0.29 -0.09
CA GLU A 21 -6.70 -1.09 0.00
C GLU A 21 -6.47 -2.35 0.83
N ILE A 22 -7.53 -3.13 1.01
CA ILE A 22 -7.45 -4.36 1.78
C ILE A 22 -6.99 -5.52 0.91
N GLY A 23 -5.78 -6.02 1.17
CA GLY A 23 -5.24 -7.12 0.41
C GLY A 23 -4.36 -6.66 -0.73
N ALA A 24 -4.28 -5.35 -0.94
CA ALA A 24 -3.46 -4.79 -2.00
C ALA A 24 -1.99 -5.16 -1.81
N ARG A 25 -1.34 -5.56 -2.90
CA ARG A 25 0.07 -5.93 -2.84
C ARG A 25 0.95 -4.78 -3.31
N LEU A 26 1.87 -4.36 -2.44
CA LEU A 26 2.78 -3.28 -2.76
C LEU A 26 4.15 -3.49 -2.11
N GLU A 27 5.07 -2.56 -2.36
CA GLU A 27 6.41 -2.66 -1.80
C GLU A 27 6.55 -1.72 -0.59
N ALA A 28 7.40 -2.11 0.35
CA ALA A 28 7.63 -1.32 1.55
C ALA A 28 9.12 -1.08 1.77
N LEU A 29 9.45 0.06 2.37
CA LEU A 29 10.84 0.40 2.65
C LEU A 29 11.21 0.06 4.09
N ASP A 30 12.06 -0.95 4.25
CA ASP A 30 12.50 -1.37 5.57
C ASP A 30 13.45 -0.35 6.19
N TYR A 31 13.62 -0.43 7.51
CA TYR A 31 14.50 0.50 8.22
C TYR A 31 15.87 0.54 7.56
N LEU A 32 16.27 -0.56 6.94
CA LEU A 32 17.57 -0.64 6.28
C LEU A 32 17.49 -0.07 4.88
N GLN A 33 16.47 0.76 4.63
CA GLN A 33 16.29 1.37 3.32
C GLN A 33 16.24 0.31 2.22
N LYS A 34 15.63 -0.82 2.53
CA LYS A 34 15.51 -1.91 1.57
C LYS A 34 14.09 -2.03 1.05
N TRP A 35 13.96 -2.39 -0.22
CA TRP A 35 12.65 -2.53 -0.84
C TRP A 35 12.22 -4.00 -0.87
N TYR A 36 10.95 -4.24 -0.58
CA TYR A 36 10.41 -5.60 -0.58
C TYR A 36 8.89 -5.59 -0.72
N PRO A 37 8.34 -6.70 -1.24
CA PRO A 37 6.90 -6.84 -1.44
C PRO A 37 6.14 -6.97 -0.13
N SER A 38 4.88 -6.56 -0.14
CA SER A 38 4.05 -6.63 1.06
C SER A 38 2.57 -6.52 0.70
N ARG A 39 1.71 -6.68 1.69
CA ARG A 39 0.26 -6.61 1.49
C ARG A 39 -0.41 -5.83 2.61
N ILE A 40 -1.65 -5.41 2.38
CA ILE A 40 -2.40 -4.66 3.37
C ILE A 40 -3.44 -5.54 4.06
N GLU A 41 -3.22 -5.80 5.35
CA GLU A 41 -4.13 -6.64 6.12
C GLU A 41 -5.34 -5.83 6.58
N LYS A 42 -5.08 -4.61 7.05
CA LYS A 42 -6.14 -3.73 7.53
C LYS A 42 -5.80 -2.27 7.27
N ILE A 43 -6.82 -1.42 7.23
CA ILE A 43 -6.63 0.00 7.00
C ILE A 43 -7.41 0.85 7.99
N ASP A 44 -6.72 1.38 8.99
CA ASP A 44 -7.37 2.20 10.02
C ASP A 44 -7.56 3.63 9.51
N TYR A 45 -8.82 4.05 9.41
CA TYR A 45 -9.14 5.39 8.93
C TYR A 45 -9.39 6.34 10.11
N GLU A 46 -9.71 5.76 11.27
CA GLU A 46 -9.97 6.55 12.46
C GLU A 46 -8.68 7.13 13.02
N GLU A 47 -7.57 6.44 12.79
CA GLU A 47 -6.27 6.89 13.27
C GLU A 47 -5.41 7.39 12.12
N GLY A 48 -5.41 6.64 11.02
CA GLY A 48 -4.63 7.02 9.86
C GLY A 48 -3.47 6.07 9.61
N LYS A 49 -3.61 4.82 10.06
CA LYS A 49 -2.57 3.82 9.88
C LYS A 49 -3.14 2.55 9.26
N MET A 50 -2.30 1.83 8.52
CA MET A 50 -2.73 0.59 7.88
C MET A 50 -1.80 -0.56 8.25
N LEU A 51 -2.37 -1.74 8.46
CA LEU A 51 -1.59 -2.92 8.82
C LEU A 51 -0.96 -3.55 7.58
N VAL A 52 0.36 -3.43 7.47
CA VAL A 52 1.08 -4.00 6.33
C VAL A 52 1.98 -5.16 6.78
N HIS A 53 1.93 -6.25 6.03
CA HIS A 53 2.74 -7.42 6.34
C HIS A 53 3.93 -7.54 5.38
N PHE A 54 5.11 -7.73 5.94
CA PHE A 54 6.33 -7.85 5.14
C PHE A 54 6.51 -9.28 4.64
N GLU A 55 7.13 -9.43 3.48
CA GLU A 55 7.36 -10.74 2.88
C GLU A 55 8.68 -11.33 3.36
N ARG A 56 9.77 -10.58 3.13
CA ARG A 56 11.10 -11.02 3.54
C ARG A 56 11.15 -11.30 5.03
N TRP A 57 10.56 -10.40 5.82
CA TRP A 57 10.54 -10.56 7.27
C TRP A 57 9.62 -11.70 7.68
N SER A 58 10.18 -12.65 8.43
CA SER A 58 9.41 -13.80 8.89
C SER A 58 8.97 -13.62 10.35
N HIS A 59 9.94 -13.28 11.20
CA HIS A 59 9.65 -13.07 12.62
C HIS A 59 8.58 -12.02 12.81
N ARG A 60 8.84 -10.81 12.33
CA ARG A 60 7.89 -9.72 12.46
C ARG A 60 7.56 -9.12 11.10
N TYR A 61 6.44 -9.54 10.51
CA TYR A 61 6.03 -9.05 9.21
C TYR A 61 4.86 -8.08 9.34
N ASP A 62 3.86 -8.47 10.14
CA ASP A 62 2.68 -7.64 10.35
C ASP A 62 3.03 -6.40 11.18
N GLU A 63 3.08 -5.25 10.51
CA GLU A 63 3.40 -4.00 11.19
C GLU A 63 2.62 -2.84 10.59
N TRP A 64 1.94 -2.10 11.45
CA TRP A 64 1.14 -0.95 11.01
C TRP A 64 2.04 0.18 10.53
N ILE A 65 1.74 0.71 9.34
CA ILE A 65 2.52 1.80 8.77
C ILE A 65 1.62 2.88 8.19
N TYR A 66 1.71 4.08 8.74
CA TYR A 66 0.90 5.20 8.28
C TYR A 66 0.82 5.22 6.76
N TRP A 67 -0.39 5.15 6.23
CA TRP A 67 -0.61 5.16 4.79
C TRP A 67 -0.06 6.44 4.17
N ASP A 68 0.33 7.38 5.02
CA ASP A 68 0.89 8.65 4.55
C ASP A 68 2.38 8.75 4.87
N SER A 69 3.01 7.60 5.07
CA SER A 69 4.43 7.56 5.39
C SER A 69 5.27 7.82 4.15
N ASN A 70 4.80 7.34 3.01
CA ASN A 70 5.52 7.52 1.75
C ASN A 70 6.73 6.60 1.67
N ARG A 71 6.62 5.43 2.30
CA ARG A 71 7.71 4.46 2.29
C ARG A 71 7.32 3.21 1.52
N LEU A 72 6.31 3.33 0.65
CA LEU A 72 5.85 2.21 -0.15
C LEU A 72 5.89 2.55 -1.64
N ARG A 73 5.98 1.53 -2.47
CA ARG A 73 6.03 1.71 -3.91
C ARG A 73 4.99 0.84 -4.61
N PRO A 74 4.56 1.26 -5.81
CA PRO A 74 3.57 0.53 -6.60
C PRO A 74 4.13 -0.78 -7.15
N LEU A 75 3.92 -1.87 -6.42
CA LEU A 75 4.40 -3.19 -6.83
C LEU A 75 3.84 -3.56 -8.19
N GLU A 76 4.70 -4.05 -9.07
CA GLU A 76 4.30 -4.46 -10.42
C GLU A 76 3.16 -5.48 -10.35
N ARG A 77 1.96 -5.02 -10.66
CA ARG A 77 0.78 -5.88 -10.64
C ARG A 77 0.03 -5.82 -11.97
N PRO A 78 -0.56 -6.96 -12.38
CA PRO A 78 -1.32 -7.05 -13.63
C PRO A 78 -2.62 -6.27 -13.58
N ALA A 79 -3.45 -6.43 -14.60
CA ALA A 79 -4.74 -5.74 -14.67
C ALA A 79 -5.89 -6.74 -14.71
N LEU A 80 -6.84 -6.56 -13.80
CA LEU A 80 -8.01 -7.45 -13.72
C LEU A 80 -9.15 -6.91 -14.57
N ARG A 81 -9.64 -7.74 -15.48
CA ARG A 81 -10.74 -7.36 -16.36
C ARG A 81 -11.45 -8.59 -16.92
N LYS A 82 -12.77 -8.48 -17.07
CA LYS A 82 -13.56 -9.59 -17.60
C LYS A 82 -14.79 -9.06 -18.34
N GLU A 83 -14.97 -9.53 -19.57
CA GLU A 83 -16.10 -9.10 -20.39
C GLU A 83 -17.28 -10.05 -20.20
N GLY A 84 -18.49 -9.49 -20.24
CA GLY A 84 -19.69 -10.30 -20.07
C GLY A 84 -20.80 -9.53 -19.41
N LEU A 85 -22.04 -9.86 -19.76
CA LEU A 85 -23.21 -9.21 -19.20
C LEU A 85 -24.49 -9.90 -19.62
N LYS A 86 -25.19 -10.51 -18.66
CA LYS A 86 -26.44 -11.20 -18.94
C LYS A 86 -27.58 -10.21 -19.15
N ASP A 87 -28.49 -10.56 -20.05
CA ASP A 87 -29.65 -9.70 -20.34
C ASP A 87 -30.92 -10.52 -20.47
N GLU A 88 -32.05 -9.84 -20.64
CA GLU A 88 -33.33 -10.51 -20.77
C GLU A 88 -33.37 -11.37 -22.04
N GLY A 1 10.77 18.01 -13.69
CA GLY A 1 9.50 17.43 -13.28
C GLY A 1 9.15 17.76 -11.85
N SER A 2 7.93 18.26 -11.64
CA SER A 2 7.47 18.61 -10.30
C SER A 2 5.95 18.74 -10.26
N SER A 3 5.35 18.21 -9.21
CA SER A 3 3.91 18.24 -9.05
C SER A 3 3.52 18.73 -7.65
N GLY A 4 2.22 18.85 -7.42
CA GLY A 4 1.74 19.31 -6.12
C GLY A 4 0.23 19.35 -6.04
N SER A 5 -0.33 18.70 -5.04
CA SER A 5 -1.78 18.66 -4.86
C SER A 5 -2.14 18.77 -3.38
N SER A 6 -3.43 18.94 -3.10
CA SER A 6 -3.91 19.06 -1.73
C SER A 6 -5.36 18.60 -1.62
N GLY A 7 -5.89 18.61 -0.41
CA GLY A 7 -7.27 18.19 -0.18
C GLY A 7 -7.40 17.21 0.95
N MET A 8 -7.37 15.92 0.63
CA MET A 8 -7.49 14.87 1.64
C MET A 8 -6.24 14.01 1.69
N SER A 9 -5.80 13.67 2.89
CA SER A 9 -4.61 12.86 3.07
C SER A 9 -4.98 11.40 3.33
N LYS A 10 -5.80 11.18 4.35
CA LYS A 10 -6.24 9.84 4.72
C LYS A 10 -6.41 8.97 3.48
N LYS A 11 -7.48 9.20 2.73
CA LYS A 11 -7.76 8.45 1.52
C LYS A 11 -6.57 8.50 0.56
N PRO A 12 -6.46 7.48 -0.30
CA PRO A 12 -5.37 7.39 -1.28
C PRO A 12 -5.49 8.44 -2.38
N PRO A 13 -4.56 9.39 -2.39
CA PRO A 13 -4.54 10.48 -3.39
C PRO A 13 -4.17 9.97 -4.78
N ASN A 14 -4.37 10.82 -5.78
CA ASN A 14 -4.07 10.46 -7.17
C ASN A 14 -2.66 9.89 -7.28
N ARG A 15 -2.57 8.56 -7.33
CA ARG A 15 -1.28 7.88 -7.45
C ARG A 15 -1.35 6.72 -8.43
N PRO A 16 -0.78 6.92 -9.63
CA PRO A 16 -0.77 5.90 -10.68
C PRO A 16 0.13 4.72 -10.33
N GLY A 17 -0.39 3.81 -9.51
CA GLY A 17 0.39 2.65 -9.12
C GLY A 17 -0.02 2.12 -7.76
N ILE A 18 0.30 2.86 -6.71
CA ILE A 18 -0.03 2.46 -5.35
C ILE A 18 -1.51 2.70 -5.06
N THR A 19 -2.12 1.75 -4.35
CA THR A 19 -3.53 1.86 -3.99
C THR A 19 -3.81 1.27 -2.61
N PHE A 20 -4.03 2.13 -1.64
CA PHE A 20 -4.30 1.69 -0.27
C PHE A 20 -5.62 0.93 -0.19
N GLU A 21 -5.54 -0.39 -0.10
CA GLU A 21 -6.73 -1.23 -0.02
C GLU A 21 -6.47 -2.44 0.87
N ILE A 22 -7.51 -3.27 1.03
CA ILE A 22 -7.39 -4.47 1.86
C ILE A 22 -6.89 -5.66 1.04
N GLY A 23 -5.67 -6.07 1.31
CA GLY A 23 -5.09 -7.20 0.59
C GLY A 23 -4.21 -6.77 -0.56
N ALA A 24 -4.21 -5.47 -0.84
CA ALA A 24 -3.40 -4.92 -1.92
C ALA A 24 -1.92 -5.24 -1.72
N ARG A 25 -1.26 -5.66 -2.81
CA ARG A 25 0.16 -5.99 -2.75
C ARG A 25 1.02 -4.83 -3.21
N LEU A 26 1.86 -4.32 -2.33
CA LEU A 26 2.74 -3.20 -2.65
C LEU A 26 4.09 -3.36 -1.96
N GLU A 27 5.01 -2.46 -2.29
CA GLU A 27 6.35 -2.50 -1.71
C GLU A 27 6.45 -1.57 -0.50
N ALA A 28 7.22 -1.99 0.50
CA ALA A 28 7.40 -1.19 1.71
C ALA A 28 8.88 -0.99 2.02
N LEU A 29 9.24 0.22 2.42
CA LEU A 29 10.62 0.55 2.75
C LEU A 29 10.91 0.27 4.21
N ASP A 30 11.73 -0.73 4.48
CA ASP A 30 12.09 -1.09 5.84
C ASP A 30 12.99 -0.04 6.47
N TYR A 31 13.10 -0.06 7.79
CA TYR A 31 13.93 0.90 8.52
C TYR A 31 15.35 0.92 7.96
N LEU A 32 15.76 -0.20 7.37
CA LEU A 32 17.10 -0.31 6.80
C LEU A 32 17.12 0.20 5.36
N GLN A 33 16.08 0.93 4.99
CA GLN A 33 15.99 1.48 3.63
C GLN A 33 16.07 0.37 2.59
N LYS A 34 15.20 -0.63 2.72
CA LYS A 34 15.17 -1.74 1.79
C LYS A 34 13.78 -1.90 1.17
N TRP A 35 13.76 -2.27 -0.11
CA TRP A 35 12.50 -2.44 -0.82
C TRP A 35 12.10 -3.92 -0.86
N TYR A 36 10.85 -4.20 -0.52
CA TYR A 36 10.35 -5.57 -0.51
C TYR A 36 8.83 -5.59 -0.66
N PRO A 37 8.31 -6.70 -1.21
CA PRO A 37 6.87 -6.87 -1.42
C PRO A 37 6.11 -7.05 -0.11
N SER A 38 4.90 -6.50 -0.05
CA SER A 38 4.07 -6.58 1.15
C SER A 38 2.59 -6.47 0.80
N ARG A 39 1.74 -6.66 1.79
CA ARG A 39 0.31 -6.58 1.59
C ARG A 39 -0.37 -5.77 2.70
N ILE A 40 -1.60 -5.35 2.46
CA ILE A 40 -2.34 -4.57 3.44
C ILE A 40 -3.36 -5.44 4.18
N GLU A 41 -3.00 -5.86 5.39
CA GLU A 41 -3.88 -6.69 6.20
C GLU A 41 -5.13 -5.92 6.62
N LYS A 42 -4.93 -4.70 7.11
CA LYS A 42 -6.04 -3.86 7.55
C LYS A 42 -5.73 -2.39 7.30
N ILE A 43 -6.74 -1.54 7.44
CA ILE A 43 -6.57 -0.10 7.24
C ILE A 43 -7.39 0.69 8.25
N ASP A 44 -6.79 1.76 8.77
CA ASP A 44 -7.45 2.61 9.74
C ASP A 44 -7.58 4.04 9.22
N TYR A 45 -8.78 4.39 8.76
CA TYR A 45 -9.03 5.72 8.24
C TYR A 45 -9.23 6.73 9.37
N GLU A 46 -9.61 6.23 10.54
CA GLU A 46 -9.83 7.08 11.71
C GLU A 46 -8.50 7.54 12.31
N GLU A 47 -7.47 6.70 12.17
CA GLU A 47 -6.16 7.02 12.70
C GLU A 47 -5.23 7.52 11.59
N GLY A 48 -5.27 6.85 10.44
CA GLY A 48 -4.43 7.24 9.32
C GLY A 48 -3.29 6.26 9.08
N LYS A 49 -3.49 5.01 9.49
CA LYS A 49 -2.47 3.98 9.30
C LYS A 49 -3.06 2.74 8.66
N MET A 50 -2.23 1.71 8.51
CA MET A 50 -2.68 0.45 7.90
C MET A 50 -1.74 -0.69 8.29
N LEU A 51 -2.32 -1.86 8.57
CA LEU A 51 -1.54 -3.03 8.95
C LEU A 51 -0.95 -3.70 7.72
N VAL A 52 0.35 -3.50 7.51
CA VAL A 52 1.03 -4.10 6.37
C VAL A 52 1.99 -5.20 6.81
N HIS A 53 2.03 -6.28 6.04
CA HIS A 53 2.90 -7.41 6.35
C HIS A 53 4.08 -7.48 5.38
N PHE A 54 5.28 -7.64 5.93
CA PHE A 54 6.49 -7.71 5.11
C PHE A 54 6.72 -9.15 4.63
N GLU A 55 7.38 -9.28 3.48
CA GLU A 55 7.66 -10.59 2.90
C GLU A 55 9.13 -10.96 3.11
N ARG A 56 10.03 -10.10 2.62
CA ARG A 56 11.45 -10.34 2.75
C ARG A 56 11.79 -10.92 4.12
N TRP A 57 11.20 -10.33 5.16
CA TRP A 57 11.43 -10.79 6.52
C TRP A 57 11.44 -12.31 6.60
N SER A 58 11.92 -12.84 7.72
CA SER A 58 11.98 -14.28 7.91
C SER A 58 10.78 -14.97 7.25
N HIS A 59 9.60 -14.75 7.80
CA HIS A 59 8.38 -15.33 7.26
C HIS A 59 7.40 -14.26 6.84
N ARG A 60 6.79 -13.59 7.82
CA ARG A 60 5.82 -12.53 7.55
C ARG A 60 5.50 -11.75 8.81
N TYR A 61 6.00 -10.53 8.91
CA TYR A 61 5.77 -9.69 10.06
C TYR A 61 4.69 -8.65 9.77
N ASP A 62 3.64 -8.64 10.60
CA ASP A 62 2.54 -7.70 10.42
C ASP A 62 2.79 -6.43 11.24
N GLU A 63 3.15 -5.35 10.53
CA GLU A 63 3.41 -4.08 11.19
C GLU A 63 2.62 -2.96 10.53
N TRP A 64 2.07 -2.07 11.35
CA TRP A 64 1.28 -0.95 10.85
C TRP A 64 2.18 0.14 10.30
N ILE A 65 1.89 0.61 9.09
CA ILE A 65 2.67 1.66 8.46
C ILE A 65 1.79 2.78 7.92
N TYR A 66 1.97 3.98 8.46
CA TYR A 66 1.18 5.13 8.03
C TYR A 66 1.07 5.20 6.51
N TRP A 67 -0.15 5.10 6.01
CA TRP A 67 -0.38 5.15 4.57
C TRP A 67 0.05 6.48 3.99
N ASP A 68 0.42 7.42 4.87
CA ASP A 68 0.85 8.75 4.44
C ASP A 68 2.35 8.93 4.71
N SER A 69 3.06 7.82 4.86
CA SER A 69 4.49 7.87 5.12
C SER A 69 5.28 8.02 3.82
N ASN A 70 4.64 7.66 2.71
CA ASN A 70 5.29 7.76 1.40
C ASN A 70 6.49 6.84 1.32
N ARG A 71 6.46 5.75 2.09
CA ARG A 71 7.54 4.78 2.11
C ARG A 71 7.14 3.50 1.38
N LEU A 72 6.09 3.59 0.58
CA LEU A 72 5.60 2.44 -0.17
C LEU A 72 5.63 2.71 -1.66
N ARG A 73 5.90 1.66 -2.44
CA ARG A 73 5.97 1.79 -3.89
C ARG A 73 4.95 0.87 -4.57
N PRO A 74 4.52 1.25 -5.77
CA PRO A 74 3.53 0.48 -6.54
C PRO A 74 4.11 -0.84 -7.06
N LEU A 75 3.85 -1.92 -6.32
CA LEU A 75 4.34 -3.23 -6.71
C LEU A 75 3.85 -3.62 -8.10
N GLU A 76 4.70 -4.34 -8.84
CA GLU A 76 4.35 -4.76 -10.19
C GLU A 76 3.45 -6.00 -10.16
N ARG A 77 2.15 -5.78 -10.24
CA ARG A 77 1.18 -6.87 -10.22
C ARG A 77 0.40 -6.93 -11.52
N PRO A 78 0.15 -8.16 -12.00
CA PRO A 78 -0.60 -8.38 -13.25
C PRO A 78 -2.07 -8.03 -13.12
N ALA A 79 -2.73 -7.79 -14.25
CA ALA A 79 -4.15 -7.45 -14.25
C ALA A 79 -4.39 -6.12 -13.55
N LEU A 80 -3.47 -5.18 -13.75
CA LEU A 80 -3.59 -3.85 -13.14
C LEU A 80 -4.51 -2.95 -13.96
N ARG A 81 -4.69 -3.31 -15.23
CA ARG A 81 -5.55 -2.53 -16.12
C ARG A 81 -7.01 -2.66 -15.72
N LYS A 82 -7.64 -1.52 -15.43
CA LYS A 82 -9.05 -1.50 -15.03
C LYS A 82 -9.84 -0.52 -15.89
N GLU A 83 -11.12 -0.83 -16.11
CA GLU A 83 -11.99 0.02 -16.92
C GLU A 83 -13.41 0.01 -16.37
N GLY A 84 -14.27 0.83 -16.97
CA GLY A 84 -15.65 0.91 -16.53
C GLY A 84 -15.80 1.65 -15.22
N LEU A 85 -15.96 2.96 -15.30
CA LEU A 85 -16.12 3.79 -14.11
C LEU A 85 -17.55 3.73 -13.58
N LYS A 86 -18.50 4.15 -14.42
CA LYS A 86 -19.90 4.14 -14.04
C LYS A 86 -20.78 3.69 -15.21
N ASP A 87 -22.09 3.75 -15.02
CA ASP A 87 -23.03 3.34 -16.06
C ASP A 87 -24.29 4.20 -16.01
N GLU A 88 -24.51 4.99 -17.06
CA GLU A 88 -25.67 5.86 -17.14
C GLU A 88 -26.81 5.18 -17.87
N GLY A 1 4.58 13.97 -16.58
CA GLY A 1 4.62 13.90 -15.14
C GLY A 1 3.31 14.34 -14.50
N SER A 2 3.27 14.35 -13.17
CA SER A 2 2.08 14.74 -12.44
C SER A 2 2.26 16.10 -11.78
N SER A 3 1.16 16.74 -11.41
CA SER A 3 1.20 18.05 -10.78
C SER A 3 0.75 17.95 -9.32
N GLY A 4 -0.49 17.53 -9.12
CA GLY A 4 -1.02 17.40 -7.78
C GLY A 4 -2.52 17.17 -7.76
N SER A 5 -3.29 18.25 -7.77
CA SER A 5 -4.74 18.15 -7.75
C SER A 5 -5.22 17.15 -6.70
N SER A 6 -4.58 17.19 -5.52
CA SER A 6 -4.93 16.29 -4.43
C SER A 6 -5.69 17.03 -3.34
N GLY A 7 -6.52 16.29 -2.61
CA GLY A 7 -7.28 16.90 -1.53
C GLY A 7 -6.97 16.28 -0.18
N MET A 8 -7.86 15.44 0.32
CA MET A 8 -7.68 14.78 1.60
C MET A 8 -6.46 13.86 1.57
N SER A 9 -5.80 13.73 2.72
CA SER A 9 -4.61 12.87 2.82
C SER A 9 -5.00 11.44 3.15
N LYS A 10 -5.81 11.28 4.19
CA LYS A 10 -6.27 9.95 4.61
C LYS A 10 -6.45 9.03 3.41
N LYS A 11 -7.52 9.24 2.67
CA LYS A 11 -7.81 8.44 1.48
C LYS A 11 -6.65 8.46 0.50
N PRO A 12 -6.54 7.42 -0.32
CA PRO A 12 -5.47 7.30 -1.33
C PRO A 12 -5.63 8.32 -2.46
N PRO A 13 -4.73 9.30 -2.50
CA PRO A 13 -4.74 10.35 -3.53
C PRO A 13 -4.37 9.81 -4.91
N ASN A 14 -4.60 10.62 -5.94
CA ASN A 14 -4.29 10.23 -7.31
C ASN A 14 -2.86 9.70 -7.41
N ARG A 15 -2.73 8.38 -7.43
CA ARG A 15 -1.42 7.73 -7.53
C ARG A 15 -1.45 6.57 -8.51
N PRO A 16 -0.88 6.79 -9.70
CA PRO A 16 -0.82 5.77 -10.76
C PRO A 16 0.11 4.62 -10.40
N GLY A 17 -0.38 3.70 -9.58
CA GLY A 17 0.42 2.55 -9.18
C GLY A 17 0.01 2.01 -7.83
N ILE A 18 0.27 2.77 -6.77
CA ILE A 18 -0.06 2.35 -5.42
C ILE A 18 -1.54 2.63 -5.11
N THR A 19 -2.17 1.70 -4.41
CA THR A 19 -3.58 1.85 -4.05
C THR A 19 -3.86 1.24 -2.68
N PHE A 20 -4.04 2.10 -1.69
CA PHE A 20 -4.32 1.66 -0.33
C PHE A 20 -5.66 0.92 -0.26
N GLU A 21 -5.59 -0.41 -0.17
CA GLU A 21 -6.78 -1.24 -0.10
C GLU A 21 -6.55 -2.47 0.77
N ILE A 22 -7.59 -3.28 0.93
CA ILE A 22 -7.49 -4.48 1.74
C ILE A 22 -7.04 -5.67 0.89
N GLY A 23 -5.81 -6.13 1.13
CA GLY A 23 -5.28 -7.25 0.38
C GLY A 23 -4.38 -6.82 -0.77
N ALA A 24 -4.32 -5.51 -1.01
CA ALA A 24 -3.51 -4.97 -2.09
C ALA A 24 -2.03 -5.32 -1.88
N ARG A 25 -1.36 -5.68 -2.96
CA ARG A 25 0.06 -6.04 -2.90
C ARG A 25 0.93 -4.86 -3.32
N LEU A 26 1.80 -4.43 -2.41
CA LEU A 26 2.69 -3.31 -2.67
C LEU A 26 4.03 -3.50 -1.96
N GLU A 27 4.94 -2.55 -2.16
CA GLU A 27 6.25 -2.61 -1.53
C GLU A 27 6.35 -1.63 -0.37
N ALA A 28 7.20 -1.94 0.60
CA ALA A 28 7.39 -1.08 1.76
C ALA A 28 8.86 -0.90 2.08
N LEU A 29 9.23 0.30 2.53
CA LEU A 29 10.61 0.60 2.86
C LEU A 29 10.90 0.28 4.33
N ASP A 30 11.76 -0.71 4.55
CA ASP A 30 12.13 -1.12 5.90
C ASP A 30 13.20 -0.19 6.48
N TYR A 31 13.31 -0.17 7.80
CA TYR A 31 14.29 0.67 8.47
C TYR A 31 15.63 0.60 7.77
N LEU A 32 15.88 -0.49 7.05
CA LEU A 32 17.12 -0.67 6.32
C LEU A 32 17.06 0.00 4.96
N GLN A 33 16.21 1.01 4.84
CA GLN A 33 16.06 1.74 3.58
C GLN A 33 16.04 0.77 2.40
N LYS A 34 15.57 -0.45 2.64
CA LYS A 34 15.49 -1.45 1.59
C LYS A 34 14.07 -1.55 1.04
N TRP A 35 13.95 -2.16 -0.14
CA TRP A 35 12.65 -2.33 -0.77
C TRP A 35 12.23 -3.80 -0.79
N TYR A 36 10.96 -4.06 -0.50
CA TYR A 36 10.43 -5.41 -0.48
C TYR A 36 8.92 -5.41 -0.62
N PRO A 37 8.38 -6.53 -1.14
CA PRO A 37 6.93 -6.69 -1.34
C PRO A 37 6.17 -6.80 -0.02
N SER A 38 4.88 -6.51 -0.06
CA SER A 38 4.04 -6.59 1.13
C SER A 38 2.56 -6.52 0.76
N ARG A 39 1.70 -6.70 1.75
CA ARG A 39 0.26 -6.66 1.53
C ARG A 39 -0.44 -5.85 2.62
N ILE A 40 -1.69 -5.48 2.37
CA ILE A 40 -2.46 -4.70 3.32
C ILE A 40 -3.51 -5.57 4.01
N GLU A 41 -3.33 -5.80 5.31
CA GLU A 41 -4.26 -6.61 6.08
C GLU A 41 -5.42 -5.76 6.59
N LYS A 42 -5.11 -4.56 7.05
CA LYS A 42 -6.13 -3.65 7.56
C LYS A 42 -5.77 -2.21 7.28
N ILE A 43 -6.75 -1.31 7.39
CA ILE A 43 -6.53 0.10 7.15
C ILE A 43 -7.36 0.96 8.10
N ASP A 44 -6.68 1.75 8.92
CA ASP A 44 -7.35 2.62 9.87
C ASP A 44 -7.51 4.03 9.32
N TYR A 45 -8.71 4.35 8.86
CA TYR A 45 -8.99 5.66 8.29
C TYR A 45 -9.17 6.70 9.38
N GLU A 46 -9.60 6.25 10.56
CA GLU A 46 -9.81 7.14 11.69
C GLU A 46 -8.48 7.67 12.23
N GLU A 47 -7.46 6.81 12.19
CA GLU A 47 -6.14 7.18 12.68
C GLU A 47 -5.25 7.64 11.54
N GLY A 48 -5.27 6.89 10.44
CA GLY A 48 -4.46 7.23 9.29
C GLY A 48 -3.33 6.25 9.06
N LYS A 49 -3.52 5.01 9.50
CA LYS A 49 -2.51 3.98 9.35
C LYS A 49 -3.10 2.74 8.66
N MET A 50 -2.25 1.73 8.45
CA MET A 50 -2.69 0.50 7.81
C MET A 50 -1.75 -0.66 8.16
N LEU A 51 -2.34 -1.80 8.46
CA LEU A 51 -1.55 -2.98 8.81
C LEU A 51 -0.96 -3.63 7.56
N VAL A 52 0.36 -3.57 7.45
CA VAL A 52 1.05 -4.16 6.30
C VAL A 52 1.98 -5.29 6.74
N HIS A 53 2.02 -6.35 5.94
CA HIS A 53 2.86 -7.50 6.23
C HIS A 53 3.98 -7.64 5.21
N PHE A 54 5.21 -7.81 5.69
CA PHE A 54 6.37 -7.95 4.82
C PHE A 54 6.56 -9.41 4.41
N GLU A 55 7.24 -9.61 3.28
CA GLU A 55 7.49 -10.96 2.78
C GLU A 55 8.87 -11.45 3.22
N ARG A 56 9.88 -10.63 2.99
CA ARG A 56 11.25 -10.97 3.36
C ARG A 56 11.27 -11.81 4.64
N TRP A 57 10.83 -11.21 5.74
CA TRP A 57 10.79 -11.89 7.03
C TRP A 57 9.85 -13.09 6.98
N SER A 58 10.44 -14.29 6.87
CA SER A 58 9.65 -15.52 6.80
C SER A 58 8.41 -15.41 7.68
N HIS A 59 8.61 -15.28 8.98
CA HIS A 59 7.52 -15.17 9.93
C HIS A 59 6.47 -14.18 9.43
N ARG A 60 5.35 -14.10 10.13
CA ARG A 60 4.27 -13.20 9.76
C ARG A 60 4.60 -11.76 10.18
N TYR A 61 5.77 -11.29 9.78
CA TYR A 61 6.21 -9.94 10.12
C TYR A 61 5.17 -8.91 9.70
N ASP A 62 4.26 -8.58 10.61
CA ASP A 62 3.22 -7.61 10.34
C ASP A 62 3.37 -6.37 11.23
N GLU A 63 3.39 -5.20 10.60
CA GLU A 63 3.53 -3.95 11.33
C GLU A 63 2.73 -2.84 10.67
N TRP A 64 2.00 -2.07 11.49
CA TRP A 64 1.18 -0.98 10.98
C TRP A 64 2.06 0.16 10.47
N ILE A 65 1.75 0.64 9.26
CA ILE A 65 2.50 1.73 8.66
C ILE A 65 1.58 2.83 8.16
N TYR A 66 1.95 4.08 8.44
CA TYR A 66 1.16 5.23 8.01
C TYR A 66 1.07 5.31 6.50
N TRP A 67 -0.15 5.16 5.97
CA TRP A 67 -0.37 5.21 4.53
C TRP A 67 0.07 6.56 3.96
N ASP A 68 0.39 7.50 4.85
CA ASP A 68 0.81 8.82 4.43
C ASP A 68 2.32 9.01 4.68
N SER A 69 3.04 7.90 4.75
CA SER A 69 4.48 7.94 4.99
C SER A 69 5.23 8.08 3.66
N ASN A 70 4.59 7.69 2.57
CA ASN A 70 5.20 7.77 1.25
C ASN A 70 6.43 6.87 1.16
N ARG A 71 6.42 5.79 1.93
CA ARG A 71 7.53 4.86 1.94
C ARG A 71 7.15 3.54 1.26
N LEU A 72 6.07 3.58 0.49
CA LEU A 72 5.59 2.40 -0.23
C LEU A 72 5.64 2.60 -1.73
N ARG A 73 5.89 1.51 -2.46
CA ARG A 73 5.97 1.57 -3.91
C ARG A 73 4.95 0.63 -4.56
N PRO A 74 4.51 0.98 -5.78
CA PRO A 74 3.53 0.19 -6.53
C PRO A 74 4.10 -1.14 -7.00
N LEU A 75 3.87 -2.19 -6.22
CA LEU A 75 4.37 -3.52 -6.55
C LEU A 75 3.83 -3.97 -7.91
N GLU A 76 4.65 -4.72 -8.64
CA GLU A 76 4.26 -5.21 -9.95
C GLU A 76 3.29 -6.37 -9.84
N ARG A 77 2.06 -6.15 -10.29
CA ARG A 77 1.02 -7.19 -10.24
C ARG A 77 0.55 -7.55 -11.63
N PRO A 78 0.26 -8.85 -11.84
CA PRO A 78 -0.21 -9.36 -13.13
C PRO A 78 -1.62 -8.89 -13.47
N ALA A 79 -1.90 -8.72 -14.76
CA ALA A 79 -3.21 -8.29 -15.21
C ALA A 79 -4.09 -9.47 -15.59
N LEU A 80 -4.09 -10.49 -14.74
CA LEU A 80 -4.89 -11.68 -14.99
C LEU A 80 -6.33 -11.31 -15.36
N ARG A 81 -6.73 -10.10 -14.99
CA ARG A 81 -8.08 -9.62 -15.28
C ARG A 81 -8.24 -8.16 -14.87
N LYS A 82 -8.76 -7.35 -15.79
CA LYS A 82 -8.97 -5.93 -15.52
C LYS A 82 -10.31 -5.70 -14.84
N GLU A 83 -10.34 -4.75 -13.92
CA GLU A 83 -11.56 -4.43 -13.19
C GLU A 83 -12.78 -4.58 -14.10
N GLY A 84 -13.75 -5.37 -13.66
CA GLY A 84 -14.95 -5.58 -14.45
C GLY A 84 -15.60 -6.92 -14.19
N LEU A 85 -16.73 -6.92 -13.49
CA LEU A 85 -17.44 -8.14 -13.17
C LEU A 85 -18.95 -7.93 -13.20
N LYS A 86 -19.65 -8.78 -13.94
CA LYS A 86 -21.10 -8.69 -14.05
C LYS A 86 -21.75 -10.07 -13.95
N ASP A 87 -22.87 -10.13 -13.25
CA ASP A 87 -23.59 -11.39 -13.07
C ASP A 87 -24.84 -11.43 -13.96
N GLU A 88 -25.39 -12.63 -14.15
CA GLU A 88 -26.57 -12.81 -14.98
C GLU A 88 -26.49 -11.94 -16.23
N GLY A 1 9.43 18.36 -11.90
CA GLY A 1 9.03 17.83 -10.61
C GLY A 1 7.52 17.63 -10.52
N SER A 2 6.98 17.78 -9.31
CA SER A 2 5.55 17.61 -9.10
C SER A 2 5.07 18.44 -7.91
N SER A 3 3.76 18.47 -7.70
CA SER A 3 3.18 19.24 -6.61
C SER A 3 2.16 18.40 -5.84
N GLY A 4 2.02 18.69 -4.55
CA GLY A 4 1.07 17.96 -3.73
C GLY A 4 -0.37 18.35 -3.99
N SER A 5 -1.29 17.73 -3.28
CA SER A 5 -2.71 18.03 -3.44
C SER A 5 -3.35 18.41 -2.11
N SER A 6 -4.28 19.35 -2.14
CA SER A 6 -4.96 19.81 -0.94
C SER A 6 -6.38 19.25 -0.87
N GLY A 7 -6.52 18.08 -0.24
CA GLY A 7 -7.82 17.46 -0.13
C GLY A 7 -7.94 16.63 1.13
N MET A 8 -7.83 15.31 0.98
CA MET A 8 -7.93 14.40 2.12
C MET A 8 -6.75 13.43 2.15
N SER A 9 -5.79 13.71 3.03
CA SER A 9 -4.60 12.87 3.15
C SER A 9 -4.99 11.42 3.42
N LYS A 10 -5.85 11.22 4.41
CA LYS A 10 -6.31 9.88 4.78
C LYS A 10 -6.41 8.99 3.54
N LYS A 11 -7.46 9.22 2.74
CA LYS A 11 -7.68 8.45 1.53
C LYS A 11 -6.47 8.53 0.60
N PRO A 12 -6.32 7.53 -0.27
CA PRO A 12 -5.21 7.46 -1.23
C PRO A 12 -5.33 8.52 -2.31
N PRO A 13 -4.40 9.49 -2.31
CA PRO A 13 -4.38 10.57 -3.29
C PRO A 13 -4.00 10.09 -4.69
N ASN A 14 -4.16 10.95 -5.68
CA ASN A 14 -3.83 10.62 -7.06
C ASN A 14 -2.42 10.03 -7.16
N ARG A 15 -2.33 8.71 -7.23
CA ARG A 15 -1.05 8.03 -7.32
C ARG A 15 -1.09 6.93 -8.38
N PRO A 16 -0.48 7.21 -9.55
CA PRO A 16 -0.44 6.25 -10.66
C PRO A 16 0.47 5.06 -10.36
N GLY A 17 -0.06 4.10 -9.61
CA GLY A 17 0.71 2.92 -9.26
C GLY A 17 0.28 2.30 -7.94
N ILE A 18 0.55 3.00 -6.85
CA ILE A 18 0.19 2.51 -5.53
C ILE A 18 -1.28 2.77 -5.23
N THR A 19 -1.91 1.85 -4.52
CA THR A 19 -3.32 1.99 -4.16
C THR A 19 -3.61 1.39 -2.79
N PHE A 20 -3.80 2.26 -1.80
CA PHE A 20 -4.08 1.82 -0.44
C PHE A 20 -5.43 1.12 -0.36
N GLU A 21 -5.40 -0.21 -0.26
CA GLU A 21 -6.63 -1.00 -0.18
C GLU A 21 -6.42 -2.23 0.69
N ILE A 22 -7.48 -3.02 0.86
CA ILE A 22 -7.42 -4.22 1.67
C ILE A 22 -6.99 -5.42 0.83
N GLY A 23 -5.77 -5.90 1.07
CA GLY A 23 -5.27 -7.05 0.34
C GLY A 23 -4.36 -6.64 -0.80
N ALA A 24 -4.27 -5.35 -1.06
CA ALA A 24 -3.42 -4.83 -2.12
C ALA A 24 -1.97 -5.24 -1.93
N ARG A 25 -1.33 -5.67 -3.01
CA ARG A 25 0.06 -6.10 -2.96
C ARG A 25 1.00 -4.98 -3.42
N LEU A 26 1.83 -4.50 -2.50
CA LEU A 26 2.77 -3.43 -2.81
C LEU A 26 4.08 -3.62 -2.05
N GLU A 27 5.00 -2.67 -2.21
CA GLU A 27 6.29 -2.74 -1.55
C GLU A 27 6.39 -1.68 -0.45
N ALA A 28 7.27 -1.92 0.51
CA ALA A 28 7.46 -0.99 1.62
C ALA A 28 8.95 -0.74 1.88
N LEU A 29 9.29 0.50 2.20
CA LEU A 29 10.68 0.87 2.46
C LEU A 29 11.03 0.61 3.93
N ASP A 30 11.86 -0.39 4.16
CA ASP A 30 12.29 -0.74 5.51
C ASP A 30 13.19 0.34 6.10
N TYR A 31 13.36 0.33 7.42
CA TYR A 31 14.19 1.31 8.09
C TYR A 31 15.59 1.34 7.50
N LEU A 32 15.94 0.28 6.77
CA LEU A 32 17.26 0.18 6.15
C LEU A 32 17.20 0.64 4.70
N GLN A 33 16.15 1.39 4.36
CA GLN A 33 15.98 1.90 3.00
C GLN A 33 15.94 0.76 2.00
N LYS A 34 15.48 -0.41 2.43
CA LYS A 34 15.39 -1.58 1.57
C LYS A 34 13.98 -1.73 1.01
N TRP A 35 13.88 -2.23 -0.22
CA TRP A 35 12.60 -2.43 -0.86
C TRP A 35 12.19 -3.90 -0.82
N TYR A 36 10.94 -4.16 -0.45
CA TYR A 36 10.43 -5.52 -0.37
C TYR A 36 8.92 -5.55 -0.54
N PRO A 37 8.40 -6.68 -1.04
CA PRO A 37 6.96 -6.86 -1.26
C PRO A 37 6.18 -6.94 0.05
N SER A 38 4.88 -6.61 -0.01
CA SER A 38 4.03 -6.66 1.16
C SER A 38 2.57 -6.54 0.78
N ARG A 39 1.68 -6.70 1.77
CA ARG A 39 0.25 -6.62 1.52
C ARG A 39 -0.44 -5.80 2.62
N ILE A 40 -1.67 -5.37 2.35
CA ILE A 40 -2.43 -4.59 3.32
C ILE A 40 -3.50 -5.44 3.99
N GLU A 41 -3.23 -5.82 5.24
CA GLU A 41 -4.17 -6.64 6.00
C GLU A 41 -5.38 -5.80 6.45
N LYS A 42 -5.10 -4.61 6.97
CA LYS A 42 -6.15 -3.72 7.45
C LYS A 42 -5.81 -2.26 7.14
N ILE A 43 -6.75 -1.38 7.40
CA ILE A 43 -6.55 0.05 7.15
C ILE A 43 -7.34 0.90 8.15
N ASP A 44 -6.64 1.82 8.81
CA ASP A 44 -7.28 2.70 9.79
C ASP A 44 -7.46 4.10 9.22
N TYR A 45 -8.68 4.42 8.82
CA TYR A 45 -8.99 5.73 8.25
C TYR A 45 -9.18 6.77 9.36
N GLU A 46 -9.58 6.30 10.54
CA GLU A 46 -9.80 7.18 11.68
C GLU A 46 -8.48 7.62 12.29
N GLU A 47 -7.47 6.76 12.21
CA GLU A 47 -6.15 7.06 12.76
C GLU A 47 -5.18 7.46 11.66
N GLY A 48 -5.24 6.74 10.54
CA GLY A 48 -4.36 7.04 9.43
C GLY A 48 -3.24 6.02 9.29
N LYS A 49 -3.44 4.85 9.87
CA LYS A 49 -2.43 3.78 9.82
C LYS A 49 -3.04 2.49 9.28
N MET A 50 -2.28 1.77 8.46
CA MET A 50 -2.74 0.51 7.89
C MET A 50 -1.84 -0.64 8.31
N LEU A 51 -2.43 -1.82 8.46
CA LEU A 51 -1.67 -3.00 8.86
C LEU A 51 -1.08 -3.72 7.64
N VAL A 52 0.20 -3.49 7.40
CA VAL A 52 0.89 -4.11 6.27
C VAL A 52 1.77 -5.26 6.73
N HIS A 53 1.75 -6.35 5.96
CA HIS A 53 2.55 -7.53 6.29
C HIS A 53 3.67 -7.73 5.26
N PHE A 54 4.83 -8.14 5.74
CA PHE A 54 5.98 -8.37 4.87
C PHE A 54 6.03 -9.83 4.42
N GLU A 55 6.37 -10.03 3.15
CA GLU A 55 6.46 -11.37 2.58
C GLU A 55 7.44 -12.23 3.38
N ARG A 56 8.65 -11.72 3.57
CA ARG A 56 9.68 -12.44 4.31
C ARG A 56 10.62 -11.47 5.02
N TRP A 57 10.72 -11.60 6.33
CA TRP A 57 11.59 -10.72 7.13
C TRP A 57 11.72 -11.24 8.54
N SER A 58 12.43 -10.49 9.38
CA SER A 58 12.64 -10.88 10.77
C SER A 58 11.31 -11.21 11.45
N HIS A 59 11.37 -11.48 12.74
CA HIS A 59 10.17 -11.81 13.52
C HIS A 59 9.07 -10.77 13.27
N ARG A 60 9.47 -9.60 12.78
CA ARG A 60 8.52 -8.53 12.51
C ARG A 60 7.85 -8.72 11.16
N TYR A 61 6.90 -9.64 11.10
CA TYR A 61 6.18 -9.94 9.86
C TYR A 61 5.13 -8.86 9.59
N ASP A 62 4.20 -8.69 10.52
CA ASP A 62 3.14 -7.70 10.38
C ASP A 62 3.46 -6.46 11.20
N GLU A 63 3.24 -5.28 10.59
CA GLU A 63 3.50 -4.02 11.27
C GLU A 63 2.71 -2.89 10.61
N TRP A 64 2.03 -2.11 11.44
CA TRP A 64 1.22 -0.99 10.96
C TRP A 64 2.12 0.12 10.41
N ILE A 65 1.79 0.62 9.22
CA ILE A 65 2.56 1.68 8.58
C ILE A 65 1.64 2.78 8.07
N TYR A 66 1.85 3.99 8.58
CA TYR A 66 1.04 5.14 8.16
C TYR A 66 0.98 5.23 6.64
N TRP A 67 -0.23 5.12 6.10
CA TRP A 67 -0.43 5.19 4.65
C TRP A 67 0.01 6.55 4.11
N ASP A 68 0.33 7.47 5.02
CA ASP A 68 0.76 8.81 4.64
C ASP A 68 2.26 8.98 4.87
N SER A 69 2.97 7.86 4.99
CA SER A 69 4.41 7.88 5.22
C SER A 69 5.17 8.08 3.90
N ASN A 70 4.52 7.71 2.80
CA ASN A 70 5.14 7.86 1.48
C ASN A 70 6.38 6.98 1.36
N ARG A 71 6.40 5.90 2.14
CA ARG A 71 7.53 4.98 2.13
C ARG A 71 7.18 3.69 1.38
N LEU A 72 6.15 3.77 0.55
CA LEU A 72 5.70 2.61 -0.22
C LEU A 72 5.77 2.89 -1.72
N ARG A 73 6.08 1.86 -2.50
CA ARG A 73 6.19 2.01 -3.94
C ARG A 73 5.25 1.04 -4.65
N PRO A 74 4.80 1.41 -5.86
CA PRO A 74 3.91 0.59 -6.67
C PRO A 74 4.58 -0.68 -7.19
N LEU A 75 4.36 -1.79 -6.49
CA LEU A 75 4.95 -3.07 -6.90
C LEU A 75 4.53 -3.45 -8.31
N GLU A 76 5.38 -4.21 -8.99
CA GLU A 76 5.09 -4.63 -10.36
C GLU A 76 4.06 -5.76 -10.36
N ARG A 77 2.80 -5.41 -10.61
CA ARG A 77 1.73 -6.40 -10.64
C ARG A 77 1.10 -6.47 -12.03
N PRO A 78 0.65 -7.68 -12.42
CA PRO A 78 0.02 -7.91 -13.72
C PRO A 78 -1.35 -7.24 -13.84
N ALA A 79 -1.81 -7.06 -15.07
CA ALA A 79 -3.11 -6.44 -15.31
C ALA A 79 -4.24 -7.34 -14.84
N LEU A 80 -5.44 -6.76 -14.73
CA LEU A 80 -6.61 -7.51 -14.29
C LEU A 80 -7.90 -6.88 -14.81
N ARG A 81 -8.69 -7.68 -15.51
CA ARG A 81 -9.95 -7.19 -16.06
C ARG A 81 -11.14 -7.64 -15.21
N LYS A 82 -12.16 -6.79 -15.13
CA LYS A 82 -13.35 -7.11 -14.35
C LYS A 82 -14.58 -6.45 -14.95
N GLU A 83 -15.76 -6.95 -14.58
CA GLU A 83 -17.02 -6.40 -15.08
C GLU A 83 -18.13 -6.57 -14.06
N GLY A 84 -19.31 -6.04 -14.38
CA GLY A 84 -20.44 -6.15 -13.48
C GLY A 84 -21.77 -6.03 -14.20
N LEU A 85 -22.83 -5.74 -13.45
CA LEU A 85 -24.16 -5.60 -14.01
C LEU A 85 -24.77 -4.26 -13.66
N LYS A 86 -25.82 -3.88 -14.38
CA LYS A 86 -26.50 -2.61 -14.13
C LYS A 86 -27.99 -2.83 -13.91
N ASP A 87 -28.52 -2.21 -12.85
CA ASP A 87 -29.93 -2.34 -12.53
C ASP A 87 -30.76 -1.30 -13.27
N GLU A 88 -32.07 -1.54 -13.37
CA GLU A 88 -32.97 -0.61 -14.05
C GLU A 88 -32.57 0.82 -13.79
N GLY A 1 11.17 16.95 -6.88
CA GLY A 1 10.11 16.50 -6.00
C GLY A 1 8.76 17.08 -6.37
N SER A 2 7.82 16.21 -6.73
CA SER A 2 6.48 16.64 -7.11
C SER A 2 5.47 16.32 -6.03
N SER A 3 5.39 17.18 -5.02
CA SER A 3 4.47 16.99 -3.90
C SER A 3 3.28 17.95 -4.01
N GLY A 4 2.13 17.51 -3.53
CA GLY A 4 0.94 18.33 -3.58
C GLY A 4 -0.33 17.54 -3.34
N SER A 5 -0.89 17.66 -2.14
CA SER A 5 -2.10 16.95 -1.79
C SER A 5 -3.34 17.69 -2.31
N SER A 6 -3.34 19.00 -2.15
CA SER A 6 -4.47 19.82 -2.61
C SER A 6 -5.79 19.07 -2.44
N GLY A 7 -5.94 18.39 -1.31
CA GLY A 7 -7.16 17.64 -1.05
C GLY A 7 -7.12 16.92 0.28
N MET A 8 -7.47 15.64 0.27
CA MET A 8 -7.48 14.84 1.49
C MET A 8 -6.22 13.98 1.59
N SER A 9 -5.83 13.66 2.81
CA SER A 9 -4.64 12.84 3.04
C SER A 9 -5.03 11.40 3.35
N LYS A 10 -5.82 11.22 4.41
CA LYS A 10 -6.27 9.89 4.82
C LYS A 10 -6.46 8.99 3.61
N LYS A 11 -7.55 9.21 2.88
CA LYS A 11 -7.85 8.41 1.69
C LYS A 11 -6.70 8.46 0.70
N PRO A 12 -6.59 7.42 -0.14
CA PRO A 12 -5.55 7.32 -1.16
C PRO A 12 -5.74 8.34 -2.28
N PRO A 13 -4.84 9.34 -2.34
CA PRO A 13 -4.89 10.38 -3.36
C PRO A 13 -4.54 9.86 -4.75
N ASN A 14 -4.64 10.73 -5.75
CA ASN A 14 -4.32 10.35 -7.12
C ASN A 14 -2.90 9.81 -7.22
N ARG A 15 -2.78 8.48 -7.27
CA ARG A 15 -1.47 7.85 -7.37
C ARG A 15 -1.52 6.66 -8.33
N PRO A 16 -0.96 6.85 -9.53
CA PRO A 16 -0.92 5.81 -10.57
C PRO A 16 0.00 4.66 -10.20
N GLY A 17 -0.51 3.71 -9.44
CA GLY A 17 0.28 2.57 -9.03
C GLY A 17 -0.11 2.04 -7.66
N ILE A 18 0.17 2.82 -6.63
CA ILE A 18 -0.16 2.43 -5.26
C ILE A 18 -1.62 2.69 -4.95
N THR A 19 -2.24 1.74 -4.26
CA THR A 19 -3.66 1.86 -3.89
C THR A 19 -3.93 1.23 -2.53
N PHE A 20 -4.13 2.08 -1.53
CA PHE A 20 -4.40 1.61 -0.17
C PHE A 20 -5.71 0.83 -0.12
N GLU A 21 -5.60 -0.49 -0.05
CA GLU A 21 -6.78 -1.35 0.00
C GLU A 21 -6.51 -2.59 0.86
N ILE A 22 -7.55 -3.41 1.04
CA ILE A 22 -7.42 -4.63 1.83
C ILE A 22 -6.88 -5.78 0.99
N GLY A 23 -5.63 -6.15 1.23
CA GLY A 23 -5.02 -7.24 0.49
C GLY A 23 -4.13 -6.75 -0.63
N ALA A 24 -4.20 -5.46 -0.92
CA ALA A 24 -3.39 -4.86 -1.98
C ALA A 24 -1.92 -5.26 -1.85
N ARG A 25 -1.31 -5.63 -2.96
CA ARG A 25 0.09 -6.04 -2.96
C ARG A 25 1.00 -4.89 -3.39
N LEU A 26 1.84 -4.44 -2.47
CA LEU A 26 2.76 -3.34 -2.75
C LEU A 26 4.07 -3.52 -2.00
N GLU A 27 5.01 -2.59 -2.21
CA GLU A 27 6.30 -2.66 -1.56
C GLU A 27 6.42 -1.60 -0.47
N ALA A 28 7.27 -1.86 0.52
CA ALA A 28 7.47 -0.93 1.62
C ALA A 28 8.95 -0.74 1.91
N LEU A 29 9.30 0.44 2.43
CA LEU A 29 10.69 0.75 2.75
C LEU A 29 10.99 0.43 4.22
N ASP A 30 11.74 -0.65 4.44
CA ASP A 30 12.11 -1.05 5.79
C ASP A 30 13.16 -0.12 6.38
N TYR A 31 13.32 -0.17 7.69
CA TYR A 31 14.29 0.67 8.38
C TYR A 31 15.65 0.62 7.67
N LEU A 32 15.86 -0.44 6.88
CA LEU A 32 17.11 -0.61 6.16
C LEU A 32 17.03 0.04 4.78
N GLN A 33 16.12 1.00 4.63
CA GLN A 33 15.94 1.70 3.37
C GLN A 33 15.92 0.71 2.20
N LYS A 34 15.51 -0.52 2.48
CA LYS A 34 15.44 -1.56 1.46
C LYS A 34 14.02 -1.71 0.94
N TRP A 35 13.89 -2.14 -0.30
CA TRP A 35 12.58 -2.34 -0.92
C TRP A 35 12.20 -3.81 -0.93
N TYR A 36 10.96 -4.09 -0.52
CA TYR A 36 10.46 -5.46 -0.47
C TYR A 36 8.94 -5.50 -0.64
N PRO A 37 8.43 -6.62 -1.16
CA PRO A 37 6.99 -6.81 -1.37
C PRO A 37 6.23 -6.95 -0.08
N SER A 38 4.95 -6.57 -0.10
CA SER A 38 4.11 -6.65 1.09
C SER A 38 2.63 -6.52 0.72
N ARG A 39 1.75 -6.81 1.68
CA ARG A 39 0.32 -6.73 1.45
C ARG A 39 -0.38 -5.99 2.59
N ILE A 40 -1.61 -5.57 2.35
CA ILE A 40 -2.38 -4.85 3.37
C ILE A 40 -3.38 -5.77 4.05
N GLU A 41 -3.49 -5.65 5.36
CA GLU A 41 -4.41 -6.47 6.13
C GLU A 41 -5.57 -5.63 6.66
N LYS A 42 -5.26 -4.44 7.17
CA LYS A 42 -6.26 -3.54 7.70
C LYS A 42 -5.93 -2.09 7.38
N ILE A 43 -6.96 -1.25 7.28
CA ILE A 43 -6.77 0.16 6.98
C ILE A 43 -7.53 1.03 7.98
N ASP A 44 -6.80 1.58 8.94
CA ASP A 44 -7.39 2.45 9.95
C ASP A 44 -7.55 3.87 9.44
N TYR A 45 -8.74 4.21 8.97
CA TYR A 45 -9.01 5.53 8.45
C TYR A 45 -9.23 6.53 9.57
N GLU A 46 -9.65 6.04 10.73
CA GLU A 46 -9.88 6.88 11.89
C GLU A 46 -8.56 7.37 12.48
N GLU A 47 -7.50 6.59 12.29
CA GLU A 47 -6.19 6.94 12.82
C GLU A 47 -5.29 7.47 11.69
N GLY A 48 -5.33 6.80 10.55
CA GLY A 48 -4.52 7.22 9.42
C GLY A 48 -3.36 6.26 9.17
N LYS A 49 -3.54 5.00 9.52
CA LYS A 49 -2.51 3.99 9.33
C LYS A 49 -3.10 2.72 8.71
N MET A 50 -2.23 1.76 8.41
CA MET A 50 -2.67 0.49 7.82
C MET A 50 -1.75 -0.65 8.25
N LEU A 51 -2.34 -1.82 8.43
CA LEU A 51 -1.57 -3.00 8.84
C LEU A 51 -0.97 -3.71 7.64
N VAL A 52 0.29 -3.41 7.34
CA VAL A 52 0.99 -4.02 6.21
C VAL A 52 1.80 -5.23 6.66
N HIS A 53 1.69 -6.32 5.92
CA HIS A 53 2.43 -7.54 6.23
C HIS A 53 3.62 -7.71 5.30
N PHE A 54 4.75 -8.11 5.87
CA PHE A 54 5.97 -8.32 5.08
C PHE A 54 6.12 -9.79 4.70
N GLU A 55 6.40 -10.03 3.42
CA GLU A 55 6.58 -11.39 2.92
C GLU A 55 7.50 -12.19 3.84
N ARG A 56 8.72 -11.68 4.04
CA ARG A 56 9.70 -12.34 4.89
C ARG A 56 10.52 -11.32 5.68
N TRP A 57 10.62 -11.53 6.98
CA TRP A 57 11.37 -10.62 7.84
C TRP A 57 12.16 -11.40 8.89
N SER A 58 12.84 -10.68 9.78
CA SER A 58 13.63 -11.30 10.83
C SER A 58 12.73 -11.87 11.93
N HIS A 59 12.17 -10.98 12.73
CA HIS A 59 11.28 -11.39 13.83
C HIS A 59 9.84 -11.03 13.52
N ARG A 60 9.54 -9.74 13.53
CA ARG A 60 8.18 -9.26 13.26
C ARG A 60 7.78 -9.55 11.82
N TYR A 61 6.59 -10.08 11.64
CA TYR A 61 6.09 -10.41 10.31
C TYR A 61 5.25 -9.27 9.74
N ASP A 62 4.29 -8.81 10.53
CA ASP A 62 3.41 -7.71 10.11
C ASP A 62 3.58 -6.51 11.03
N GLU A 63 3.47 -5.31 10.45
CA GLU A 63 3.60 -4.08 11.21
C GLU A 63 2.81 -2.94 10.57
N TRP A 64 2.13 -2.16 11.40
CA TRP A 64 1.33 -1.04 10.90
C TRP A 64 2.22 0.07 10.37
N ILE A 65 1.86 0.60 9.21
CA ILE A 65 2.63 1.67 8.59
C ILE A 65 1.72 2.78 8.09
N TYR A 66 1.97 4.01 8.55
CA TYR A 66 1.16 5.16 8.15
C TYR A 66 1.09 5.27 6.63
N TRP A 67 -0.12 5.15 6.10
CA TRP A 67 -0.33 5.24 4.66
C TRP A 67 0.10 6.60 4.13
N ASP A 68 0.42 7.51 5.04
CA ASP A 68 0.85 8.85 4.66
C ASP A 68 2.35 9.03 4.94
N SER A 69 3.08 7.93 5.02
CA SER A 69 4.51 7.97 5.28
C SER A 69 5.30 8.23 4.00
N ASN A 70 4.71 7.86 2.87
CA ASN A 70 5.34 8.06 1.58
C ASN A 70 6.58 7.18 1.44
N ARG A 71 6.53 5.98 2.04
CA ARG A 71 7.64 5.05 1.99
C ARG A 71 7.24 3.76 1.27
N LEU A 72 6.16 3.83 0.51
CA LEU A 72 5.67 2.67 -0.23
C LEU A 72 5.67 2.94 -1.73
N ARG A 73 5.98 1.90 -2.51
CA ARG A 73 6.01 2.03 -3.96
C ARG A 73 5.09 1.01 -4.61
N PRO A 74 4.58 1.35 -5.81
CA PRO A 74 3.68 0.48 -6.57
C PRO A 74 4.39 -0.77 -7.10
N LEU A 75 4.14 -1.90 -6.46
CA LEU A 75 4.75 -3.16 -6.87
C LEU A 75 4.41 -3.49 -8.33
N GLU A 76 5.44 -3.68 -9.14
CA GLU A 76 5.25 -3.99 -10.55
C GLU A 76 4.11 -4.99 -10.73
N ARG A 77 2.94 -4.49 -11.14
CA ARG A 77 1.78 -5.34 -11.36
C ARG A 77 1.29 -5.24 -12.79
N PRO A 78 0.76 -6.36 -13.31
CA PRO A 78 0.24 -6.42 -14.69
C PRO A 78 -1.03 -5.60 -14.87
N ALA A 79 -1.49 -5.50 -16.11
CA ALA A 79 -2.70 -4.75 -16.43
C ALA A 79 -3.94 -5.54 -16.07
N LEU A 80 -5.02 -4.83 -15.74
CA LEU A 80 -6.28 -5.47 -15.38
C LEU A 80 -7.46 -4.76 -16.04
N ARG A 81 -8.11 -5.45 -16.98
CA ARG A 81 -9.25 -4.87 -17.68
C ARG A 81 -10.45 -5.83 -17.64
N LYS A 82 -11.35 -5.59 -16.69
CA LYS A 82 -12.53 -6.43 -16.54
C LYS A 82 -13.77 -5.58 -16.31
N GLU A 83 -14.67 -5.56 -17.29
CA GLU A 83 -15.90 -4.78 -17.19
C GLU A 83 -17.08 -5.57 -17.74
N GLY A 84 -18.28 -5.25 -17.25
CA GLY A 84 -19.47 -5.94 -17.71
C GLY A 84 -20.57 -5.94 -16.68
N LEU A 85 -20.35 -6.65 -15.58
CA LEU A 85 -21.34 -6.73 -14.51
C LEU A 85 -21.71 -5.35 -14.01
N LYS A 86 -23.01 -5.11 -13.83
CA LYS A 86 -23.49 -3.82 -13.35
C LYS A 86 -25.00 -3.86 -13.13
N ASP A 87 -25.40 -3.90 -11.86
CA ASP A 87 -26.82 -3.94 -11.51
C ASP A 87 -27.08 -3.20 -10.20
N GLU A 88 -28.33 -2.79 -9.99
CA GLU A 88 -28.69 -2.06 -8.79
C GLU A 88 -29.05 -3.02 -7.66
N GLY A 1 5.05 20.16 -8.68
CA GLY A 1 4.95 18.86 -8.06
C GLY A 1 3.81 18.78 -7.06
N SER A 2 2.72 18.13 -7.46
CA SER A 2 1.55 17.98 -6.60
C SER A 2 0.89 16.63 -6.80
N SER A 3 0.71 15.89 -5.70
CA SER A 3 0.09 14.57 -5.76
C SER A 3 -1.00 14.45 -4.70
N GLY A 4 -2.22 14.80 -5.07
CA GLY A 4 -3.34 14.72 -4.14
C GLY A 4 -3.60 16.04 -3.43
N SER A 5 -4.62 16.75 -3.88
CA SER A 5 -4.98 18.03 -3.28
C SER A 5 -6.48 18.27 -3.36
N SER A 6 -6.96 19.26 -2.61
CA SER A 6 -8.37 19.59 -2.59
C SER A 6 -9.19 18.46 -1.97
N GLY A 7 -8.68 17.89 -0.88
CA GLY A 7 -9.36 16.81 -0.21
C GLY A 7 -8.74 16.46 1.13
N MET A 8 -8.88 15.20 1.53
CA MET A 8 -8.32 14.73 2.79
C MET A 8 -7.13 13.81 2.56
N SER A 9 -6.11 13.93 3.40
CA SER A 9 -4.92 13.10 3.29
C SER A 9 -5.25 11.63 3.49
N LYS A 10 -6.10 11.36 4.47
CA LYS A 10 -6.51 9.98 4.77
C LYS A 10 -6.59 9.15 3.50
N LYS A 11 -7.64 9.37 2.71
CA LYS A 11 -7.83 8.65 1.46
C LYS A 11 -6.59 8.74 0.58
N PRO A 12 -6.40 7.74 -0.30
CA PRO A 12 -5.27 7.68 -1.22
C PRO A 12 -5.35 8.76 -2.30
N PRO A 13 -4.35 9.66 -2.32
CA PRO A 13 -4.29 10.75 -3.30
C PRO A 13 -3.98 10.24 -4.70
N ASN A 14 -4.23 11.09 -5.70
CA ASN A 14 -3.98 10.73 -7.09
C ASN A 14 -2.58 10.16 -7.26
N ARG A 15 -2.49 8.83 -7.33
CA ARG A 15 -1.21 8.16 -7.49
C ARG A 15 -1.33 6.99 -8.46
N PRO A 16 -0.81 7.19 -9.68
CA PRO A 16 -0.85 6.17 -10.74
C PRO A 16 0.08 5.00 -10.43
N GLY A 17 -0.39 4.08 -9.60
CA GLY A 17 0.40 2.92 -9.24
C GLY A 17 -0.01 2.32 -7.91
N ILE A 18 0.31 3.00 -6.82
CA ILE A 18 -0.04 2.53 -5.49
C ILE A 18 -1.50 2.79 -5.17
N THR A 19 -2.12 1.86 -4.45
CA THR A 19 -3.52 1.99 -4.07
C THR A 19 -3.78 1.40 -2.69
N PHE A 20 -3.97 2.28 -1.71
CA PHE A 20 -4.23 1.84 -0.33
C PHE A 20 -5.56 1.11 -0.25
N GLU A 21 -5.49 -0.21 -0.15
CA GLU A 21 -6.70 -1.04 -0.05
C GLU A 21 -6.45 -2.27 0.81
N ILE A 22 -7.49 -3.07 1.00
CA ILE A 22 -7.39 -4.28 1.81
C ILE A 22 -6.94 -5.47 0.96
N GLY A 23 -5.73 -5.95 1.21
CA GLY A 23 -5.22 -7.08 0.46
C GLY A 23 -4.34 -6.66 -0.70
N ALA A 24 -4.25 -5.35 -0.93
CA ALA A 24 -3.45 -4.81 -2.02
C ALA A 24 -1.97 -5.20 -1.85
N ARG A 25 -1.31 -5.48 -2.98
CA ARG A 25 0.10 -5.85 -2.95
C ARG A 25 0.98 -4.68 -3.35
N LEU A 26 1.88 -4.27 -2.45
CA LEU A 26 2.78 -3.16 -2.72
C LEU A 26 4.12 -3.37 -2.03
N GLU A 27 5.03 -2.42 -2.20
CA GLU A 27 6.35 -2.50 -1.59
C GLU A 27 6.47 -1.51 -0.43
N ALA A 28 7.24 -1.89 0.59
CA ALA A 28 7.44 -1.03 1.76
C ALA A 28 8.92 -0.76 1.98
N LEU A 29 9.24 0.48 2.37
CA LEU A 29 10.62 0.86 2.62
C LEU A 29 11.01 0.58 4.07
N ASP A 30 11.91 -0.38 4.26
CA ASP A 30 12.37 -0.74 5.59
C ASP A 30 13.32 0.33 6.15
N TYR A 31 13.52 0.30 7.46
CA TYR A 31 14.39 1.27 8.12
C TYR A 31 15.75 1.32 7.44
N LEU A 32 16.10 0.25 6.74
CA LEU A 32 17.37 0.18 6.04
C LEU A 32 17.22 0.60 4.58
N GLN A 33 16.16 1.36 4.30
CA GLN A 33 15.91 1.84 2.95
C GLN A 33 15.90 0.68 1.95
N LYS A 34 15.31 -0.44 2.36
CA LYS A 34 15.24 -1.62 1.51
C LYS A 34 13.82 -1.83 1.00
N TRP A 35 13.69 -2.11 -0.30
CA TRP A 35 12.40 -2.33 -0.91
C TRP A 35 12.04 -3.81 -0.91
N TYR A 36 10.82 -4.13 -0.48
CA TYR A 36 10.37 -5.51 -0.43
C TYR A 36 8.85 -5.60 -0.61
N PRO A 37 8.38 -6.75 -1.11
CA PRO A 37 6.95 -6.97 -1.35
C PRO A 37 6.17 -7.11 -0.05
N SER A 38 4.95 -6.56 -0.03
CA SER A 38 4.10 -6.62 1.15
C SER A 38 2.63 -6.47 0.77
N ARG A 39 1.75 -6.63 1.75
CA ARG A 39 0.32 -6.50 1.52
C ARG A 39 -0.35 -5.70 2.63
N ILE A 40 -1.57 -5.25 2.37
CA ILE A 40 -2.32 -4.47 3.36
C ILE A 40 -3.36 -5.33 4.06
N GLU A 41 -3.02 -5.78 5.28
CA GLU A 41 -3.93 -6.61 6.05
C GLU A 41 -5.15 -5.82 6.50
N LYS A 42 -4.91 -4.66 7.10
CA LYS A 42 -5.99 -3.80 7.58
C LYS A 42 -5.69 -2.33 7.28
N ILE A 43 -6.70 -1.48 7.44
CA ILE A 43 -6.54 -0.06 7.19
C ILE A 43 -7.41 0.77 8.13
N ASP A 44 -6.79 1.71 8.83
CA ASP A 44 -7.51 2.57 9.77
C ASP A 44 -7.62 3.99 9.23
N TYR A 45 -8.80 4.36 8.75
CA TYR A 45 -9.02 5.69 8.22
C TYR A 45 -9.20 6.72 9.33
N GLU A 46 -9.67 6.24 10.49
CA GLU A 46 -9.89 7.12 11.64
C GLU A 46 -8.56 7.57 12.23
N GLU A 47 -7.56 6.70 12.16
CA GLU A 47 -6.24 7.00 12.70
C GLU A 47 -5.31 7.50 11.59
N GLY A 48 -5.37 6.84 10.44
CA GLY A 48 -4.53 7.22 9.31
C GLY A 48 -3.38 6.26 9.10
N LYS A 49 -3.58 5.00 9.49
CA LYS A 49 -2.56 3.97 9.34
C LYS A 49 -3.14 2.72 8.67
N MET A 50 -2.30 1.70 8.53
CA MET A 50 -2.73 0.45 7.91
C MET A 50 -1.80 -0.69 8.30
N LEU A 51 -2.37 -1.86 8.54
CA LEU A 51 -1.60 -3.04 8.92
C LEU A 51 -1.02 -3.73 7.69
N VAL A 52 0.29 -3.62 7.51
CA VAL A 52 0.96 -4.23 6.37
C VAL A 52 1.88 -5.37 6.83
N HIS A 53 1.91 -6.45 6.04
CA HIS A 53 2.75 -7.60 6.37
C HIS A 53 3.96 -7.66 5.44
N PHE A 54 5.10 -8.08 5.99
CA PHE A 54 6.33 -8.18 5.23
C PHE A 54 6.63 -9.63 4.87
N GLU A 55 7.07 -9.86 3.64
CA GLU A 55 7.40 -11.20 3.17
C GLU A 55 8.79 -11.61 3.60
N ARG A 56 9.79 -10.80 3.23
CA ARG A 56 11.17 -11.09 3.59
C ARG A 56 11.30 -11.41 5.07
N TRP A 57 10.85 -10.49 5.91
CA TRP A 57 10.90 -10.67 7.36
C TRP A 57 10.19 -11.95 7.77
N SER A 58 10.24 -12.27 9.06
CA SER A 58 9.59 -13.46 9.59
C SER A 58 8.30 -13.76 8.83
N HIS A 59 8.17 -14.99 8.34
CA HIS A 59 6.98 -15.40 7.60
C HIS A 59 5.73 -14.70 8.15
N ARG A 60 5.53 -14.80 9.46
CA ARG A 60 4.38 -14.19 10.10
C ARG A 60 4.78 -12.92 10.86
N TYR A 61 5.08 -11.86 10.11
CA TYR A 61 5.48 -10.60 10.71
C TYR A 61 4.89 -9.42 9.95
N ASP A 62 4.09 -8.62 10.64
CA ASP A 62 3.46 -7.45 10.04
C ASP A 62 3.53 -6.25 10.97
N GLU A 63 3.62 -5.06 10.39
CA GLU A 63 3.69 -3.83 11.17
C GLU A 63 2.86 -2.72 10.53
N TRP A 64 2.16 -1.97 11.35
CA TRP A 64 1.33 -0.88 10.87
C TRP A 64 2.18 0.26 10.32
N ILE A 65 1.86 0.70 9.10
CA ILE A 65 2.60 1.78 8.47
C ILE A 65 1.66 2.88 7.98
N TYR A 66 1.91 4.11 8.42
CA TYR A 66 1.08 5.25 8.03
C TYR A 66 0.96 5.33 6.51
N TRP A 67 -0.25 5.10 6.01
CA TRP A 67 -0.51 5.15 4.57
C TRP A 67 -0.14 6.51 4.00
N ASP A 68 0.12 7.47 4.89
CA ASP A 68 0.49 8.82 4.47
C ASP A 68 1.98 9.07 4.72
N SER A 69 2.75 8.00 4.82
CA SER A 69 4.18 8.10 5.04
C SER A 69 4.93 8.36 3.74
N ASN A 70 4.41 7.80 2.65
CA ASN A 70 5.03 7.96 1.34
C ASN A 70 6.30 7.12 1.23
N ARG A 71 6.31 5.98 1.91
CA ARG A 71 7.46 5.08 1.89
C ARG A 71 7.09 3.76 1.21
N LEU A 72 6.02 3.77 0.44
CA LEU A 72 5.56 2.57 -0.25
C LEU A 72 5.62 2.76 -1.76
N ARG A 73 5.79 1.66 -2.48
CA ARG A 73 5.87 1.70 -3.95
C ARG A 73 4.87 0.73 -4.57
N PRO A 74 4.43 1.05 -5.79
CA PRO A 74 3.47 0.22 -6.52
C PRO A 74 4.08 -1.10 -6.98
N LEU A 75 3.88 -2.15 -6.19
CA LEU A 75 4.41 -3.47 -6.52
C LEU A 75 3.91 -3.94 -7.88
N GLU A 76 4.70 -4.77 -8.55
CA GLU A 76 4.33 -5.29 -9.85
C GLU A 76 3.57 -6.60 -9.72
N ARG A 77 2.31 -6.60 -10.19
CA ARG A 77 1.47 -7.79 -10.12
C ARG A 77 0.85 -8.09 -11.48
N PRO A 78 0.64 -9.39 -11.75
CA PRO A 78 0.04 -9.84 -13.03
C PRO A 78 -1.43 -9.48 -13.12
N ALA A 79 -1.82 -8.91 -14.25
CA ALA A 79 -3.21 -8.53 -14.48
C ALA A 79 -4.12 -9.74 -14.47
N LEU A 80 -4.86 -9.92 -13.38
CA LEU A 80 -5.78 -11.05 -13.25
C LEU A 80 -7.20 -10.64 -13.65
N ARG A 81 -7.73 -11.29 -14.68
CA ARG A 81 -9.08 -11.00 -15.16
C ARG A 81 -10.05 -12.11 -14.75
N LYS A 82 -10.82 -11.85 -13.70
CA LYS A 82 -11.79 -12.82 -13.21
C LYS A 82 -13.21 -12.44 -13.64
N GLU A 83 -14.14 -13.38 -13.50
CA GLU A 83 -15.53 -13.13 -13.87
C GLU A 83 -16.47 -13.89 -12.95
N GLY A 84 -17.58 -13.24 -12.58
CA GLY A 84 -18.55 -13.88 -11.70
C GLY A 84 -19.67 -14.55 -12.46
N LEU A 85 -20.72 -14.94 -11.75
CA LEU A 85 -21.85 -15.61 -12.37
C LEU A 85 -23.17 -15.07 -11.82
N LYS A 86 -24.26 -15.29 -12.55
CA LYS A 86 -25.57 -14.82 -12.14
C LYS A 86 -26.43 -15.98 -11.63
N ASP A 87 -26.42 -17.08 -12.38
CA ASP A 87 -27.19 -18.26 -12.01
C ASP A 87 -26.77 -18.76 -10.63
N GLU A 88 -27.76 -19.12 -9.81
CA GLU A 88 -27.49 -19.61 -8.46
C GLU A 88 -26.66 -20.88 -8.52
N GLY A 1 5.81 21.02 -12.74
CA GLY A 1 4.59 20.36 -13.19
C GLY A 1 3.39 20.71 -12.34
N SER A 2 2.49 19.75 -12.18
CA SER A 2 1.27 19.95 -11.39
C SER A 2 1.48 19.47 -9.96
N SER A 3 0.60 19.92 -9.06
CA SER A 3 0.69 19.54 -7.65
C SER A 3 -0.45 18.59 -7.28
N GLY A 4 -0.73 17.64 -8.16
CA GLY A 4 -1.80 16.69 -7.91
C GLY A 4 -3.14 17.36 -7.69
N SER A 5 -3.96 16.76 -6.84
CA SER A 5 -5.29 17.30 -6.55
C SER A 5 -5.47 17.51 -5.05
N SER A 6 -5.77 18.75 -4.66
CA SER A 6 -5.97 19.09 -3.25
C SER A 6 -7.04 18.19 -2.63
N GLY A 7 -6.94 17.99 -1.32
CA GLY A 7 -7.91 17.14 -0.63
C GLY A 7 -7.35 16.57 0.65
N MET A 8 -8.13 15.72 1.31
CA MET A 8 -7.71 15.09 2.56
C MET A 8 -6.51 14.18 2.33
N SER A 9 -5.80 13.85 3.40
CA SER A 9 -4.63 12.98 3.32
C SER A 9 -5.02 11.53 3.56
N LYS A 10 -5.87 11.30 4.56
CA LYS A 10 -6.31 9.96 4.90
C LYS A 10 -6.45 9.10 3.64
N LYS A 11 -7.50 9.35 2.88
CA LYS A 11 -7.74 8.60 1.65
C LYS A 11 -6.54 8.69 0.71
N PRO A 12 -6.43 7.72 -0.21
CA PRO A 12 -5.33 7.67 -1.18
C PRO A 12 -5.43 8.78 -2.23
N PRO A 13 -4.50 9.73 -2.17
CA PRO A 13 -4.46 10.86 -3.11
C PRO A 13 -4.07 10.43 -4.52
N ASN A 14 -4.22 11.35 -5.47
CA ASN A 14 -3.89 11.07 -6.86
C ASN A 14 -2.50 10.47 -6.98
N ARG A 15 -2.43 9.14 -7.12
CA ARG A 15 -1.16 8.45 -7.24
C ARG A 15 -1.27 7.25 -8.18
N PRO A 16 -0.73 7.40 -9.40
CA PRO A 16 -0.76 6.35 -10.41
C PRO A 16 0.14 5.16 -10.05
N GLY A 17 -0.48 4.05 -9.66
CA GLY A 17 0.28 2.87 -9.29
C GLY A 17 -0.11 2.34 -7.93
N ILE A 18 0.28 3.06 -6.88
CA ILE A 18 -0.02 2.65 -5.52
C ILE A 18 -1.49 2.90 -5.18
N THR A 19 -2.09 1.96 -4.46
CA THR A 19 -3.49 2.07 -4.07
C THR A 19 -3.73 1.48 -2.69
N PHE A 20 -3.91 2.35 -1.71
CA PHE A 20 -4.14 1.91 -0.34
C PHE A 20 -5.51 1.23 -0.20
N GLU A 21 -5.50 -0.09 -0.15
CA GLU A 21 -6.73 -0.86 -0.03
C GLU A 21 -6.51 -2.13 0.78
N ILE A 22 -7.57 -2.91 0.96
CA ILE A 22 -7.49 -4.15 1.73
C ILE A 22 -7.05 -5.32 0.83
N GLY A 23 -5.85 -5.82 1.09
CA GLY A 23 -5.34 -6.93 0.31
C GLY A 23 -4.43 -6.47 -0.82
N ALA A 24 -4.26 -5.16 -0.94
CA ALA A 24 -3.41 -4.59 -1.99
C ALA A 24 -1.97 -5.05 -1.83
N ARG A 25 -1.32 -5.35 -2.95
CA ARG A 25 0.06 -5.80 -2.94
C ARG A 25 1.00 -4.70 -3.40
N LEU A 26 1.86 -4.23 -2.50
CA LEU A 26 2.81 -3.18 -2.81
C LEU A 26 4.12 -3.38 -2.06
N GLU A 27 5.09 -2.52 -2.33
CA GLU A 27 6.40 -2.60 -1.69
C GLU A 27 6.48 -1.65 -0.49
N ALA A 28 7.22 -2.05 0.53
CA ALA A 28 7.37 -1.24 1.73
C ALA A 28 8.85 -1.01 2.05
N LEU A 29 9.19 0.21 2.44
CA LEU A 29 10.57 0.56 2.77
C LEU A 29 10.83 0.35 4.26
N ASP A 30 11.56 -0.70 4.58
CA ASP A 30 11.89 -1.01 5.96
C ASP A 30 12.88 0.01 6.53
N TYR A 31 12.99 0.05 7.85
CA TYR A 31 13.90 0.98 8.52
C TYR A 31 15.30 0.88 7.94
N LEU A 32 15.56 -0.21 7.22
CA LEU A 32 16.87 -0.42 6.60
C LEU A 32 16.92 0.17 5.20
N GLN A 33 15.95 1.04 4.89
CA GLN A 33 15.88 1.68 3.58
C GLN A 33 15.92 0.63 2.47
N LYS A 34 15.34 -0.53 2.73
CA LYS A 34 15.31 -1.61 1.76
C LYS A 34 13.90 -1.76 1.17
N TRP A 35 13.84 -2.26 -0.06
CA TRP A 35 12.56 -2.45 -0.74
C TRP A 35 12.16 -3.93 -0.72
N TYR A 36 10.89 -4.19 -0.45
CA TYR A 36 10.38 -5.56 -0.39
C TYR A 36 8.87 -5.58 -0.58
N PRO A 37 8.35 -6.71 -1.09
CA PRO A 37 6.92 -6.88 -1.32
C PRO A 37 6.13 -6.99 -0.01
N SER A 38 4.91 -6.45 -0.02
CA SER A 38 4.06 -6.48 1.17
C SER A 38 2.59 -6.37 0.78
N ARG A 39 1.71 -6.52 1.76
CA ARG A 39 0.28 -6.43 1.52
C ARG A 39 -0.42 -5.66 2.64
N ILE A 40 -1.65 -5.23 2.38
CA ILE A 40 -2.42 -4.49 3.37
C ILE A 40 -3.49 -5.37 4.02
N GLU A 41 -3.25 -5.76 5.27
CA GLU A 41 -4.18 -6.59 6.01
C GLU A 41 -5.39 -5.79 6.47
N LYS A 42 -5.13 -4.61 7.02
CA LYS A 42 -6.19 -3.73 7.51
C LYS A 42 -5.83 -2.27 7.29
N ILE A 43 -6.83 -1.40 7.40
CA ILE A 43 -6.62 0.04 7.22
C ILE A 43 -7.48 0.84 8.17
N ASP A 44 -6.84 1.71 8.94
CA ASP A 44 -7.56 2.55 9.90
C ASP A 44 -7.70 3.98 9.37
N TYR A 45 -8.91 4.30 8.92
CA TYR A 45 -9.18 5.63 8.38
C TYR A 45 -9.40 6.65 9.51
N GLU A 46 -9.74 6.14 10.69
CA GLU A 46 -9.97 6.99 11.84
C GLU A 46 -8.66 7.44 12.46
N GLU A 47 -7.61 6.65 12.27
CA GLU A 47 -6.29 6.95 12.81
C GLU A 47 -5.37 7.49 11.71
N GLY A 48 -5.37 6.82 10.58
CA GLY A 48 -4.53 7.23 9.46
C GLY A 48 -3.39 6.27 9.21
N LYS A 49 -3.59 5.00 9.57
CA LYS A 49 -2.56 3.98 9.37
C LYS A 49 -3.15 2.73 8.72
N MET A 50 -2.31 1.74 8.50
CA MET A 50 -2.74 0.48 7.89
C MET A 50 -1.80 -0.66 8.26
N LEU A 51 -2.38 -1.84 8.51
CA LEU A 51 -1.58 -3.01 8.86
C LEU A 51 -0.96 -3.65 7.63
N VAL A 52 0.35 -3.48 7.48
CA VAL A 52 1.06 -4.05 6.35
C VAL A 52 1.93 -5.23 6.77
N HIS A 53 1.98 -6.26 5.92
CA HIS A 53 2.76 -7.45 6.21
C HIS A 53 3.84 -7.66 5.14
N PHE A 54 5.01 -8.12 5.55
CA PHE A 54 6.11 -8.37 4.64
C PHE A 54 6.19 -9.84 4.27
N GLU A 55 6.13 -10.11 2.97
CA GLU A 55 6.19 -11.49 2.46
C GLU A 55 7.28 -12.27 3.18
N ARG A 56 8.51 -11.77 3.12
CA ARG A 56 9.64 -12.43 3.76
C ARG A 56 10.26 -11.53 4.82
N TRP A 57 9.99 -11.83 6.08
CA TRP A 57 10.51 -11.04 7.19
C TRP A 57 10.45 -11.83 8.50
N SER A 58 11.50 -11.72 9.32
CA SER A 58 11.56 -12.42 10.58
C SER A 58 11.23 -11.49 11.74
N HIS A 59 12.09 -10.49 11.97
CA HIS A 59 11.88 -9.54 13.04
C HIS A 59 10.40 -9.32 13.30
N ARG A 60 9.75 -8.56 12.41
CA ARG A 60 8.32 -8.28 12.55
C ARG A 60 7.59 -8.58 11.25
N TYR A 61 6.94 -9.75 11.20
CA TYR A 61 6.21 -10.17 10.02
C TYR A 61 5.19 -9.11 9.62
N ASP A 62 4.36 -8.70 10.57
CA ASP A 62 3.34 -7.69 10.31
C ASP A 62 3.59 -6.44 11.16
N GLU A 63 3.38 -5.27 10.55
CA GLU A 63 3.58 -4.01 11.25
C GLU A 63 2.77 -2.89 10.60
N TRP A 64 2.05 -2.13 11.42
CA TRP A 64 1.24 -1.03 10.92
C TRP A 64 2.11 0.11 10.40
N ILE A 65 1.77 0.64 9.24
CA ILE A 65 2.53 1.73 8.64
C ILE A 65 1.60 2.83 8.13
N TYR A 66 1.88 4.07 8.52
CA TYR A 66 1.07 5.20 8.10
C TYR A 66 0.98 5.27 6.57
N TRP A 67 -0.25 5.16 6.06
CA TRP A 67 -0.48 5.20 4.62
C TRP A 67 -0.04 6.54 4.05
N ASP A 68 0.30 7.48 4.92
CA ASP A 68 0.75 8.80 4.50
C ASP A 68 2.26 8.97 4.72
N SER A 69 2.97 7.85 4.78
CA SER A 69 4.41 7.87 5.00
C SER A 69 5.15 8.03 3.67
N ASN A 70 4.51 7.60 2.59
CA ASN A 70 5.11 7.68 1.26
C ASN A 70 6.35 6.81 1.17
N ARG A 71 6.39 5.75 1.98
CA ARG A 71 7.52 4.83 1.99
C ARG A 71 7.17 3.52 1.30
N LEU A 72 6.12 3.57 0.47
CA LEU A 72 5.68 2.38 -0.26
C LEU A 72 5.74 2.62 -1.77
N ARG A 73 5.93 1.54 -2.51
CA ARG A 73 6.00 1.63 -3.97
C ARG A 73 4.98 0.69 -4.62
N PRO A 74 4.54 1.05 -5.83
CA PRO A 74 3.57 0.26 -6.59
C PRO A 74 4.15 -1.05 -7.09
N LEU A 75 4.00 -2.11 -6.29
CA LEU A 75 4.52 -3.43 -6.65
C LEU A 75 3.93 -3.89 -7.98
N GLU A 76 4.79 -4.41 -8.85
CA GLU A 76 4.35 -4.90 -10.16
C GLU A 76 3.35 -6.02 -10.00
N ARG A 77 2.11 -5.77 -10.43
CA ARG A 77 1.05 -6.76 -10.33
C ARG A 77 0.58 -7.18 -11.72
N PRO A 78 0.17 -8.45 -11.85
CA PRO A 78 -0.31 -9.00 -13.12
C PRO A 78 -1.66 -8.43 -13.53
N ALA A 79 -1.92 -8.42 -14.83
CA ALA A 79 -3.17 -7.89 -15.35
C ALA A 79 -4.30 -8.93 -15.23
N LEU A 80 -5.20 -8.70 -14.30
CA LEU A 80 -6.32 -9.61 -14.09
C LEU A 80 -7.65 -8.93 -14.41
N ARG A 81 -8.26 -9.31 -15.52
CA ARG A 81 -9.53 -8.75 -15.93
C ARG A 81 -10.66 -9.75 -15.75
N LYS A 82 -11.82 -9.25 -15.31
CA LYS A 82 -12.98 -10.10 -15.09
C LYS A 82 -14.16 -9.64 -15.94
N GLU A 83 -15.26 -10.40 -15.89
CA GLU A 83 -16.45 -10.06 -16.64
C GLU A 83 -17.42 -9.22 -15.80
N GLY A 84 -17.73 -9.72 -14.61
CA GLY A 84 -18.64 -9.01 -13.73
C GLY A 84 -20.04 -8.93 -14.29
N LEU A 85 -20.81 -9.99 -14.14
CA LEU A 85 -22.18 -10.04 -14.64
C LEU A 85 -23.18 -9.73 -13.51
N LYS A 86 -24.45 -9.67 -13.87
CA LYS A 86 -25.51 -9.39 -12.91
C LYS A 86 -26.69 -10.33 -13.10
N ASP A 87 -27.35 -10.68 -12.00
CA ASP A 87 -28.50 -11.58 -12.05
C ASP A 87 -29.35 -11.43 -10.79
N GLU A 88 -30.47 -12.15 -10.75
CA GLU A 88 -31.37 -12.11 -9.61
C GLU A 88 -31.81 -13.51 -9.20
N GLY A 1 14.52 15.38 0.00
CA GLY A 1 13.59 15.50 1.10
C GLY A 1 12.40 16.38 0.77
N SER A 2 12.63 17.69 0.79
CA SER A 2 11.57 18.65 0.50
C SER A 2 10.25 18.21 1.13
N SER A 3 10.32 17.76 2.38
CA SER A 3 9.13 17.31 3.10
C SER A 3 8.28 18.49 3.54
N GLY A 4 7.06 18.20 3.98
CA GLY A 4 6.17 19.26 4.43
C GLY A 4 6.02 19.28 5.94
N SER A 5 5.35 20.32 6.45
CA SER A 5 5.15 20.45 7.88
C SER A 5 3.76 19.95 8.28
N SER A 6 2.73 20.58 7.72
CA SER A 6 1.35 20.19 8.01
C SER A 6 0.63 19.73 6.75
N GLY A 7 0.07 18.52 6.79
CA GLY A 7 -0.63 17.99 5.65
C GLY A 7 -1.36 16.69 5.96
N MET A 8 -2.55 16.80 6.52
CA MET A 8 -3.33 15.62 6.87
C MET A 8 -3.86 14.93 5.61
N SER A 9 -3.54 13.65 5.48
CA SER A 9 -3.97 12.86 4.33
C SER A 9 -4.37 11.45 4.74
N LYS A 10 -5.64 11.11 4.53
CA LYS A 10 -6.14 9.79 4.88
C LYS A 10 -6.32 8.93 3.64
N LYS A 11 -7.34 9.24 2.85
CA LYS A 11 -7.61 8.49 1.63
C LYS A 11 -6.44 8.56 0.67
N PRO A 12 -6.36 7.59 -0.24
CA PRO A 12 -5.27 7.52 -1.24
C PRO A 12 -5.38 8.62 -2.29
N PRO A 13 -4.45 9.57 -2.24
CA PRO A 13 -4.41 10.70 -3.18
C PRO A 13 -4.04 10.27 -4.60
N ASN A 14 -4.03 11.22 -5.52
CA ASN A 14 -3.70 10.94 -6.91
C ASN A 14 -2.28 10.37 -7.02
N ARG A 15 -2.20 9.05 -7.15
CA ARG A 15 -0.91 8.38 -7.27
C ARG A 15 -1.03 7.10 -8.09
N PRO A 16 -0.55 7.15 -9.34
CA PRO A 16 -0.59 6.00 -10.26
C PRO A 16 0.35 4.89 -9.84
N GLY A 17 -0.21 3.71 -9.56
CA GLY A 17 0.59 2.58 -9.15
C GLY A 17 0.19 2.04 -7.80
N ILE A 18 0.44 2.81 -6.75
CA ILE A 18 0.09 2.40 -5.40
C ILE A 18 -1.38 2.66 -5.10
N THR A 19 -2.01 1.74 -4.38
CA THR A 19 -3.42 1.88 -4.03
C THR A 19 -3.70 1.28 -2.65
N PHE A 20 -3.88 2.16 -1.66
CA PHE A 20 -4.16 1.73 -0.30
C PHE A 20 -5.50 1.01 -0.22
N GLU A 21 -5.46 -0.31 -0.13
CA GLU A 21 -6.68 -1.11 -0.04
C GLU A 21 -6.46 -2.35 0.83
N ILE A 22 -7.50 -3.15 0.99
CA ILE A 22 -7.42 -4.36 1.80
C ILE A 22 -6.99 -5.55 0.96
N GLY A 23 -5.78 -6.05 1.22
CA GLY A 23 -5.27 -7.19 0.48
C GLY A 23 -4.39 -6.78 -0.69
N ALA A 24 -4.25 -5.47 -0.89
CA ALA A 24 -3.42 -4.94 -1.97
C ALA A 24 -1.95 -5.27 -1.74
N ARG A 25 -1.27 -5.69 -2.79
CA ARG A 25 0.15 -6.03 -2.71
C ARG A 25 1.01 -4.86 -3.20
N LEU A 26 1.83 -4.33 -2.29
CA LEU A 26 2.70 -3.22 -2.62
C LEU A 26 4.06 -3.38 -1.94
N GLU A 27 4.96 -2.44 -2.21
CA GLU A 27 6.30 -2.48 -1.62
C GLU A 27 6.40 -1.56 -0.41
N ALA A 28 7.24 -1.94 0.55
CA ALA A 28 7.42 -1.15 1.76
C ALA A 28 8.90 -0.92 2.05
N LEU A 29 9.25 0.31 2.42
CA LEU A 29 10.64 0.65 2.73
C LEU A 29 11.00 0.25 4.16
N ASP A 30 11.94 -0.67 4.29
CA ASP A 30 12.38 -1.14 5.60
C ASP A 30 13.28 -0.11 6.27
N TYR A 31 13.46 -0.24 7.58
CA TYR A 31 14.31 0.67 8.33
C TYR A 31 15.69 0.79 7.70
N LEU A 32 16.08 -0.24 6.96
CA LEU A 32 17.38 -0.26 6.29
C LEU A 32 17.29 0.37 4.90
N GLN A 33 16.21 1.11 4.65
CA GLN A 33 16.01 1.76 3.37
C GLN A 33 15.94 0.73 2.25
N LYS A 34 15.52 -0.48 2.60
CA LYS A 34 15.40 -1.56 1.62
C LYS A 34 13.97 -1.69 1.12
N TRP A 35 13.81 -2.16 -0.11
CA TRP A 35 12.48 -2.33 -0.71
C TRP A 35 12.11 -3.80 -0.78
N TYR A 36 10.84 -4.10 -0.48
CA TYR A 36 10.35 -5.47 -0.52
C TYR A 36 8.83 -5.50 -0.67
N PRO A 37 8.32 -6.61 -1.22
CA PRO A 37 6.88 -6.80 -1.43
C PRO A 37 6.12 -6.98 -0.12
N SER A 38 4.87 -6.52 -0.09
CA SER A 38 4.05 -6.63 1.10
C SER A 38 2.57 -6.51 0.74
N ARG A 39 1.71 -6.72 1.74
CA ARG A 39 0.26 -6.63 1.53
C ARG A 39 -0.40 -5.82 2.65
N ILE A 40 -1.63 -5.40 2.41
CA ILE A 40 -2.37 -4.62 3.39
C ILE A 40 -3.42 -5.48 4.10
N GLU A 41 -3.12 -5.88 5.33
CA GLU A 41 -4.04 -6.71 6.11
C GLU A 41 -5.24 -5.89 6.57
N LYS A 42 -4.99 -4.67 7.03
CA LYS A 42 -6.05 -3.79 7.50
C LYS A 42 -5.71 -2.33 7.21
N ILE A 43 -6.69 -1.45 7.39
CA ILE A 43 -6.50 -0.03 7.14
C ILE A 43 -7.33 0.81 8.11
N ASP A 44 -6.65 1.67 8.86
CA ASP A 44 -7.33 2.53 9.83
C ASP A 44 -7.47 3.95 9.28
N TYR A 45 -8.68 4.32 8.91
CA TYR A 45 -8.95 5.65 8.37
C TYR A 45 -9.13 6.66 9.49
N GLU A 46 -9.57 6.19 10.65
CA GLU A 46 -9.79 7.05 11.81
C GLU A 46 -8.47 7.53 12.38
N GLU A 47 -7.46 6.67 12.31
CA GLU A 47 -6.14 7.00 12.84
C GLU A 47 -5.23 7.53 11.73
N GLY A 48 -5.27 6.87 10.57
CA GLY A 48 -4.44 7.28 9.46
C GLY A 48 -3.30 6.32 9.18
N LYS A 49 -3.50 5.05 9.54
CA LYS A 49 -2.48 4.03 9.33
C LYS A 49 -3.08 2.79 8.68
N MET A 50 -2.26 1.76 8.51
CA MET A 50 -2.72 0.51 7.91
C MET A 50 -1.80 -0.65 8.29
N LEU A 51 -2.37 -1.82 8.47
CA LEU A 51 -1.60 -3.02 8.84
C LEU A 51 -1.02 -3.68 7.60
N VAL A 52 0.29 -3.57 7.43
CA VAL A 52 0.98 -4.17 6.30
C VAL A 52 1.88 -5.32 6.74
N HIS A 53 1.83 -6.42 6.00
CA HIS A 53 2.64 -7.59 6.32
C HIS A 53 3.77 -7.75 5.30
N PHE A 54 4.92 -8.22 5.78
CA PHE A 54 6.08 -8.43 4.92
C PHE A 54 6.15 -9.86 4.43
N GLU A 55 6.56 -10.04 3.17
CA GLU A 55 6.67 -11.37 2.59
C GLU A 55 7.68 -12.23 3.37
N ARG A 56 8.89 -11.70 3.51
CA ARG A 56 9.95 -12.42 4.21
C ARG A 56 10.69 -11.47 5.16
N TRP A 57 10.78 -11.87 6.43
CA TRP A 57 11.46 -11.07 7.44
C TRP A 57 11.54 -11.82 8.76
N SER A 58 12.55 -11.49 9.56
CA SER A 58 12.73 -12.13 10.86
C SER A 58 12.14 -11.28 11.98
N HIS A 59 12.67 -10.06 12.14
CA HIS A 59 12.20 -9.15 13.16
C HIS A 59 10.68 -9.28 13.34
N ARG A 60 9.93 -8.81 12.35
CA ARG A 60 8.47 -8.88 12.41
C ARG A 60 7.89 -9.03 11.01
N TYR A 61 6.65 -9.53 10.94
CA TYR A 61 5.98 -9.73 9.66
C TYR A 61 4.88 -8.70 9.46
N ASP A 62 3.96 -8.64 10.42
CA ASP A 62 2.85 -7.69 10.35
C ASP A 62 3.16 -6.43 11.16
N GLU A 63 3.29 -5.30 10.48
CA GLU A 63 3.58 -4.04 11.13
C GLU A 63 2.78 -2.90 10.52
N TRP A 64 2.11 -2.13 11.36
CA TRP A 64 1.29 -1.01 10.91
C TRP A 64 2.17 0.12 10.38
N ILE A 65 1.83 0.62 9.20
CA ILE A 65 2.59 1.71 8.59
C ILE A 65 1.66 2.82 8.09
N TYR A 66 1.98 4.05 8.46
CA TYR A 66 1.17 5.20 8.06
C TYR A 66 1.06 5.27 6.54
N TRP A 67 -0.16 5.13 6.03
CA TRP A 67 -0.41 5.19 4.60
C TRP A 67 0.00 6.54 4.03
N ASP A 68 0.34 7.47 4.91
CA ASP A 68 0.76 8.81 4.48
C ASP A 68 2.24 9.02 4.76
N SER A 69 2.98 7.92 4.88
CA SER A 69 4.41 7.99 5.14
C SER A 69 5.19 8.20 3.85
N ASN A 70 4.59 7.81 2.73
CA ASN A 70 5.23 7.95 1.42
C ASN A 70 6.48 7.08 1.33
N ARG A 71 6.45 5.94 2.02
CA ARG A 71 7.57 5.02 2.01
C ARG A 71 7.20 3.71 1.32
N LEU A 72 6.13 3.75 0.53
CA LEU A 72 5.67 2.57 -0.20
C LEU A 72 5.74 2.79 -1.70
N ARG A 73 6.02 1.72 -2.44
CA ARG A 73 6.11 1.80 -3.90
C ARG A 73 5.09 0.89 -4.56
N PRO A 74 4.68 1.24 -5.78
CA PRO A 74 3.70 0.47 -6.56
C PRO A 74 4.25 -0.87 -7.02
N LEU A 75 4.01 -1.91 -6.23
CA LEU A 75 4.49 -3.25 -6.56
C LEU A 75 3.96 -3.70 -7.92
N GLU A 76 4.74 -4.52 -8.62
CA GLU A 76 4.33 -5.01 -9.92
C GLU A 76 2.83 -5.26 -9.98
N ARG A 77 2.22 -4.90 -11.10
CA ARG A 77 0.78 -5.07 -11.28
C ARG A 77 0.49 -5.90 -12.53
N PRO A 78 -0.53 -6.76 -12.44
CA PRO A 78 -0.94 -7.63 -13.55
C PRO A 78 -1.58 -6.84 -14.70
N ALA A 79 -1.70 -7.47 -15.85
CA ALA A 79 -2.30 -6.84 -17.02
C ALA A 79 -3.82 -6.91 -16.97
N LEU A 80 -4.47 -6.28 -17.94
CA LEU A 80 -5.93 -6.27 -18.00
C LEU A 80 -6.43 -7.26 -19.05
N ARG A 81 -5.59 -8.23 -19.40
CA ARG A 81 -5.95 -9.23 -20.38
C ARG A 81 -7.08 -10.11 -19.88
N LYS A 82 -8.32 -9.66 -20.10
CA LYS A 82 -9.49 -10.41 -19.67
C LYS A 82 -10.02 -11.30 -20.80
N GLU A 83 -10.83 -12.29 -20.43
CA GLU A 83 -11.39 -13.21 -21.41
C GLU A 83 -12.82 -12.82 -21.77
N GLY A 84 -13.13 -12.82 -23.06
CA GLY A 84 -14.47 -12.46 -23.50
C GLY A 84 -15.54 -13.26 -22.79
N LEU A 85 -16.81 -12.91 -23.04
CA LEU A 85 -17.93 -13.60 -22.42
C LEU A 85 -19.02 -13.90 -23.44
N LYS A 86 -19.97 -14.74 -23.07
CA LYS A 86 -21.07 -15.12 -23.94
C LYS A 86 -22.41 -14.93 -23.25
N ASP A 87 -23.30 -14.18 -23.88
CA ASP A 87 -24.62 -13.93 -23.32
C ASP A 87 -25.67 -13.83 -24.43
N GLU A 88 -26.94 -13.90 -24.04
CA GLU A 88 -28.03 -13.82 -25.00
C GLU A 88 -27.93 -12.54 -25.83
N GLY A 1 9.50 16.26 -6.01
CA GLY A 1 8.41 17.07 -6.54
C GLY A 1 7.30 17.27 -5.52
N SER A 2 7.61 17.99 -4.44
CA SER A 2 6.64 18.25 -3.40
C SER A 2 5.45 19.05 -3.93
N SER A 3 4.27 18.82 -3.37
CA SER A 3 3.07 19.51 -3.80
C SER A 3 2.43 20.26 -2.62
N GLY A 4 1.63 21.28 -2.95
CA GLY A 4 0.98 22.06 -1.91
C GLY A 4 -0.50 22.26 -2.19
N SER A 5 -1.20 21.16 -2.47
CA SER A 5 -2.63 21.23 -2.76
C SER A 5 -3.45 20.75 -1.56
N SER A 6 -4.40 21.57 -1.13
CA SER A 6 -5.25 21.24 0.00
C SER A 6 -6.31 20.21 -0.39
N GLY A 7 -6.76 19.42 0.58
CA GLY A 7 -7.77 18.42 0.31
C GLY A 7 -7.85 17.38 1.42
N MET A 8 -7.56 16.13 1.08
CA MET A 8 -7.61 15.05 2.05
C MET A 8 -6.38 14.15 1.92
N SER A 9 -5.83 13.76 3.06
CA SER A 9 -4.65 12.90 3.08
C SER A 9 -5.02 11.45 3.37
N LYS A 10 -5.83 11.26 4.40
CA LYS A 10 -6.28 9.93 4.80
C LYS A 10 -6.45 9.03 3.58
N LYS A 11 -7.52 9.25 2.83
CA LYS A 11 -7.79 8.46 1.63
C LYS A 11 -6.61 8.51 0.67
N PRO A 12 -6.49 7.47 -0.17
CA PRO A 12 -5.42 7.39 -1.17
C PRO A 12 -5.58 8.41 -2.29
N PRO A 13 -4.67 9.40 -2.31
CA PRO A 13 -4.69 10.46 -3.33
C PRO A 13 -4.30 9.94 -4.71
N ASN A 14 -4.51 10.77 -5.72
CA ASN A 14 -4.18 10.39 -7.09
C ASN A 14 -2.76 9.85 -7.18
N ARG A 15 -2.65 8.52 -7.23
CA ARG A 15 -1.34 7.87 -7.32
C ARG A 15 -1.38 6.72 -8.32
N PRO A 16 -0.78 6.94 -9.50
CA PRO A 16 -0.73 5.94 -10.56
C PRO A 16 0.19 4.77 -10.21
N GLY A 17 -0.32 3.84 -9.39
CA GLY A 17 0.46 2.69 -9.00
C GLY A 17 0.03 2.13 -7.66
N ILE A 18 0.35 2.84 -6.59
CA ILE A 18 -0.01 2.40 -5.25
C ILE A 18 -1.49 2.68 -4.96
N THR A 19 -2.14 1.75 -4.26
CA THR A 19 -3.54 1.90 -3.91
C THR A 19 -3.84 1.28 -2.55
N PHE A 20 -4.05 2.14 -1.55
CA PHE A 20 -4.34 1.68 -0.20
C PHE A 20 -5.65 0.91 -0.16
N GLU A 21 -5.55 -0.41 -0.08
CA GLU A 21 -6.73 -1.27 -0.03
C GLU A 21 -6.48 -2.50 0.83
N ILE A 22 -7.51 -3.32 1.00
CA ILE A 22 -7.40 -4.54 1.81
C ILE A 22 -6.94 -5.72 0.95
N GLY A 23 -5.73 -6.18 1.20
CA GLY A 23 -5.19 -7.30 0.44
C GLY A 23 -4.31 -6.86 -0.71
N ALA A 24 -4.28 -5.56 -0.96
CA ALA A 24 -3.48 -5.01 -2.05
C ALA A 24 -2.00 -5.31 -1.85
N ARG A 25 -1.31 -5.66 -2.94
CA ARG A 25 0.11 -5.98 -2.88
C ARG A 25 0.95 -4.78 -3.29
N LEU A 26 1.84 -4.35 -2.39
CA LEU A 26 2.70 -3.21 -2.67
C LEU A 26 4.06 -3.40 -1.99
N GLU A 27 4.97 -2.46 -2.24
CA GLU A 27 6.31 -2.51 -1.65
C GLU A 27 6.42 -1.57 -0.46
N ALA A 28 7.23 -1.96 0.52
CA ALA A 28 7.42 -1.15 1.71
C ALA A 28 8.91 -0.94 2.00
N LEU A 29 9.25 0.26 2.45
CA LEU A 29 10.64 0.60 2.75
C LEU A 29 10.95 0.31 4.21
N ASP A 30 11.65 -0.79 4.47
CA ASP A 30 12.02 -1.17 5.82
C ASP A 30 13.03 -0.19 6.41
N TYR A 31 13.17 -0.20 7.73
CA TYR A 31 14.10 0.69 8.41
C TYR A 31 15.48 0.65 7.75
N LEU A 32 15.79 -0.48 7.13
CA LEU A 32 17.08 -0.64 6.45
C LEU A 32 17.06 -0.01 5.07
N GLN A 33 16.06 0.84 4.84
CA GLN A 33 15.92 1.52 3.55
C GLN A 33 15.97 0.53 2.40
N LYS A 34 15.33 -0.63 2.60
CA LYS A 34 15.29 -1.66 1.57
C LYS A 34 13.89 -1.80 0.99
N TRP A 35 13.82 -2.20 -0.27
CA TRP A 35 12.53 -2.37 -0.95
C TRP A 35 12.15 -3.84 -1.02
N TYR A 36 10.90 -4.14 -0.66
CA TYR A 36 10.41 -5.52 -0.70
C TYR A 36 8.89 -5.54 -0.83
N PRO A 37 8.37 -6.65 -1.38
CA PRO A 37 6.93 -6.83 -1.59
C PRO A 37 6.19 -7.02 -0.28
N SER A 38 4.94 -6.56 -0.24
CA SER A 38 4.11 -6.66 0.96
C SER A 38 2.63 -6.60 0.60
N ARG A 39 1.78 -6.81 1.60
CA ARG A 39 0.33 -6.78 1.39
C ARG A 39 -0.35 -6.00 2.51
N ILE A 40 -1.60 -5.62 2.28
CA ILE A 40 -2.37 -4.87 3.27
C ILE A 40 -3.40 -5.76 3.96
N GLU A 41 -3.46 -5.67 5.28
CA GLU A 41 -4.39 -6.47 6.07
C GLU A 41 -5.54 -5.60 6.60
N LYS A 42 -5.19 -4.43 7.12
CA LYS A 42 -6.18 -3.51 7.67
C LYS A 42 -5.85 -2.08 7.30
N ILE A 43 -6.88 -1.23 7.22
CA ILE A 43 -6.69 0.18 6.89
C ILE A 43 -7.46 1.08 7.84
N ASP A 44 -6.76 1.56 8.88
CA ASP A 44 -7.39 2.45 9.86
C ASP A 44 -7.50 3.86 9.33
N TYR A 45 -8.71 4.26 8.96
CA TYR A 45 -8.95 5.59 8.43
C TYR A 45 -9.14 6.61 9.57
N GLU A 46 -9.64 6.13 10.71
CA GLU A 46 -9.86 6.99 11.85
C GLU A 46 -8.54 7.47 12.45
N GLU A 47 -7.49 6.66 12.30
CA GLU A 47 -6.17 7.00 12.81
C GLU A 47 -5.26 7.49 11.69
N GLY A 48 -5.36 6.84 10.53
CA GLY A 48 -4.54 7.22 9.40
C GLY A 48 -3.39 6.26 9.16
N LYS A 49 -3.57 5.01 9.59
CA LYS A 49 -2.55 3.99 9.42
C LYS A 49 -3.15 2.72 8.82
N MET A 50 -2.27 1.79 8.45
CA MET A 50 -2.71 0.52 7.87
C MET A 50 -1.81 -0.63 8.31
N LEU A 51 -2.39 -1.81 8.45
CA LEU A 51 -1.63 -3.00 8.87
C LEU A 51 -1.05 -3.72 7.67
N VAL A 52 0.22 -3.48 7.39
CA VAL A 52 0.90 -4.11 6.27
C VAL A 52 1.79 -5.26 6.74
N HIS A 53 1.78 -6.36 5.99
CA HIS A 53 2.58 -7.52 6.33
C HIS A 53 3.74 -7.69 5.35
N PHE A 54 4.91 -8.05 5.88
CA PHE A 54 6.09 -8.24 5.05
C PHE A 54 6.27 -9.71 4.67
N GLU A 55 6.48 -9.95 3.39
CA GLU A 55 6.66 -11.32 2.90
C GLU A 55 7.63 -12.10 3.79
N ARG A 56 8.73 -11.46 4.15
CA ARG A 56 9.73 -12.09 5.00
C ARG A 56 10.53 -11.05 5.77
N TRP A 57 10.61 -11.22 7.09
CA TRP A 57 11.35 -10.29 7.94
C TRP A 57 11.52 -10.87 9.34
N SER A 58 12.17 -10.09 10.20
CA SER A 58 12.41 -10.53 11.58
C SER A 58 11.12 -11.01 12.24
N HIS A 59 11.21 -11.37 13.51
CA HIS A 59 10.04 -11.84 14.24
C HIS A 59 8.83 -10.96 13.98
N ARG A 60 9.08 -9.72 13.58
CA ARG A 60 8.02 -8.77 13.29
C ARG A 60 7.64 -8.82 11.81
N TYR A 61 6.80 -9.79 11.45
CA TYR A 61 6.37 -9.95 10.06
C TYR A 61 5.33 -8.89 9.70
N ASP A 62 4.34 -8.72 10.57
CA ASP A 62 3.28 -7.74 10.34
C ASP A 62 3.48 -6.51 11.22
N GLU A 63 3.33 -5.34 10.62
CA GLU A 63 3.49 -4.08 11.34
C GLU A 63 2.67 -2.96 10.70
N TRP A 64 2.10 -2.11 11.53
CA TRP A 64 1.27 -1.00 11.04
C TRP A 64 2.16 0.11 10.49
N ILE A 65 1.81 0.61 9.31
CA ILE A 65 2.56 1.68 8.68
C ILE A 65 1.63 2.78 8.17
N TYR A 66 1.92 4.02 8.55
CA TYR A 66 1.12 5.17 8.13
C TYR A 66 1.04 5.25 6.61
N TRP A 67 -0.17 5.10 6.08
CA TRP A 67 -0.37 5.17 4.64
C TRP A 67 0.07 6.52 4.08
N ASP A 68 0.38 7.45 4.97
CA ASP A 68 0.82 8.78 4.58
C ASP A 68 2.31 8.97 4.88
N SER A 69 3.03 7.87 5.02
CA SER A 69 4.45 7.92 5.31
C SER A 69 5.27 8.17 4.05
N ASN A 70 4.71 7.77 2.91
CA ASN A 70 5.38 7.95 1.63
C ASN A 70 6.63 7.09 1.55
N ARG A 71 6.56 5.90 2.15
CA ARG A 71 7.69 4.98 2.14
C ARG A 71 7.34 3.69 1.42
N LEU A 72 6.27 3.74 0.63
CA LEU A 72 5.82 2.56 -0.11
C LEU A 72 5.87 2.82 -1.61
N ARG A 73 6.00 1.75 -2.39
CA ARG A 73 6.05 1.86 -3.84
C ARG A 73 5.02 0.95 -4.50
N PRO A 74 4.58 1.32 -5.71
CA PRO A 74 3.59 0.55 -6.46
C PRO A 74 4.16 -0.77 -6.98
N LEU A 75 3.94 -1.84 -6.21
CA LEU A 75 4.42 -3.16 -6.60
C LEU A 75 3.89 -3.57 -7.96
N GLU A 76 4.68 -4.35 -8.69
CA GLU A 76 4.28 -4.82 -10.02
C GLU A 76 2.89 -5.45 -9.99
N ARG A 77 1.93 -4.78 -10.61
CA ARG A 77 0.55 -5.28 -10.66
C ARG A 77 0.34 -6.17 -11.88
N PRO A 78 -0.37 -7.29 -11.67
CA PRO A 78 -0.67 -8.25 -12.74
C PRO A 78 -1.67 -7.69 -13.76
N ALA A 79 -1.61 -8.19 -14.98
CA ALA A 79 -2.50 -7.74 -16.03
C ALA A 79 -3.94 -8.13 -15.72
N LEU A 80 -4.86 -7.18 -15.91
CA LEU A 80 -6.27 -7.42 -15.65
C LEU A 80 -7.03 -7.68 -16.95
N ARG A 81 -7.56 -8.90 -17.09
CA ARG A 81 -8.30 -9.27 -18.28
C ARG A 81 -9.69 -9.80 -17.92
N LYS A 82 -10.31 -9.18 -16.92
CA LYS A 82 -11.63 -9.58 -16.48
C LYS A 82 -12.72 -9.00 -17.38
N GLU A 83 -13.89 -9.62 -17.37
CA GLU A 83 -15.00 -9.16 -18.18
C GLU A 83 -16.34 -9.58 -17.56
N GLY A 84 -17.32 -8.69 -17.65
CA GLY A 84 -18.64 -8.99 -17.10
C GLY A 84 -19.44 -7.74 -16.81
N LEU A 85 -20.23 -7.31 -17.78
CA LEU A 85 -21.05 -6.12 -17.64
C LEU A 85 -22.38 -6.45 -16.95
N LYS A 86 -22.42 -6.23 -15.64
CA LYS A 86 -23.62 -6.50 -14.86
C LYS A 86 -24.57 -5.31 -14.89
N ASP A 87 -25.82 -5.55 -15.31
CA ASP A 87 -26.81 -4.50 -15.38
C ASP A 87 -28.16 -5.00 -14.88
N GLU A 88 -28.80 -4.21 -14.02
CA GLU A 88 -30.10 -4.57 -13.48
C GLU A 88 -31.15 -4.69 -14.58
N GLY A 1 3.30 26.61 -4.69
CA GLY A 1 3.19 27.66 -3.69
C GLY A 1 3.12 27.12 -2.29
N SER A 2 2.26 27.72 -1.47
CA SER A 2 2.10 27.29 -0.08
C SER A 2 1.82 25.80 0.01
N SER A 3 0.86 25.34 -0.78
CA SER A 3 0.50 23.92 -0.79
C SER A 3 0.34 23.39 0.63
N GLY A 4 -0.31 24.16 1.49
CA GLY A 4 -0.50 23.76 2.86
C GLY A 4 -1.05 22.35 2.98
N SER A 5 -2.23 22.12 2.41
CA SER A 5 -2.87 20.82 2.45
C SER A 5 -3.83 20.64 1.29
N SER A 6 -3.74 19.49 0.62
CA SER A 6 -4.61 19.20 -0.52
C SER A 6 -6.06 19.06 -0.07
N GLY A 7 -6.29 18.17 0.89
CA GLY A 7 -7.63 17.96 1.40
C GLY A 7 -7.70 16.83 2.41
N MET A 8 -8.00 15.62 1.93
CA MET A 8 -8.09 14.47 2.81
C MET A 8 -6.90 13.53 2.59
N SER A 9 -5.97 13.55 3.53
CA SER A 9 -4.78 12.70 3.45
C SER A 9 -5.15 11.23 3.63
N LYS A 10 -5.94 10.94 4.66
CA LYS A 10 -6.36 9.58 4.94
C LYS A 10 -6.54 8.78 3.65
N LYS A 11 -7.59 9.10 2.90
CA LYS A 11 -7.87 8.43 1.64
C LYS A 11 -6.67 8.51 0.70
N PRO A 12 -6.52 7.50 -0.17
CA PRO A 12 -5.43 7.44 -1.13
C PRO A 12 -5.57 8.49 -2.23
N PRO A 13 -4.69 9.49 -2.22
CA PRO A 13 -4.70 10.57 -3.21
C PRO A 13 -4.27 10.09 -4.59
N ASN A 14 -4.33 10.99 -5.57
CA ASN A 14 -3.95 10.66 -6.94
C ASN A 14 -2.56 10.02 -6.97
N ARG A 15 -2.53 8.70 -7.07
CA ARG A 15 -1.28 7.97 -7.11
C ARG A 15 -1.31 6.90 -8.19
N PRO A 16 -0.71 7.20 -9.36
CA PRO A 16 -0.67 6.29 -10.50
C PRO A 16 0.26 5.09 -10.24
N GLY A 17 -0.25 4.11 -9.49
CA GLY A 17 0.55 2.94 -9.19
C GLY A 17 0.14 2.29 -7.88
N ILE A 18 0.37 3.00 -6.78
CA ILE A 18 0.03 2.49 -5.46
C ILE A 18 -1.44 2.75 -5.13
N THR A 19 -2.05 1.81 -4.41
CA THR A 19 -3.46 1.94 -4.02
C THR A 19 -3.70 1.33 -2.65
N PHE A 20 -3.91 2.20 -1.66
CA PHE A 20 -4.17 1.75 -0.29
C PHE A 20 -5.51 1.03 -0.20
N GLU A 21 -5.46 -0.30 -0.10
CA GLU A 21 -6.66 -1.11 -0.01
C GLU A 21 -6.43 -2.33 0.87
N ILE A 22 -7.46 -3.16 1.01
CA ILE A 22 -7.37 -4.37 1.82
C ILE A 22 -6.89 -5.55 0.98
N GLY A 23 -5.66 -5.99 1.24
CA GLY A 23 -5.11 -7.11 0.51
C GLY A 23 -4.27 -6.68 -0.68
N ALA A 24 -4.17 -5.36 -0.88
CA ALA A 24 -3.39 -4.81 -1.98
C ALA A 24 -1.93 -5.24 -1.89
N ARG A 25 -1.35 -5.60 -3.04
CA ARG A 25 0.04 -6.03 -3.09
C ARG A 25 0.95 -4.89 -3.51
N LEU A 26 1.85 -4.50 -2.62
CA LEU A 26 2.79 -3.41 -2.90
C LEU A 26 4.10 -3.61 -2.14
N GLU A 27 5.06 -2.73 -2.39
CA GLU A 27 6.36 -2.81 -1.73
C GLU A 27 6.49 -1.73 -0.66
N ALA A 28 7.29 -2.02 0.37
CA ALA A 28 7.51 -1.06 1.45
C ALA A 28 8.99 -0.84 1.70
N LEU A 29 9.33 0.33 2.24
CA LEU A 29 10.72 0.66 2.52
C LEU A 29 11.09 0.31 3.96
N ASP A 30 11.94 -0.70 4.12
CA ASP A 30 12.36 -1.14 5.44
C ASP A 30 13.31 -0.11 6.06
N TYR A 31 13.50 -0.21 7.38
CA TYR A 31 14.36 0.71 8.10
C TYR A 31 15.75 0.78 7.45
N LEU A 32 16.12 -0.30 6.77
CA LEU A 32 17.42 -0.36 6.10
C LEU A 32 17.32 0.18 4.68
N GLN A 33 16.25 0.92 4.40
CA GLN A 33 16.04 1.50 3.08
C GLN A 33 15.99 0.42 2.01
N LYS A 34 15.59 -0.79 2.41
CA LYS A 34 15.51 -1.91 1.50
C LYS A 34 14.08 -2.10 0.99
N TRP A 35 13.94 -2.30 -0.31
CA TRP A 35 12.62 -2.49 -0.91
C TRP A 35 12.23 -3.97 -0.89
N TYR A 36 10.95 -4.24 -0.59
CA TYR A 36 10.45 -5.61 -0.54
C TYR A 36 8.94 -5.63 -0.69
N PRO A 37 8.41 -6.77 -1.15
CA PRO A 37 6.97 -6.96 -1.35
C PRO A 37 6.21 -7.04 -0.03
N SER A 38 4.95 -6.58 -0.05
CA SER A 38 4.12 -6.60 1.14
C SER A 38 2.65 -6.49 0.78
N ARG A 39 1.78 -6.62 1.78
CA ARG A 39 0.34 -6.54 1.57
C ARG A 39 -0.33 -5.75 2.69
N ILE A 40 -1.57 -5.33 2.44
CA ILE A 40 -2.32 -4.57 3.43
C ILE A 40 -3.36 -5.44 4.13
N GLU A 41 -3.04 -5.87 5.35
CA GLU A 41 -3.94 -6.71 6.13
C GLU A 41 -5.15 -5.92 6.60
N LYS A 42 -4.91 -4.67 6.99
CA LYS A 42 -5.99 -3.80 7.47
C LYS A 42 -5.70 -2.35 7.11
N ILE A 43 -6.66 -1.47 7.42
CA ILE A 43 -6.52 -0.05 7.13
C ILE A 43 -7.31 0.80 8.12
N ASP A 44 -6.59 1.49 9.00
CA ASP A 44 -7.23 2.34 10.01
C ASP A 44 -7.51 3.73 9.44
N TYR A 45 -8.78 3.99 9.15
CA TYR A 45 -9.20 5.28 8.60
C TYR A 45 -9.43 6.30 9.71
N GLU A 46 -9.73 5.79 10.91
CA GLU A 46 -9.98 6.66 12.05
C GLU A 46 -8.68 7.22 12.62
N GLU A 47 -7.61 6.44 12.49
CA GLU A 47 -6.31 6.85 12.99
C GLU A 47 -5.40 7.29 11.83
N GLY A 48 -5.43 6.52 10.75
CA GLY A 48 -4.61 6.86 9.60
C GLY A 48 -3.44 5.90 9.42
N LYS A 49 -3.54 4.73 10.04
CA LYS A 49 -2.49 3.73 9.96
C LYS A 49 -3.03 2.41 9.41
N MET A 50 -2.32 1.83 8.45
CA MET A 50 -2.74 0.57 7.85
C MET A 50 -1.81 -0.56 8.27
N LEU A 51 -2.37 -1.76 8.41
CA LEU A 51 -1.59 -2.93 8.81
C LEU A 51 -0.95 -3.60 7.60
N VAL A 52 0.34 -3.36 7.40
CA VAL A 52 1.06 -3.95 6.29
C VAL A 52 1.94 -5.11 6.75
N HIS A 53 2.01 -6.15 5.94
CA HIS A 53 2.82 -7.32 6.26
C HIS A 53 3.92 -7.53 5.22
N PHE A 54 5.09 -7.95 5.69
CA PHE A 54 6.22 -8.18 4.80
C PHE A 54 6.31 -9.65 4.41
N GLU A 55 6.40 -9.91 3.11
CA GLU A 55 6.49 -11.28 2.61
C GLU A 55 7.49 -12.09 3.42
N ARG A 56 8.70 -11.55 3.57
CA ARG A 56 9.75 -12.23 4.33
C ARG A 56 10.86 -11.25 4.71
N TRP A 57 11.86 -11.75 5.42
CA TRP A 57 12.98 -10.92 5.85
C TRP A 57 12.52 -9.82 6.79
N SER A 58 11.84 -10.20 7.86
CA SER A 58 11.34 -9.24 8.85
C SER A 58 10.85 -9.95 10.10
N HIS A 59 11.16 -9.38 11.26
CA HIS A 59 10.75 -9.95 12.53
C HIS A 59 9.26 -9.76 12.76
N ARG A 60 8.78 -8.53 12.57
CA ARG A 60 7.38 -8.21 12.76
C ARG A 60 6.59 -8.42 11.47
N TYR A 61 6.27 -9.68 11.19
CA TYR A 61 5.52 -10.03 9.98
C TYR A 61 4.53 -8.92 9.62
N ASP A 62 3.67 -8.58 10.56
CA ASP A 62 2.67 -7.55 10.35
C ASP A 62 2.99 -6.31 11.20
N GLU A 63 3.10 -5.16 10.53
CA GLU A 63 3.39 -3.91 11.22
C GLU A 63 2.59 -2.75 10.62
N TRP A 64 1.88 -2.02 11.47
CA TRP A 64 1.07 -0.90 11.04
C TRP A 64 1.97 0.25 10.57
N ILE A 65 1.71 0.74 9.35
CA ILE A 65 2.49 1.84 8.80
C ILE A 65 1.58 2.90 8.20
N TYR A 66 1.70 4.13 8.70
CA TYR A 66 0.89 5.25 8.23
C TYR A 66 0.83 5.26 6.70
N TRP A 67 -0.37 5.17 6.16
CA TRP A 67 -0.57 5.18 4.72
C TRP A 67 -0.04 6.47 4.10
N ASP A 68 0.33 7.42 4.95
CA ASP A 68 0.86 8.69 4.49
C ASP A 68 2.35 8.80 4.80
N SER A 69 3.01 7.66 4.98
CA SER A 69 4.43 7.64 5.29
C SER A 69 5.27 7.85 4.04
N ASN A 70 4.68 7.54 2.88
CA ASN A 70 5.37 7.70 1.61
C ASN A 70 6.58 6.77 1.53
N ARG A 71 6.51 5.65 2.25
CA ARG A 71 7.60 4.68 2.26
C ARG A 71 7.23 3.44 1.45
N LEU A 72 6.23 3.58 0.59
CA LEU A 72 5.77 2.46 -0.23
C LEU A 72 5.85 2.82 -1.71
N ARG A 73 5.96 1.80 -2.56
CA ARG A 73 6.05 2.01 -4.00
C ARG A 73 5.09 1.07 -4.74
N PRO A 74 4.67 1.48 -5.95
CA PRO A 74 3.76 0.70 -6.78
C PRO A 74 4.42 -0.56 -7.33
N LEU A 75 4.16 -1.70 -6.70
CA LEU A 75 4.72 -2.97 -7.14
C LEU A 75 4.36 -3.26 -8.59
N GLU A 76 5.28 -3.85 -9.32
CA GLU A 76 5.06 -4.19 -10.72
C GLU A 76 4.50 -5.60 -10.85
N ARG A 77 3.20 -5.70 -11.12
CA ARG A 77 2.55 -6.99 -11.27
C ARG A 77 1.84 -7.08 -12.62
N PRO A 78 1.89 -8.28 -13.23
CA PRO A 78 1.26 -8.53 -14.53
C PRO A 78 -0.26 -8.52 -14.44
N ALA A 79 -0.91 -8.51 -15.61
CA ALA A 79 -2.37 -8.49 -15.67
C ALA A 79 -2.86 -8.82 -17.07
N LEU A 80 -3.92 -9.62 -17.16
CA LEU A 80 -4.49 -10.01 -18.44
C LEU A 80 -5.77 -9.24 -18.72
N ARG A 81 -6.33 -8.63 -17.69
CA ARG A 81 -7.56 -7.85 -17.82
C ARG A 81 -7.36 -6.43 -17.33
N LYS A 82 -8.42 -5.62 -17.42
CA LYS A 82 -8.36 -4.23 -16.98
C LYS A 82 -9.74 -3.73 -16.59
N GLU A 83 -9.97 -3.60 -15.28
CA GLU A 83 -11.26 -3.12 -14.78
C GLU A 83 -11.06 -2.07 -13.69
N GLY A 84 -12.17 -1.52 -13.21
CA GLY A 84 -12.09 -0.50 -12.17
C GLY A 84 -13.40 -0.34 -11.43
N LEU A 85 -13.68 0.89 -11.00
CA LEU A 85 -14.91 1.18 -10.27
C LEU A 85 -16.00 1.68 -11.22
N LYS A 86 -17.22 1.18 -11.03
CA LYS A 86 -18.35 1.58 -11.87
C LYS A 86 -19.65 1.55 -11.07
N ASP A 87 -20.58 2.43 -11.43
CA ASP A 87 -21.87 2.50 -10.76
C ASP A 87 -23.00 2.70 -11.77
N GLU A 88 -24.21 2.35 -11.36
CA GLU A 88 -25.38 2.50 -12.23
C GLU A 88 -25.82 3.96 -12.29
N GLY A 1 8.09 15.63 -11.23
CA GLY A 1 6.66 15.86 -11.25
C GLY A 1 6.12 16.28 -9.89
N SER A 2 6.20 17.57 -9.59
CA SER A 2 5.73 18.09 -8.31
C SER A 2 4.22 18.31 -8.34
N SER A 3 3.56 17.97 -7.23
CA SER A 3 2.11 18.13 -7.14
C SER A 3 1.73 19.59 -6.91
N GLY A 4 0.51 19.94 -7.27
CA GLY A 4 0.05 21.31 -7.10
C GLY A 4 -0.69 21.52 -5.80
N SER A 5 -1.96 21.12 -5.77
CA SER A 5 -2.78 21.27 -4.57
C SER A 5 -3.28 19.92 -4.08
N SER A 6 -3.25 19.72 -2.76
CA SER A 6 -3.69 18.46 -2.17
C SER A 6 -4.47 18.73 -0.88
N GLY A 7 -5.65 18.11 -0.78
CA GLY A 7 -6.48 18.29 0.40
C GLY A 7 -6.45 17.09 1.31
N MET A 8 -7.57 16.37 1.39
CA MET A 8 -7.68 15.19 2.23
C MET A 8 -6.40 14.36 2.17
N SER A 9 -6.05 13.72 3.28
CA SER A 9 -4.85 12.91 3.36
C SER A 9 -5.20 11.44 3.61
N LYS A 10 -6.05 11.20 4.60
CA LYS A 10 -6.47 9.86 4.95
C LYS A 10 -6.60 8.99 3.71
N LYS A 11 -7.66 9.22 2.94
CA LYS A 11 -7.90 8.47 1.71
C LYS A 11 -6.71 8.58 0.76
N PRO A 12 -6.55 7.57 -0.11
CA PRO A 12 -5.47 7.53 -1.10
C PRO A 12 -5.64 8.58 -2.19
N PRO A 13 -4.68 9.52 -2.26
CA PRO A 13 -4.70 10.60 -3.26
C PRO A 13 -4.45 10.08 -4.67
N ASN A 14 -4.48 10.99 -5.64
CA ASN A 14 -4.26 10.62 -7.04
C ASN A 14 -2.84 10.10 -7.24
N ARG A 15 -2.71 8.77 -7.30
CA ARG A 15 -1.41 8.15 -7.49
C ARG A 15 -1.51 6.96 -8.45
N PRO A 16 -1.03 7.17 -9.69
CA PRO A 16 -1.06 6.13 -10.72
C PRO A 16 -0.10 4.99 -10.43
N GLY A 17 -0.52 4.06 -9.57
CA GLY A 17 0.32 2.93 -9.21
C GLY A 17 -0.06 2.33 -7.87
N ILE A 18 0.24 3.03 -6.80
CA ILE A 18 -0.08 2.56 -5.46
C ILE A 18 -1.54 2.82 -5.11
N THR A 19 -2.14 1.87 -4.40
CA THR A 19 -3.54 1.99 -3.99
C THR A 19 -3.77 1.38 -2.62
N PHE A 20 -4.00 2.24 -1.63
CA PHE A 20 -4.24 1.78 -0.26
C PHE A 20 -5.57 1.05 -0.17
N GLU A 21 -5.52 -0.27 -0.10
CA GLU A 21 -6.72 -1.09 0.00
C GLU A 21 -6.46 -2.35 0.83
N ILE A 22 -7.52 -3.10 1.09
CA ILE A 22 -7.40 -4.33 1.87
C ILE A 22 -6.98 -5.50 0.99
N GLY A 23 -5.76 -5.98 1.20
CA GLY A 23 -5.25 -7.09 0.41
C GLY A 23 -4.40 -6.64 -0.77
N ALA A 24 -4.17 -5.33 -0.85
CA ALA A 24 -3.37 -4.77 -1.93
C ALA A 24 -1.91 -5.20 -1.82
N ARG A 25 -1.29 -5.48 -2.96
CA ARG A 25 0.10 -5.90 -2.99
C ARG A 25 1.02 -4.74 -3.39
N LEU A 26 1.86 -4.32 -2.46
CA LEU A 26 2.79 -3.22 -2.72
C LEU A 26 4.12 -3.44 -2.00
N GLU A 27 5.05 -2.53 -2.21
CA GLU A 27 6.37 -2.62 -1.58
C GLU A 27 6.53 -1.58 -0.48
N ALA A 28 7.27 -1.93 0.56
CA ALA A 28 7.50 -1.02 1.68
C ALA A 28 8.98 -0.75 1.87
N LEU A 29 9.31 0.44 2.37
CA LEU A 29 10.70 0.82 2.60
C LEU A 29 11.08 0.62 4.05
N ASP A 30 11.96 -0.35 4.30
CA ASP A 30 12.42 -0.65 5.65
C ASP A 30 13.38 0.43 6.15
N TYR A 31 13.58 0.47 7.46
CA TYR A 31 14.48 1.45 8.06
C TYR A 31 15.84 1.44 7.38
N LEU A 32 16.12 0.35 6.64
CA LEU A 32 17.39 0.21 5.95
C LEU A 32 17.25 0.63 4.49
N GLN A 33 16.23 1.44 4.19
CA GLN A 33 15.99 1.90 2.84
C GLN A 33 15.94 0.74 1.85
N LYS A 34 15.43 -0.39 2.32
CA LYS A 34 15.33 -1.58 1.48
C LYS A 34 13.91 -1.74 0.93
N TRP A 35 13.82 -2.20 -0.31
CA TRP A 35 12.53 -2.39 -0.95
C TRP A 35 12.14 -3.87 -0.96
N TYR A 36 10.92 -4.16 -0.51
CA TYR A 36 10.44 -5.53 -0.46
C TYR A 36 8.92 -5.57 -0.63
N PRO A 37 8.41 -6.71 -1.12
CA PRO A 37 6.97 -6.91 -1.33
C PRO A 37 6.20 -7.02 -0.03
N SER A 38 4.96 -6.53 -0.01
CA SER A 38 4.13 -6.58 1.18
C SER A 38 2.65 -6.47 0.80
N ARG A 39 1.78 -6.62 1.80
CA ARG A 39 0.34 -6.54 1.58
C ARG A 39 -0.32 -5.73 2.68
N ILE A 40 -1.56 -5.31 2.43
CA ILE A 40 -2.32 -4.53 3.41
C ILE A 40 -3.35 -5.39 4.12
N GLU A 41 -3.03 -5.78 5.35
CA GLU A 41 -3.93 -6.61 6.15
C GLU A 41 -5.13 -5.80 6.62
N LYS A 42 -4.87 -4.61 7.14
CA LYS A 42 -5.93 -3.74 7.63
C LYS A 42 -5.61 -2.28 7.35
N ILE A 43 -6.64 -1.45 7.32
CA ILE A 43 -6.47 -0.02 7.06
C ILE A 43 -7.31 0.82 8.01
N ASP A 44 -6.66 1.52 8.93
CA ASP A 44 -7.35 2.36 9.89
C ASP A 44 -7.50 3.79 9.36
N TYR A 45 -8.71 4.16 8.99
CA TYR A 45 -8.99 5.49 8.47
C TYR A 45 -9.16 6.50 9.60
N GLU A 46 -9.66 6.02 10.74
CA GLU A 46 -9.88 6.88 11.89
C GLU A 46 -8.55 7.37 12.47
N GLU A 47 -7.52 6.53 12.35
CA GLU A 47 -6.20 6.86 12.85
C GLU A 47 -5.30 7.40 11.74
N GLY A 48 -5.43 6.80 10.56
CA GLY A 48 -4.62 7.22 9.43
C GLY A 48 -3.45 6.28 9.16
N LYS A 49 -3.63 5.00 9.49
CA LYS A 49 -2.59 4.01 9.29
C LYS A 49 -3.15 2.74 8.68
N MET A 50 -2.30 1.74 8.49
CA MET A 50 -2.73 0.47 7.91
C MET A 50 -1.77 -0.65 8.30
N LEU A 51 -2.32 -1.82 8.59
CA LEU A 51 -1.51 -2.98 8.97
C LEU A 51 -0.94 -3.68 7.74
N VAL A 52 0.33 -3.40 7.46
CA VAL A 52 1.00 -4.01 6.32
C VAL A 52 1.82 -5.23 6.74
N HIS A 53 1.78 -6.28 5.93
CA HIS A 53 2.52 -7.49 6.22
C HIS A 53 3.74 -7.62 5.31
N PHE A 54 4.88 -7.95 5.92
CA PHE A 54 6.12 -8.11 5.17
C PHE A 54 6.29 -9.54 4.66
N GLU A 55 6.88 -9.67 3.48
CA GLU A 55 7.09 -10.98 2.89
C GLU A 55 8.54 -11.45 3.10
N ARG A 56 9.49 -10.64 2.64
CA ARG A 56 10.90 -10.97 2.79
C ARG A 56 11.51 -10.25 3.99
N TRP A 57 12.80 -10.49 4.23
CA TRP A 57 13.49 -9.87 5.34
C TRP A 57 12.56 -9.71 6.54
N SER A 58 11.72 -10.72 6.78
CA SER A 58 10.78 -10.68 7.89
C SER A 58 10.02 -12.00 7.99
N HIS A 59 10.07 -12.61 9.18
CA HIS A 59 9.39 -13.88 9.41
C HIS A 59 7.87 -13.70 9.39
N ARG A 60 7.33 -13.43 8.21
CA ARG A 60 5.90 -13.23 8.05
C ARG A 60 5.37 -12.28 9.11
N TYR A 61 6.17 -11.29 9.48
CA TYR A 61 5.78 -10.31 10.48
C TYR A 61 4.85 -9.26 9.89
N ASP A 62 4.01 -8.68 10.74
CA ASP A 62 3.07 -7.66 10.29
C ASP A 62 3.14 -6.43 11.19
N GLU A 63 3.25 -5.26 10.57
CA GLU A 63 3.34 -4.00 11.32
C GLU A 63 2.49 -2.91 10.66
N TRP A 64 2.06 -1.95 11.46
CA TRP A 64 1.24 -0.85 10.95
C TRP A 64 2.11 0.27 10.40
N ILE A 65 1.78 0.71 9.19
CA ILE A 65 2.53 1.78 8.54
C ILE A 65 1.60 2.88 8.04
N TYR A 66 1.86 4.11 8.46
CA TYR A 66 1.04 5.25 8.05
C TYR A 66 0.93 5.31 6.53
N TRP A 67 -0.29 5.16 6.03
CA TRP A 67 -0.54 5.20 4.59
C TRP A 67 -0.13 6.54 4.01
N ASP A 68 0.20 7.49 4.88
CA ASP A 68 0.61 8.82 4.45
C ASP A 68 2.11 9.01 4.67
N SER A 69 2.85 7.91 4.76
CA SER A 69 4.29 7.97 4.98
C SER A 69 5.03 8.15 3.66
N ASN A 70 4.43 7.67 2.58
CA ASN A 70 5.04 7.78 1.26
C ASN A 70 6.28 6.92 1.16
N ARG A 71 6.32 5.84 1.94
CA ARG A 71 7.46 4.94 1.94
C ARG A 71 7.11 3.61 1.26
N LEU A 72 6.05 3.64 0.46
CA LEU A 72 5.61 2.45 -0.26
C LEU A 72 5.64 2.67 -1.77
N ARG A 73 5.84 1.59 -2.52
CA ARG A 73 5.89 1.68 -3.97
C ARG A 73 4.88 0.72 -4.60
N PRO A 74 4.43 1.07 -5.82
CA PRO A 74 3.45 0.26 -6.56
C PRO A 74 4.05 -1.05 -7.05
N LEU A 75 3.89 -2.11 -6.25
CA LEU A 75 4.41 -3.42 -6.60
C LEU A 75 3.84 -3.90 -7.93
N GLU A 76 4.72 -4.33 -8.83
CA GLU A 76 4.30 -4.81 -10.14
C GLU A 76 3.84 -6.26 -10.06
N ARG A 77 2.57 -6.49 -10.38
CA ARG A 77 2.00 -7.83 -10.34
C ARG A 77 1.46 -8.23 -11.71
N PRO A 78 1.56 -9.51 -12.05
CA PRO A 78 1.09 -10.05 -13.32
C PRO A 78 -0.44 -10.05 -13.42
N ALA A 79 -0.94 -9.91 -14.65
CA ALA A 79 -2.38 -9.90 -14.87
C ALA A 79 -2.78 -10.94 -15.92
N LEU A 80 -2.91 -12.19 -15.48
CA LEU A 80 -3.28 -13.28 -16.37
C LEU A 80 -4.75 -13.17 -16.78
N ARG A 81 -5.00 -12.59 -17.94
CA ARG A 81 -6.36 -12.43 -18.45
C ARG A 81 -6.53 -13.10 -19.80
N LYS A 82 -6.83 -14.40 -19.77
CA LYS A 82 -7.01 -15.17 -20.99
C LYS A 82 -8.48 -15.56 -21.17
N GLU A 83 -9.16 -14.90 -22.10
CA GLU A 83 -10.57 -15.20 -22.36
C GLU A 83 -10.91 -14.96 -23.83
N GLY A 84 -11.86 -15.72 -24.34
CA GLY A 84 -12.25 -15.58 -25.73
C GLY A 84 -13.59 -14.86 -25.88
N LEU A 85 -13.57 -13.56 -25.59
CA LEU A 85 -14.78 -12.74 -25.70
C LEU A 85 -15.97 -13.47 -25.07
N LYS A 86 -15.75 -14.08 -23.91
CA LYS A 86 -16.81 -14.80 -23.20
C LYS A 86 -17.99 -13.89 -22.91
N ASP A 87 -17.79 -12.94 -22.00
CA ASP A 87 -18.84 -11.99 -21.63
C ASP A 87 -19.70 -11.64 -22.84
N GLU A 88 -20.96 -12.06 -22.81
CA GLU A 88 -21.88 -11.79 -23.90
C GLU A 88 -22.87 -10.69 -23.52
N GLY A 1 15.61 21.91 5.38
CA GLY A 1 14.39 21.22 5.77
C GLY A 1 13.66 20.62 4.58
N SER A 2 13.25 21.47 3.65
CA SER A 2 12.53 21.01 2.46
C SER A 2 11.53 19.92 2.82
N SER A 3 10.84 20.10 3.93
CA SER A 3 9.85 19.13 4.39
C SER A 3 8.77 19.80 5.23
N GLY A 4 7.51 19.49 4.92
CA GLY A 4 6.41 20.08 5.65
C GLY A 4 5.31 19.07 5.95
N SER A 5 4.38 19.44 6.82
CA SER A 5 3.28 18.56 7.19
C SER A 5 2.09 18.75 6.25
N SER A 6 1.19 17.77 6.25
CA SER A 6 0.01 17.83 5.39
C SER A 6 -1.18 17.15 6.07
N GLY A 7 -2.38 17.45 5.57
CA GLY A 7 -3.58 16.85 6.14
C GLY A 7 -4.50 16.29 5.07
N MET A 8 -5.71 15.92 5.47
CA MET A 8 -6.70 15.37 4.54
C MET A 8 -6.03 14.39 3.59
N SER A 9 -5.12 13.58 4.11
CA SER A 9 -4.41 12.60 3.30
C SER A 9 -4.81 11.18 3.69
N LYS A 10 -5.78 11.08 4.60
CA LYS A 10 -6.25 9.78 5.06
C LYS A 10 -6.42 8.81 3.90
N LYS A 11 -7.48 9.00 3.12
CA LYS A 11 -7.75 8.15 1.97
C LYS A 11 -6.63 8.25 0.94
N PRO A 12 -6.55 7.25 0.04
CA PRO A 12 -5.53 7.20 -1.01
C PRO A 12 -5.75 8.28 -2.07
N PRO A 13 -4.85 9.27 -2.09
CA PRO A 13 -4.91 10.38 -3.05
C PRO A 13 -4.60 9.93 -4.48
N ASN A 14 -4.91 10.77 -5.45
CA ASN A 14 -4.65 10.46 -6.85
C ASN A 14 -3.24 9.98 -7.05
N ARG A 15 -3.07 8.65 -7.15
CA ARG A 15 -1.76 8.05 -7.35
C ARG A 15 -1.83 6.90 -8.34
N PRO A 16 -1.34 7.14 -9.57
CA PRO A 16 -1.34 6.13 -10.63
C PRO A 16 -0.35 5.00 -10.36
N GLY A 17 -0.77 4.06 -9.51
CA GLY A 17 0.09 2.94 -9.18
C GLY A 17 -0.26 2.31 -7.85
N ILE A 18 0.09 3.00 -6.76
CA ILE A 18 -0.19 2.50 -5.41
C ILE A 18 -1.66 2.71 -5.06
N THR A 19 -2.23 1.75 -4.32
CA THR A 19 -3.61 1.83 -3.90
C THR A 19 -3.81 1.22 -2.52
N PHE A 20 -4.01 2.08 -1.52
CA PHE A 20 -4.21 1.63 -0.15
C PHE A 20 -5.54 0.90 -0.01
N GLU A 21 -5.48 -0.43 0.05
CA GLU A 21 -6.69 -1.24 0.19
C GLU A 21 -6.40 -2.50 1.01
N ILE A 22 -7.42 -3.33 1.17
CA ILE A 22 -7.28 -4.57 1.94
C ILE A 22 -6.74 -5.70 1.06
N GLY A 23 -5.51 -6.11 1.33
CA GLY A 23 -4.90 -7.18 0.56
C GLY A 23 -4.09 -6.66 -0.62
N ALA A 24 -4.01 -5.34 -0.74
CA ALA A 24 -3.26 -4.72 -1.82
C ALA A 24 -1.81 -5.15 -1.80
N ARG A 25 -1.27 -5.47 -2.98
CA ARG A 25 0.12 -5.90 -3.10
C ARG A 25 1.02 -4.74 -3.51
N LEU A 26 1.93 -4.36 -2.63
CA LEU A 26 2.85 -3.26 -2.91
C LEU A 26 4.20 -3.50 -2.24
N GLU A 27 5.12 -2.56 -2.44
CA GLU A 27 6.45 -2.67 -1.84
C GLU A 27 6.61 -1.69 -0.68
N ALA A 28 7.38 -2.10 0.33
CA ALA A 28 7.61 -1.26 1.49
C ALA A 28 9.10 -0.97 1.67
N LEU A 29 9.42 0.22 2.17
CA LEU A 29 10.80 0.61 2.39
C LEU A 29 11.25 0.28 3.82
N ASP A 30 12.32 -0.49 3.92
CA ASP A 30 12.85 -0.88 5.22
C ASP A 30 13.74 0.22 5.81
N TYR A 31 13.95 0.17 7.12
CA TYR A 31 14.77 1.17 7.79
C TYR A 31 16.11 1.34 7.09
N LEU A 32 16.47 0.36 6.25
CA LEU A 32 17.72 0.40 5.51
C LEU A 32 17.49 0.84 4.07
N GLN A 33 16.41 1.59 3.84
CA GLN A 33 16.08 2.07 2.52
C GLN A 33 16.02 0.92 1.52
N LYS A 34 15.61 -0.26 2.00
CA LYS A 34 15.51 -1.44 1.15
C LYS A 34 14.07 -1.67 0.71
N TRP A 35 13.89 -1.98 -0.57
CA TRP A 35 12.55 -2.22 -1.12
C TRP A 35 12.22 -3.71 -1.08
N TYR A 36 11.00 -4.02 -0.66
CA TYR A 36 10.55 -5.41 -0.56
C TYR A 36 9.04 -5.51 -0.74
N PRO A 37 8.58 -6.67 -1.21
CA PRO A 37 7.15 -6.93 -1.42
C PRO A 37 6.37 -7.03 -0.11
N SER A 38 5.14 -6.54 -0.12
CA SER A 38 4.30 -6.57 1.07
C SER A 38 2.82 -6.52 0.69
N ARG A 39 1.95 -6.68 1.69
CA ARG A 39 0.51 -6.65 1.46
C ARG A 39 -0.21 -5.93 2.59
N ILE A 40 -1.46 -5.56 2.35
CA ILE A 40 -2.26 -4.86 3.35
C ILE A 40 -3.24 -5.81 4.02
N GLU A 41 -3.33 -5.72 5.35
CA GLU A 41 -4.24 -6.57 6.11
C GLU A 41 -5.40 -5.75 6.67
N LYS A 42 -5.09 -4.56 7.16
CA LYS A 42 -6.12 -3.68 7.72
C LYS A 42 -5.85 -2.22 7.35
N ILE A 43 -6.83 -1.37 7.59
CA ILE A 43 -6.70 0.05 7.28
C ILE A 43 -7.52 0.90 8.25
N ASP A 44 -6.83 1.55 9.18
CA ASP A 44 -7.48 2.40 10.16
C ASP A 44 -7.63 3.83 9.64
N TYR A 45 -8.85 4.21 9.29
CA TYR A 45 -9.13 5.54 8.77
C TYR A 45 -9.29 6.54 9.91
N GLU A 46 -9.67 6.04 11.07
CA GLU A 46 -9.87 6.89 12.24
C GLU A 46 -8.53 7.40 12.77
N GLU A 47 -7.48 6.60 12.61
CA GLU A 47 -6.15 6.96 13.07
C GLU A 47 -5.27 7.38 11.90
N GLY A 48 -5.41 6.68 10.78
CA GLY A 48 -4.62 7.00 9.61
C GLY A 48 -3.45 6.05 9.42
N LYS A 49 -3.58 4.85 9.97
CA LYS A 49 -2.53 3.85 9.86
C LYS A 49 -3.07 2.54 9.30
N MET A 50 -2.27 1.86 8.49
CA MET A 50 -2.68 0.59 7.89
C MET A 50 -1.77 -0.54 8.33
N LEU A 51 -2.33 -1.74 8.45
CA LEU A 51 -1.55 -2.90 8.87
C LEU A 51 -0.94 -3.61 7.66
N VAL A 52 0.34 -3.32 7.40
CA VAL A 52 1.05 -3.93 6.28
C VAL A 52 1.96 -5.05 6.75
N HIS A 53 1.92 -6.18 6.05
CA HIS A 53 2.75 -7.32 6.40
C HIS A 53 3.95 -7.41 5.47
N PHE A 54 5.13 -7.64 6.06
CA PHE A 54 6.36 -7.76 5.29
C PHE A 54 6.62 -9.21 4.88
N GLU A 55 7.20 -9.39 3.70
CA GLU A 55 7.51 -10.72 3.20
C GLU A 55 8.84 -11.23 3.74
N ARG A 56 9.86 -10.37 3.68
CA ARG A 56 11.19 -10.73 4.17
C ARG A 56 11.19 -10.85 5.68
N TRP A 57 11.06 -9.72 6.36
CA TRP A 57 11.05 -9.69 7.82
C TRP A 57 10.14 -10.79 8.38
N SER A 58 10.66 -11.54 9.34
CA SER A 58 9.90 -12.62 9.96
C SER A 58 9.33 -12.19 11.32
N HIS A 59 10.22 -11.88 12.25
CA HIS A 59 9.81 -11.45 13.58
C HIS A 59 8.54 -10.62 13.52
N ARG A 60 8.62 -9.46 12.86
CA ARG A 60 7.47 -8.58 12.73
C ARG A 60 6.78 -8.78 11.39
N TYR A 61 6.01 -9.87 11.30
CA TYR A 61 5.28 -10.18 10.07
C TYR A 61 4.33 -9.05 9.69
N ASP A 62 3.37 -8.79 10.57
CA ASP A 62 2.38 -7.73 10.33
C ASP A 62 2.73 -6.49 11.14
N GLU A 63 2.96 -5.38 10.44
CA GLU A 63 3.30 -4.13 11.10
C GLU A 63 2.47 -2.98 10.52
N TRP A 64 2.03 -2.08 11.40
CA TRP A 64 1.23 -0.94 10.98
C TRP A 64 2.11 0.19 10.46
N ILE A 65 1.86 0.60 9.23
CA ILE A 65 2.64 1.67 8.61
C ILE A 65 1.73 2.77 8.07
N TYR A 66 1.82 3.95 8.65
CA TYR A 66 1.00 5.08 8.22
C TYR A 66 0.93 5.16 6.70
N TRP A 67 -0.28 5.05 6.17
CA TRP A 67 -0.49 5.10 4.72
C TRP A 67 -0.01 6.43 4.15
N ASP A 68 0.33 7.36 5.03
CA ASP A 68 0.80 8.67 4.61
C ASP A 68 2.31 8.81 4.88
N SER A 69 3.00 7.68 4.96
CA SER A 69 4.43 7.68 5.21
C SER A 69 5.20 7.92 3.92
N ASN A 70 4.60 7.53 2.80
CA ASN A 70 5.23 7.69 1.49
C ASN A 70 6.48 6.83 1.37
N ARG A 71 6.45 5.67 2.02
CA ARG A 71 7.59 4.75 2.00
C ARG A 71 7.23 3.46 1.27
N LEU A 72 6.18 3.52 0.46
CA LEU A 72 5.72 2.35 -0.28
C LEU A 72 5.74 2.62 -1.78
N ARG A 73 5.85 1.55 -2.57
CA ARG A 73 5.89 1.67 -4.02
C ARG A 73 4.88 0.73 -4.67
N PRO A 74 4.40 1.10 -5.86
CA PRO A 74 3.43 0.30 -6.61
C PRO A 74 4.03 -0.99 -7.15
N LEU A 75 3.85 -2.07 -6.41
CA LEU A 75 4.38 -3.38 -6.82
C LEU A 75 3.85 -3.78 -8.18
N GLU A 76 4.74 -4.21 -9.06
CA GLU A 76 4.37 -4.62 -10.41
C GLU A 76 3.93 -6.09 -10.42
N ARG A 77 2.66 -6.32 -10.75
CA ARG A 77 2.12 -7.67 -10.80
C ARG A 77 2.01 -8.16 -12.24
N PRO A 78 2.29 -9.45 -12.46
CA PRO A 78 2.22 -10.07 -13.78
C PRO A 78 0.79 -10.20 -14.29
N ALA A 79 0.56 -9.78 -15.53
CA ALA A 79 -0.77 -9.85 -16.13
C ALA A 79 -0.99 -11.20 -16.80
N LEU A 80 -2.23 -11.46 -17.20
CA LEU A 80 -2.58 -12.71 -17.87
C LEU A 80 -1.97 -13.90 -17.13
N ARG A 81 -2.12 -13.91 -15.80
CA ARG A 81 -1.60 -14.99 -14.99
C ARG A 81 -2.72 -15.87 -14.46
N LYS A 82 -2.36 -17.01 -13.87
CA LYS A 82 -3.33 -17.94 -13.32
C LYS A 82 -4.49 -17.19 -12.66
N GLU A 83 -5.66 -17.24 -13.28
CA GLU A 83 -6.84 -16.57 -12.74
C GLU A 83 -8.11 -17.34 -13.10
N GLY A 84 -9.00 -17.47 -12.12
CA GLY A 84 -10.25 -18.19 -12.34
C GLY A 84 -11.46 -17.38 -11.94
N LEU A 85 -12.42 -17.27 -12.85
CA LEU A 85 -13.64 -16.51 -12.59
C LEU A 85 -14.86 -17.22 -13.18
N LYS A 86 -16.05 -16.85 -12.70
CA LYS A 86 -17.28 -17.45 -13.19
C LYS A 86 -18.20 -16.37 -13.79
N ASP A 87 -18.61 -16.57 -15.03
CA ASP A 87 -19.48 -15.63 -15.71
C ASP A 87 -20.62 -16.36 -16.43
N GLU A 88 -21.75 -15.67 -16.60
CA GLU A 88 -22.91 -16.26 -17.26
C GLU A 88 -23.02 -17.74 -16.94
N GLY A 1 11.50 15.70 -11.46
CA GLY A 1 11.14 16.18 -10.13
C GLY A 1 9.95 15.44 -9.55
N SER A 2 9.20 16.13 -8.70
CA SER A 2 8.02 15.54 -8.07
C SER A 2 7.10 16.62 -7.52
N SER A 3 5.87 16.23 -7.20
CA SER A 3 4.88 17.17 -6.66
C SER A 3 3.82 16.44 -5.86
N GLY A 4 2.91 17.20 -5.27
CA GLY A 4 1.84 16.60 -4.48
C GLY A 4 0.58 17.43 -4.49
N SER A 5 -0.34 17.12 -3.58
CA SER A 5 -1.60 17.84 -3.49
C SER A 5 -1.99 18.10 -2.04
N SER A 6 -2.96 18.98 -1.84
CA SER A 6 -3.42 19.32 -0.49
C SER A 6 -4.90 19.00 -0.33
N GLY A 7 -5.31 18.70 0.90
CA GLY A 7 -6.70 18.38 1.18
C GLY A 7 -6.85 17.07 1.93
N MET A 8 -7.71 16.19 1.40
CA MET A 8 -7.95 14.90 2.03
C MET A 8 -6.70 14.03 1.97
N SER A 9 -6.02 13.90 3.10
CA SER A 9 -4.81 13.09 3.18
C SER A 9 -5.16 11.62 3.40
N LYS A 10 -6.00 11.36 4.40
CA LYS A 10 -6.40 10.00 4.72
C LYS A 10 -6.50 9.14 3.46
N LYS A 11 -7.56 9.37 2.68
CA LYS A 11 -7.77 8.62 1.44
C LYS A 11 -6.52 8.69 0.55
N PRO A 12 -6.35 7.67 -0.30
CA PRO A 12 -5.22 7.59 -1.22
C PRO A 12 -5.29 8.63 -2.33
N PRO A 13 -4.33 9.56 -2.34
CA PRO A 13 -4.27 10.64 -3.34
C PRO A 13 -3.90 10.11 -4.73
N ASN A 14 -4.04 10.97 -5.73
CA ASN A 14 -3.72 10.59 -7.11
C ASN A 14 -2.34 9.95 -7.19
N ARG A 15 -2.31 8.62 -7.24
CA ARG A 15 -1.04 7.89 -7.32
C ARG A 15 -1.13 6.79 -8.37
N PRO A 16 -0.52 7.04 -9.55
CA PRO A 16 -0.51 6.08 -10.65
C PRO A 16 0.36 4.86 -10.34
N GLY A 17 -0.19 3.92 -9.58
CA GLY A 17 0.54 2.72 -9.23
C GLY A 17 0.12 2.15 -7.90
N ILE A 18 0.43 2.87 -6.82
CA ILE A 18 0.07 2.43 -5.47
C ILE A 18 -1.38 2.72 -5.17
N THR A 19 -2.03 1.81 -4.44
CA THR A 19 -3.43 1.95 -4.08
C THR A 19 -3.71 1.37 -2.70
N PHE A 20 -3.88 2.24 -1.72
CA PHE A 20 -4.16 1.80 -0.35
C PHE A 20 -5.50 1.08 -0.27
N GLU A 21 -5.45 -0.25 -0.17
CA GLU A 21 -6.66 -1.04 -0.08
C GLU A 21 -6.44 -2.27 0.80
N ILE A 22 -7.48 -3.09 0.93
CA ILE A 22 -7.40 -4.30 1.74
C ILE A 22 -6.95 -5.50 0.91
N GLY A 23 -5.73 -5.96 1.15
CA GLY A 23 -5.21 -7.10 0.42
C GLY A 23 -4.32 -6.68 -0.74
N ALA A 24 -4.25 -5.37 -0.99
CA ALA A 24 -3.43 -4.84 -2.08
C ALA A 24 -1.97 -5.24 -1.90
N ARG A 25 -1.32 -5.59 -3.01
CA ARG A 25 0.07 -6.00 -2.98
C ARG A 25 0.98 -4.84 -3.40
N LEU A 26 1.80 -4.38 -2.46
CA LEU A 26 2.72 -3.27 -2.73
C LEU A 26 4.05 -3.48 -2.03
N GLU A 27 4.95 -2.50 -2.14
CA GLU A 27 6.26 -2.59 -1.52
C GLU A 27 6.35 -1.63 -0.34
N ALA A 28 7.25 -1.93 0.59
CA ALA A 28 7.44 -1.10 1.77
C ALA A 28 8.93 -0.81 2.00
N LEU A 29 9.23 0.38 2.50
CA LEU A 29 10.61 0.77 2.76
C LEU A 29 10.95 0.58 4.24
N ASP A 30 11.81 -0.40 4.52
CA ASP A 30 12.23 -0.69 5.89
C ASP A 30 13.35 0.24 6.33
N TYR A 31 13.58 0.31 7.63
CA TYR A 31 14.62 1.18 8.17
C TYR A 31 15.91 1.05 7.36
N LEU A 32 16.06 -0.07 6.67
CA LEU A 32 17.24 -0.31 5.85
C LEU A 32 17.09 0.33 4.48
N GLN A 33 16.17 1.28 4.38
CA GLN A 33 15.93 1.97 3.12
C GLN A 33 15.85 1.00 1.95
N LYS A 34 15.49 -0.24 2.26
CA LYS A 34 15.37 -1.28 1.25
C LYS A 34 13.93 -1.43 0.78
N TRP A 35 13.74 -2.02 -0.40
CA TRP A 35 12.41 -2.22 -0.97
C TRP A 35 12.04 -3.69 -0.96
N TYR A 36 10.87 -3.99 -0.41
CA TYR A 36 10.39 -5.37 -0.33
C TYR A 36 8.88 -5.44 -0.51
N PRO A 37 8.39 -6.57 -1.03
CA PRO A 37 6.96 -6.79 -1.26
C PRO A 37 6.18 -6.93 0.04
N SER A 38 4.90 -6.55 0.00
CA SER A 38 4.05 -6.63 1.18
C SER A 38 2.58 -6.46 0.80
N ARG A 39 1.69 -6.68 1.76
CA ARG A 39 0.26 -6.56 1.53
C ARG A 39 -0.40 -5.75 2.63
N ILE A 40 -1.63 -5.30 2.37
CA ILE A 40 -2.38 -4.51 3.35
C ILE A 40 -3.44 -5.37 4.05
N GLU A 41 -3.13 -5.79 5.28
CA GLU A 41 -4.06 -6.60 6.05
C GLU A 41 -5.25 -5.78 6.52
N LYS A 42 -4.97 -4.56 7.00
CA LYS A 42 -6.02 -3.68 7.50
C LYS A 42 -5.69 -2.22 7.19
N ILE A 43 -6.68 -1.34 7.36
CA ILE A 43 -6.48 0.08 7.11
C ILE A 43 -7.36 0.92 8.01
N ASP A 44 -6.74 1.66 8.92
CA ASP A 44 -7.48 2.52 9.84
C ASP A 44 -7.63 3.93 9.28
N TYR A 45 -8.85 4.28 8.90
CA TYR A 45 -9.13 5.60 8.35
C TYR A 45 -9.37 6.62 9.45
N GLU A 46 -9.65 6.13 10.65
CA GLU A 46 -9.90 7.00 11.79
C GLU A 46 -8.60 7.52 12.38
N GLU A 47 -7.53 6.76 12.19
CA GLU A 47 -6.22 7.15 12.70
C GLU A 47 -5.31 7.63 11.57
N GLY A 48 -5.24 6.84 10.50
CA GLY A 48 -4.41 7.21 9.37
C GLY A 48 -3.29 6.22 9.13
N LYS A 49 -3.48 4.98 9.58
CA LYS A 49 -2.48 3.94 9.41
C LYS A 49 -3.09 2.69 8.78
N MET A 50 -2.25 1.70 8.50
CA MET A 50 -2.71 0.45 7.91
C MET A 50 -1.77 -0.70 8.27
N LEU A 51 -2.36 -1.87 8.54
CA LEU A 51 -1.58 -3.04 8.90
C LEU A 51 -0.97 -3.69 7.66
N VAL A 52 0.33 -3.47 7.46
CA VAL A 52 1.03 -4.04 6.31
C VAL A 52 1.82 -5.27 6.72
N HIS A 53 1.80 -6.29 5.86
CA HIS A 53 2.52 -7.53 6.13
C HIS A 53 3.80 -7.60 5.31
N PHE A 54 4.86 -8.14 5.91
CA PHE A 54 6.14 -8.26 5.23
C PHE A 54 6.43 -9.72 4.87
N GLU A 55 6.91 -9.94 3.66
CA GLU A 55 7.23 -11.28 3.19
C GLU A 55 8.66 -11.66 3.55
N ARG A 56 9.56 -10.69 3.47
CA ARG A 56 10.96 -10.91 3.79
C ARG A 56 11.13 -11.41 5.22
N TRP A 57 12.38 -11.55 5.65
CA TRP A 57 12.67 -12.02 7.00
C TRP A 57 12.21 -13.45 7.19
N SER A 58 12.12 -14.19 6.08
CA SER A 58 11.69 -15.59 6.12
C SER A 58 10.67 -15.81 7.24
N HIS A 59 9.70 -14.90 7.34
CA HIS A 59 8.67 -14.99 8.36
C HIS A 59 7.39 -14.29 7.90
N ARG A 60 6.41 -14.23 8.80
CA ARG A 60 5.13 -13.58 8.50
C ARG A 60 4.90 -12.38 9.39
N TYR A 61 5.97 -11.65 9.70
CA TYR A 61 5.88 -10.48 10.56
C TYR A 61 5.10 -9.37 9.87
N ASP A 62 4.36 -8.60 10.66
CA ASP A 62 3.56 -7.50 10.13
C ASP A 62 3.60 -6.29 11.06
N GLU A 63 3.52 -5.10 10.48
CA GLU A 63 3.56 -3.87 11.27
C GLU A 63 2.73 -2.77 10.59
N TRP A 64 2.04 -1.99 11.39
CA TRP A 64 1.21 -0.90 10.88
C TRP A 64 2.08 0.24 10.35
N ILE A 65 1.80 0.68 9.14
CA ILE A 65 2.56 1.77 8.53
C ILE A 65 1.63 2.87 8.03
N TYR A 66 1.94 4.11 8.39
CA TYR A 66 1.14 5.26 7.98
C TYR A 66 1.01 5.32 6.46
N TRP A 67 -0.22 5.15 5.97
CA TRP A 67 -0.47 5.18 4.53
C TRP A 67 -0.07 6.54 3.94
N ASP A 68 0.23 7.48 4.81
CA ASP A 68 0.63 8.82 4.38
C ASP A 68 2.13 9.05 4.60
N SER A 69 2.87 7.96 4.70
CA SER A 69 4.32 8.03 4.92
C SER A 69 5.06 8.18 3.60
N ASN A 70 4.43 7.71 2.52
CA ASN A 70 5.03 7.79 1.19
C ASN A 70 6.29 6.93 1.10
N ARG A 71 6.32 5.87 1.91
CA ARG A 71 7.47 4.97 1.93
C ARG A 71 7.11 3.64 1.28
N LEU A 72 6.05 3.64 0.48
CA LEU A 72 5.62 2.44 -0.22
C LEU A 72 5.65 2.63 -1.73
N ARG A 73 5.95 1.54 -2.45
CA ARG A 73 6.02 1.59 -3.90
C ARG A 73 5.02 0.61 -4.52
N PRO A 74 4.57 0.93 -5.74
CA PRO A 74 3.62 0.09 -6.48
C PRO A 74 4.24 -1.22 -6.94
N LEU A 75 4.05 -2.28 -6.15
CA LEU A 75 4.59 -3.59 -6.47
C LEU A 75 4.05 -4.08 -7.82
N GLU A 76 4.93 -4.65 -8.63
CA GLU A 76 4.55 -5.16 -9.94
C GLU A 76 3.15 -5.77 -9.89
N ARG A 77 2.27 -5.27 -10.75
CA ARG A 77 0.90 -5.76 -10.81
C ARG A 77 0.64 -6.52 -12.10
N PRO A 78 -0.03 -7.68 -11.99
CA PRO A 78 -0.36 -8.52 -13.14
C PRO A 78 -1.39 -7.88 -14.06
N ALA A 79 -1.47 -8.37 -15.30
CA ALA A 79 -2.42 -7.84 -16.26
C ALA A 79 -3.72 -8.65 -16.24
N LEU A 80 -4.22 -8.93 -15.05
CA LEU A 80 -5.44 -9.70 -14.89
C LEU A 80 -6.66 -8.77 -14.84
N ARG A 81 -7.50 -8.85 -15.87
CA ARG A 81 -8.70 -8.02 -15.94
C ARG A 81 -9.91 -8.76 -15.35
N LYS A 82 -10.92 -8.00 -14.97
CA LYS A 82 -12.13 -8.58 -14.40
C LYS A 82 -13.27 -7.56 -14.38
N GLU A 83 -14.47 -7.99 -14.76
CA GLU A 83 -15.63 -7.12 -14.79
C GLU A 83 -16.79 -7.73 -14.00
N GLY A 84 -17.63 -6.88 -13.44
CA GLY A 84 -18.77 -7.36 -12.68
C GLY A 84 -19.92 -6.36 -12.66
N LEU A 85 -19.67 -5.17 -12.13
CA LEU A 85 -20.69 -4.13 -12.06
C LEU A 85 -22.02 -4.71 -11.62
N LYS A 86 -21.98 -5.57 -10.60
CA LYS A 86 -23.19 -6.20 -10.08
C LYS A 86 -23.38 -5.87 -8.59
N ASP A 87 -24.55 -5.35 -8.25
CA ASP A 87 -24.85 -4.99 -6.87
C ASP A 87 -25.42 -6.19 -6.11
N GLU A 88 -26.39 -6.86 -6.72
CA GLU A 88 -27.03 -8.03 -6.10
C GLU A 88 -26.01 -9.15 -5.91
N GLY A 1 5.23 18.40 10.31
CA GLY A 1 5.00 19.51 9.40
C GLY A 1 6.28 20.15 8.91
N SER A 2 6.52 20.07 7.61
CA SER A 2 7.72 20.65 7.01
C SER A 2 7.64 22.18 7.00
N SER A 3 8.50 22.81 7.80
CA SER A 3 8.52 24.27 7.89
C SER A 3 7.14 24.81 8.24
N GLY A 4 6.46 24.14 9.16
CA GLY A 4 5.13 24.57 9.57
C GLY A 4 4.12 23.44 9.54
N SER A 5 3.29 23.43 8.51
CA SER A 5 2.25 22.40 8.38
C SER A 5 2.23 21.85 6.95
N SER A 6 2.68 20.61 6.80
CA SER A 6 2.71 19.96 5.49
C SER A 6 1.30 19.62 5.02
N GLY A 7 0.52 19.01 5.92
CA GLY A 7 -0.84 18.63 5.58
C GLY A 7 -1.09 17.15 5.75
N MET A 8 -2.11 16.81 6.54
CA MET A 8 -2.45 15.41 6.79
C MET A 8 -3.30 14.86 5.65
N SER A 9 -3.36 13.53 5.57
CA SER A 9 -4.13 12.87 4.52
C SER A 9 -4.52 11.45 4.94
N LYS A 10 -5.78 11.10 4.74
CA LYS A 10 -6.27 9.77 5.09
C LYS A 10 -6.45 8.91 3.84
N LYS A 11 -7.50 9.20 3.07
CA LYS A 11 -7.78 8.44 1.86
C LYS A 11 -6.60 8.52 0.89
N PRO A 12 -6.49 7.51 0.02
CA PRO A 12 -5.41 7.43 -0.98
C PRO A 12 -5.57 8.48 -2.06
N PRO A 13 -4.67 9.48 -2.06
CA PRO A 13 -4.69 10.57 -3.04
C PRO A 13 -4.28 10.09 -4.44
N ASN A 14 -4.17 11.03 -5.37
CA ASN A 14 -3.80 10.71 -6.74
C ASN A 14 -2.45 10.01 -6.79
N ARG A 15 -2.46 8.69 -6.89
CA ARG A 15 -1.25 7.90 -6.94
C ARG A 15 -1.32 6.84 -8.03
N PRO A 16 -0.71 7.14 -9.20
CA PRO A 16 -0.70 6.22 -10.34
C PRO A 16 0.16 4.98 -10.08
N GLY A 17 -0.39 4.02 -9.35
CA GLY A 17 0.34 2.81 -9.05
C GLY A 17 -0.05 2.21 -7.72
N ILE A 18 0.21 2.93 -6.64
CA ILE A 18 -0.13 2.46 -5.30
C ILE A 18 -1.59 2.72 -4.97
N THR A 19 -2.21 1.79 -4.26
CA THR A 19 -3.61 1.92 -3.89
C THR A 19 -3.87 1.29 -2.52
N PHE A 20 -4.06 2.14 -1.51
CA PHE A 20 -4.31 1.67 -0.15
C PHE A 20 -5.65 0.92 -0.08
N GLU A 21 -5.57 -0.40 -0.02
CA GLU A 21 -6.76 -1.24 0.06
C GLU A 21 -6.50 -2.49 0.89
N ILE A 22 -7.53 -3.31 1.05
CA ILE A 22 -7.42 -4.53 1.83
C ILE A 22 -6.92 -5.69 0.97
N GLY A 23 -5.68 -6.12 1.23
CA GLY A 23 -5.10 -7.21 0.47
C GLY A 23 -4.22 -6.73 -0.65
N ALA A 24 -4.20 -5.42 -0.87
CA ALA A 24 -3.39 -4.83 -1.93
C ALA A 24 -1.91 -5.18 -1.75
N ARG A 25 -1.26 -5.55 -2.85
CA ARG A 25 0.14 -5.91 -2.82
C ARG A 25 1.02 -4.74 -3.26
N LEU A 26 1.87 -4.28 -2.35
CA LEU A 26 2.76 -3.16 -2.65
C LEU A 26 4.12 -3.35 -1.97
N GLU A 27 5.05 -2.45 -2.26
CA GLU A 27 6.39 -2.52 -1.68
C GLU A 27 6.51 -1.60 -0.47
N ALA A 28 7.28 -2.03 0.52
CA ALA A 28 7.48 -1.25 1.74
C ALA A 28 8.96 -1.00 1.99
N LEU A 29 9.29 0.21 2.42
CA LEU A 29 10.66 0.59 2.70
C LEU A 29 11.06 0.20 4.12
N ASP A 30 12.07 -0.66 4.23
CA ASP A 30 12.55 -1.10 5.54
C ASP A 30 13.44 -0.05 6.18
N TYR A 31 13.63 -0.17 7.49
CA TYR A 31 14.47 0.77 8.23
C TYR A 31 15.80 0.98 7.54
N LEU A 32 16.29 -0.06 6.88
CA LEU A 32 17.56 0.00 6.17
C LEU A 32 17.36 0.50 4.74
N GLN A 33 16.27 1.22 4.52
CA GLN A 33 15.95 1.76 3.20
C GLN A 33 15.92 0.65 2.15
N LYS A 34 15.51 -0.54 2.58
CA LYS A 34 15.44 -1.69 1.67
C LYS A 34 14.00 -1.89 1.18
N TRP A 35 13.86 -2.08 -0.13
CA TRP A 35 12.56 -2.28 -0.74
C TRP A 35 12.18 -3.75 -0.75
N TYR A 36 10.91 -4.04 -0.47
CA TYR A 36 10.43 -5.42 -0.46
C TYR A 36 8.92 -5.47 -0.61
N PRO A 37 8.42 -6.60 -1.14
CA PRO A 37 6.99 -6.81 -1.36
C PRO A 37 6.22 -6.95 -0.06
N SER A 38 4.98 -6.45 -0.05
CA SER A 38 4.13 -6.52 1.13
C SER A 38 2.65 -6.46 0.75
N ARG A 39 1.79 -6.64 1.74
CA ARG A 39 0.35 -6.62 1.52
C ARG A 39 -0.36 -5.86 2.64
N ILE A 40 -1.61 -5.47 2.39
CA ILE A 40 -2.40 -4.74 3.37
C ILE A 40 -3.45 -5.65 4.01
N GLU A 41 -3.51 -5.62 5.34
CA GLU A 41 -4.46 -6.43 6.08
C GLU A 41 -5.62 -5.57 6.61
N LYS A 42 -5.28 -4.44 7.19
CA LYS A 42 -6.29 -3.52 7.73
C LYS A 42 -5.93 -2.08 7.42
N ILE A 43 -6.95 -1.26 7.16
CA ILE A 43 -6.74 0.15 6.86
C ILE A 43 -7.50 1.04 7.83
N ASP A 44 -6.79 1.54 8.84
CA ASP A 44 -7.39 2.41 9.83
C ASP A 44 -7.49 3.85 9.33
N TYR A 45 -8.72 4.33 9.17
CA TYR A 45 -8.95 5.69 8.69
C TYR A 45 -9.08 6.67 9.85
N GLU A 46 -9.53 6.16 11.00
CA GLU A 46 -9.69 6.99 12.19
C GLU A 46 -8.34 7.43 12.73
N GLU A 47 -7.32 6.62 12.50
CA GLU A 47 -5.98 6.92 12.98
C GLU A 47 -5.08 7.40 11.84
N GLY A 48 -5.26 6.80 10.66
CA GLY A 48 -4.47 7.18 9.51
C GLY A 48 -3.33 6.23 9.24
N LYS A 49 -3.52 4.96 9.62
CA LYS A 49 -2.50 3.94 9.42
C LYS A 49 -3.11 2.68 8.80
N MET A 50 -2.27 1.68 8.56
CA MET A 50 -2.73 0.42 7.97
C MET A 50 -1.80 -0.72 8.36
N LEU A 51 -2.39 -1.89 8.59
CA LEU A 51 -1.61 -3.08 8.97
C LEU A 51 -1.03 -3.75 7.73
N VAL A 52 0.25 -3.49 7.47
CA VAL A 52 0.93 -4.08 6.31
C VAL A 52 1.85 -5.22 6.75
N HIS A 53 1.75 -6.35 6.06
CA HIS A 53 2.58 -7.52 6.36
C HIS A 53 3.66 -7.71 5.32
N PHE A 54 4.84 -8.14 5.76
CA PHE A 54 5.96 -8.37 4.86
C PHE A 54 6.02 -9.82 4.40
N GLU A 55 6.05 -10.03 3.09
CA GLU A 55 6.10 -11.38 2.53
C GLU A 55 7.11 -12.24 3.28
N ARG A 56 8.36 -11.77 3.32
CA ARG A 56 9.42 -12.50 4.00
C ARG A 56 10.32 -11.54 4.77
N TRP A 57 10.38 -11.72 6.08
CA TRP A 57 11.21 -10.88 6.93
C TRP A 57 11.80 -11.68 8.10
N SER A 58 12.62 -11.02 8.90
CA SER A 58 13.25 -11.67 10.04
C SER A 58 12.27 -11.79 11.21
N HIS A 59 11.75 -10.64 11.64
CA HIS A 59 10.80 -10.61 12.75
C HIS A 59 9.80 -9.47 12.58
N ARG A 60 8.63 -9.61 13.19
CA ARG A 60 7.59 -8.59 13.11
C ARG A 60 7.00 -8.55 11.70
N TYR A 61 6.84 -9.72 11.09
CA TYR A 61 6.27 -9.81 9.75
C TYR A 61 5.17 -8.77 9.55
N ASP A 62 4.24 -8.71 10.49
CA ASP A 62 3.14 -7.76 10.41
C ASP A 62 3.46 -6.49 11.19
N GLU A 63 3.43 -5.36 10.49
CA GLU A 63 3.73 -4.08 11.11
C GLU A 63 2.92 -2.96 10.47
N TRP A 64 2.24 -2.16 11.29
CA TRP A 64 1.43 -1.06 10.79
C TRP A 64 2.30 0.05 10.22
N ILE A 65 1.91 0.57 9.05
CA ILE A 65 2.66 1.63 8.41
C ILE A 65 1.74 2.73 7.90
N TYR A 66 1.93 3.94 8.40
CA TYR A 66 1.10 5.08 8.00
C TYR A 66 0.95 5.12 6.48
N TRP A 67 -0.30 5.01 6.03
CA TRP A 67 -0.58 5.04 4.59
C TRP A 67 -0.16 6.37 3.98
N ASP A 68 0.22 7.32 4.84
CA ASP A 68 0.65 8.63 4.37
C ASP A 68 2.12 8.87 4.70
N SER A 69 2.86 7.78 4.88
CA SER A 69 4.28 7.86 5.20
C SER A 69 5.11 8.09 3.94
N ASN A 70 4.56 7.67 2.80
CA ASN A 70 5.25 7.84 1.52
C ASN A 70 6.48 6.93 1.44
N ARG A 71 6.40 5.77 2.09
CA ARG A 71 7.51 4.82 2.10
C ARG A 71 7.11 3.53 1.39
N LEU A 72 6.05 3.59 0.59
CA LEU A 72 5.58 2.42 -0.14
C LEU A 72 5.60 2.68 -1.65
N ARG A 73 5.94 1.65 -2.42
CA ARG A 73 6.00 1.76 -3.87
C ARG A 73 4.95 0.87 -4.52
N PRO A 74 4.51 1.25 -5.72
CA PRO A 74 3.51 0.50 -6.48
C PRO A 74 4.06 -0.82 -7.01
N LEU A 75 3.89 -1.88 -6.23
CA LEU A 75 4.35 -3.21 -6.61
C LEU A 75 3.75 -3.63 -7.95
N GLU A 76 4.52 -4.41 -8.71
CA GLU A 76 4.06 -4.89 -10.01
C GLU A 76 2.98 -5.96 -9.85
N ARG A 77 1.99 -5.93 -10.73
CA ARG A 77 0.91 -6.90 -10.69
C ARG A 77 0.74 -7.60 -12.04
N PRO A 78 0.32 -8.88 -11.99
CA PRO A 78 0.12 -9.68 -13.19
C PRO A 78 -1.06 -9.22 -14.02
N ALA A 79 -0.89 -9.17 -15.34
CA ALA A 79 -1.95 -8.75 -16.24
C ALA A 79 -3.05 -9.81 -16.33
N LEU A 80 -4.29 -9.37 -16.19
CA LEU A 80 -5.43 -10.28 -16.26
C LEU A 80 -6.54 -9.70 -17.13
N ARG A 81 -6.84 -10.38 -18.23
CA ARG A 81 -7.88 -9.93 -19.15
C ARG A 81 -8.75 -11.10 -19.59
N LYS A 82 -9.97 -11.17 -19.07
CA LYS A 82 -10.90 -12.23 -19.41
C LYS A 82 -11.83 -11.81 -20.54
N GLU A 83 -12.30 -12.78 -21.31
CA GLU A 83 -13.20 -12.49 -22.42
C GLU A 83 -14.42 -11.69 -21.96
N GLY A 84 -15.22 -12.30 -21.07
CA GLY A 84 -16.40 -11.62 -20.56
C GLY A 84 -17.65 -12.48 -20.70
N LEU A 85 -17.52 -13.76 -20.38
CA LEU A 85 -18.65 -14.68 -20.48
C LEU A 85 -19.68 -14.40 -19.38
N LYS A 86 -20.91 -14.84 -19.61
CA LYS A 86 -21.99 -14.64 -18.64
C LYS A 86 -21.90 -13.25 -18.01
N ASP A 87 -21.82 -12.22 -18.84
CA ASP A 87 -21.73 -10.85 -18.36
C ASP A 87 -23.06 -10.40 -17.77
N GLU A 88 -24.14 -10.56 -18.53
CA GLU A 88 -25.46 -10.16 -18.08
C GLU A 88 -26.49 -11.25 -18.37
N GLY A 1 9.20 17.77 -11.16
CA GLY A 1 8.11 17.07 -10.51
C GLY A 1 8.01 17.39 -9.03
N SER A 2 6.80 17.71 -8.58
CA SER A 2 6.57 18.04 -7.18
C SER A 2 5.08 17.99 -6.84
N SER A 3 4.77 17.44 -5.68
CA SER A 3 3.38 17.31 -5.24
C SER A 3 3.16 18.06 -3.93
N GLY A 4 1.94 18.56 -3.73
CA GLY A 4 1.63 19.29 -2.52
C GLY A 4 0.14 19.53 -2.36
N SER A 5 -0.56 18.55 -1.79
CA SER A 5 -2.00 18.65 -1.59
C SER A 5 -2.37 18.34 -0.14
N SER A 6 -3.05 19.28 0.52
CA SER A 6 -3.46 19.10 1.90
C SER A 6 -4.98 19.05 2.01
N GLY A 7 -5.48 17.97 2.60
CA GLY A 7 -6.92 17.82 2.76
C GLY A 7 -7.33 16.37 2.95
N MET A 8 -7.60 15.68 1.85
CA MET A 8 -8.00 14.28 1.90
C MET A 8 -6.80 13.36 2.02
N SER A 9 -5.85 13.74 2.88
CA SER A 9 -4.64 12.95 3.07
C SER A 9 -4.98 11.51 3.43
N LYS A 10 -5.92 11.34 4.34
CA LYS A 10 -6.34 10.01 4.77
C LYS A 10 -6.46 9.07 3.57
N LYS A 11 -7.48 9.30 2.75
CA LYS A 11 -7.70 8.48 1.56
C LYS A 11 -6.51 8.54 0.62
N PRO A 12 -6.40 7.55 -0.27
CA PRO A 12 -5.32 7.46 -1.24
C PRO A 12 -5.42 8.54 -2.32
N PRO A 13 -4.46 9.48 -2.31
CA PRO A 13 -4.42 10.58 -3.28
C PRO A 13 -4.08 10.10 -4.68
N ASN A 14 -4.33 10.95 -5.67
CA ASN A 14 -4.05 10.62 -7.07
C ASN A 14 -2.64 10.07 -7.22
N ARG A 15 -2.54 8.74 -7.31
CA ARG A 15 -1.25 8.08 -7.46
C ARG A 15 -1.33 6.94 -8.46
N PRO A 16 -0.80 7.17 -9.67
CA PRO A 16 -0.80 6.16 -10.74
C PRO A 16 0.12 4.98 -10.44
N GLY A 17 -0.35 4.06 -9.61
CA GLY A 17 0.45 2.90 -9.26
C GLY A 17 0.02 2.29 -7.94
N ILE A 18 0.34 2.97 -6.84
CA ILE A 18 -0.02 2.48 -5.52
C ILE A 18 -1.48 2.72 -5.21
N THR A 19 -2.10 1.80 -4.47
CA THR A 19 -3.51 1.93 -4.12
C THR A 19 -3.77 1.35 -2.73
N PHE A 20 -4.02 2.22 -1.76
CA PHE A 20 -4.29 1.79 -0.39
C PHE A 20 -5.62 1.05 -0.31
N GLU A 21 -5.55 -0.27 -0.19
CA GLU A 21 -6.75 -1.09 -0.10
C GLU A 21 -6.51 -2.31 0.78
N ILE A 22 -7.54 -3.13 0.95
CA ILE A 22 -7.45 -4.33 1.76
C ILE A 22 -7.01 -5.53 0.93
N GLY A 23 -5.79 -5.99 1.15
CA GLY A 23 -5.28 -7.13 0.41
C GLY A 23 -4.39 -6.73 -0.75
N ALA A 24 -4.27 -5.42 -0.97
CA ALA A 24 -3.45 -4.90 -2.06
C ALA A 24 -1.99 -5.28 -1.86
N ARG A 25 -1.34 -5.70 -2.95
CA ARG A 25 0.06 -6.09 -2.91
C ARG A 25 0.96 -4.94 -3.37
N LEU A 26 1.87 -4.54 -2.50
CA LEU A 26 2.79 -3.45 -2.82
C LEU A 26 4.12 -3.62 -2.08
N GLU A 27 5.00 -2.65 -2.24
CA GLU A 27 6.31 -2.70 -1.57
C GLU A 27 6.43 -1.61 -0.52
N ALA A 28 7.22 -1.87 0.51
CA ALA A 28 7.42 -0.91 1.60
C ALA A 28 8.90 -0.72 1.89
N LEU A 29 9.26 0.50 2.26
CA LEU A 29 10.65 0.83 2.57
C LEU A 29 10.97 0.54 4.04
N ASP A 30 11.83 -0.44 4.27
CA ASP A 30 12.22 -0.81 5.63
C ASP A 30 13.19 0.21 6.21
N TYR A 31 13.34 0.18 7.53
CA TYR A 31 14.25 1.10 8.22
C TYR A 31 15.64 1.06 7.60
N LEU A 32 16.00 -0.09 7.06
CA LEU A 32 17.31 -0.27 6.43
C LEU A 32 17.29 0.22 4.99
N GLN A 33 16.26 0.97 4.63
CA GLN A 33 16.13 1.49 3.27
C GLN A 33 16.14 0.36 2.25
N LYS A 34 15.49 -0.75 2.60
CA LYS A 34 15.42 -1.90 1.72
C LYS A 34 14.02 -2.07 1.16
N TRP A 35 13.92 -2.31 -0.15
CA TRP A 35 12.63 -2.49 -0.80
C TRP A 35 12.21 -3.96 -0.78
N TYR A 36 10.95 -4.20 -0.46
CA TYR A 36 10.42 -5.56 -0.41
C TYR A 36 8.91 -5.56 -0.57
N PRO A 37 8.37 -6.70 -1.05
CA PRO A 37 6.93 -6.86 -1.25
C PRO A 37 6.16 -6.93 0.05
N SER A 38 4.86 -6.61 0.00
CA SER A 38 4.01 -6.63 1.18
C SER A 38 2.54 -6.53 0.79
N ARG A 39 1.66 -6.67 1.79
CA ARG A 39 0.23 -6.60 1.56
C ARG A 39 -0.46 -5.78 2.65
N ILE A 40 -1.68 -5.35 2.37
CA ILE A 40 -2.45 -4.56 3.34
C ILE A 40 -3.47 -5.43 4.06
N GLU A 41 -3.18 -5.77 5.31
CA GLU A 41 -4.08 -6.59 6.10
C GLU A 41 -5.28 -5.77 6.60
N LYS A 42 -4.99 -4.58 7.11
CA LYS A 42 -6.04 -3.70 7.62
C LYS A 42 -5.71 -2.24 7.34
N ILE A 43 -6.72 -1.39 7.32
CA ILE A 43 -6.53 0.03 7.07
C ILE A 43 -7.39 0.87 8.02
N ASP A 44 -6.74 1.50 8.99
CA ASP A 44 -7.43 2.34 9.96
C ASP A 44 -7.53 3.77 9.45
N TYR A 45 -8.71 4.14 8.95
CA TYR A 45 -8.94 5.48 8.43
C TYR A 45 -9.18 6.46 9.57
N GLU A 46 -9.63 5.95 10.70
CA GLU A 46 -9.89 6.79 11.87
C GLU A 46 -8.61 7.37 12.43
N GLU A 47 -7.52 6.61 12.33
CA GLU A 47 -6.23 7.06 12.83
C GLU A 47 -5.31 7.48 11.67
N GLY A 48 -5.33 6.69 10.60
CA GLY A 48 -4.50 7.00 9.45
C GLY A 48 -3.35 6.02 9.28
N LYS A 49 -3.50 4.83 9.88
CA LYS A 49 -2.46 3.81 9.79
C LYS A 49 -3.03 2.51 9.23
N MET A 50 -2.21 1.79 8.47
CA MET A 50 -2.64 0.53 7.88
C MET A 50 -1.71 -0.61 8.28
N LEU A 51 -2.27 -1.79 8.49
CA LEU A 51 -1.48 -2.95 8.88
C LEU A 51 -0.92 -3.66 7.65
N VAL A 52 0.37 -3.47 7.41
CA VAL A 52 1.03 -4.08 6.27
C VAL A 52 1.94 -5.23 6.72
N HIS A 53 1.97 -6.29 5.93
CA HIS A 53 2.81 -7.45 6.24
C HIS A 53 4.00 -7.53 5.31
N PHE A 54 5.17 -7.86 5.87
CA PHE A 54 6.39 -7.97 5.09
C PHE A 54 6.68 -9.43 4.74
N GLU A 55 7.27 -9.64 3.56
CA GLU A 55 7.60 -10.99 3.11
C GLU A 55 9.04 -11.34 3.46
N ARG A 56 9.96 -10.45 3.12
CA ARG A 56 11.38 -10.65 3.39
C ARG A 56 11.56 -11.42 4.71
N TRP A 57 10.91 -10.95 5.75
CA TRP A 57 11.01 -11.58 7.06
C TRP A 57 10.18 -12.86 7.11
N SER A 58 10.85 -14.01 7.02
CA SER A 58 10.18 -15.29 7.06
C SER A 58 9.00 -15.27 8.04
N HIS A 59 9.33 -15.20 9.33
CA HIS A 59 8.31 -15.17 10.37
C HIS A 59 7.27 -14.10 10.08
N ARG A 60 6.07 -14.54 9.68
CA ARG A 60 4.98 -13.61 9.37
C ARG A 60 5.06 -12.37 10.24
N TYR A 61 5.67 -11.31 9.72
CA TYR A 61 5.82 -10.06 10.45
C TYR A 61 4.87 -8.99 9.91
N ASP A 62 3.89 -8.62 10.71
CA ASP A 62 2.92 -7.61 10.30
C ASP A 62 3.05 -6.36 11.16
N GLU A 63 3.22 -5.22 10.51
CA GLU A 63 3.36 -3.95 11.21
C GLU A 63 2.50 -2.86 10.57
N TRP A 64 2.08 -1.90 11.37
CA TRP A 64 1.24 -0.80 10.89
C TRP A 64 2.10 0.32 10.31
N ILE A 65 1.89 0.62 9.03
CA ILE A 65 2.65 1.67 8.36
C ILE A 65 1.73 2.77 7.86
N TYR A 66 1.86 3.96 8.44
CA TYR A 66 1.03 5.10 8.05
C TYR A 66 0.92 5.19 6.53
N TRP A 67 -0.30 5.02 6.03
CA TRP A 67 -0.55 5.08 4.59
C TRP A 67 -0.14 6.42 4.03
N ASP A 68 0.17 7.37 4.91
CA ASP A 68 0.60 8.70 4.49
C ASP A 68 2.08 8.92 4.76
N SER A 69 2.82 7.82 4.88
CA SER A 69 4.25 7.89 5.15
C SER A 69 5.03 8.12 3.86
N ASN A 70 4.43 7.76 2.74
CA ASN A 70 5.07 7.93 1.44
C ASN A 70 6.34 7.10 1.35
N ARG A 71 6.35 5.96 2.04
CA ARG A 71 7.51 5.07 2.03
C ARG A 71 7.20 3.78 1.29
N LEU A 72 6.15 3.81 0.47
CA LEU A 72 5.74 2.64 -0.29
C LEU A 72 5.80 2.92 -1.79
N ARG A 73 5.93 1.87 -2.58
CA ARG A 73 5.99 2.00 -4.04
C ARG A 73 5.06 1.00 -4.72
N PRO A 74 4.59 1.37 -5.93
CA PRO A 74 3.69 0.51 -6.71
C PRO A 74 4.39 -0.74 -7.24
N LEU A 75 4.20 -1.85 -6.55
CA LEU A 75 4.81 -3.11 -6.94
C LEU A 75 4.37 -3.50 -8.35
N GLU A 76 5.31 -4.00 -9.15
CA GLU A 76 5.03 -4.41 -10.51
C GLU A 76 5.21 -5.91 -10.68
N ARG A 77 4.23 -6.68 -10.23
CA ARG A 77 4.29 -8.13 -10.33
C ARG A 77 3.01 -8.70 -10.93
N PRO A 78 3.15 -9.70 -11.80
CA PRO A 78 2.01 -10.35 -12.47
C PRO A 78 1.16 -11.17 -11.50
N ALA A 79 -0.12 -11.34 -11.83
CA ALA A 79 -1.02 -12.11 -10.99
C ALA A 79 -2.19 -12.66 -11.81
N LEU A 80 -2.61 -13.88 -11.48
CA LEU A 80 -3.72 -14.52 -12.19
C LEU A 80 -4.97 -14.56 -11.31
N ARG A 81 -5.85 -13.60 -11.50
CA ARG A 81 -7.09 -13.53 -10.73
C ARG A 81 -8.28 -13.27 -11.63
N LYS A 82 -9.48 -13.42 -11.08
CA LYS A 82 -10.71 -13.19 -11.83
C LYS A 82 -11.80 -12.61 -10.94
N GLU A 83 -12.24 -11.40 -11.26
CA GLU A 83 -13.28 -10.73 -10.48
C GLU A 83 -14.66 -11.05 -11.03
N GLY A 84 -14.88 -12.33 -11.36
CA GLY A 84 -16.16 -12.76 -11.89
C GLY A 84 -16.27 -12.51 -13.38
N LEU A 85 -17.43 -12.00 -13.80
CA LEU A 85 -17.67 -11.72 -15.21
C LEU A 85 -18.50 -10.45 -15.38
N LYS A 86 -18.06 -9.58 -16.29
CA LYS A 86 -18.77 -8.33 -16.55
C LYS A 86 -20.21 -8.60 -16.98
N ASP A 87 -21.12 -8.65 -16.00
CA ASP A 87 -22.52 -8.90 -16.28
C ASP A 87 -23.37 -7.68 -15.93
N GLU A 88 -24.65 -7.74 -16.25
CA GLU A 88 -25.57 -6.64 -15.97
C GLU A 88 -25.82 -6.51 -14.46
N GLY A 1 2.75 18.36 -13.44
CA GLY A 1 3.51 17.68 -12.40
C GLY A 1 2.63 17.12 -11.30
N SER A 2 3.25 16.54 -10.29
CA SER A 2 2.51 15.96 -9.16
C SER A 2 2.27 17.00 -8.08
N SER A 3 1.15 17.72 -8.19
CA SER A 3 0.80 18.75 -7.22
C SER A 3 -0.66 18.64 -6.82
N GLY A 4 -0.99 19.11 -5.62
CA GLY A 4 -2.35 19.07 -5.14
C GLY A 4 -2.57 19.95 -3.93
N SER A 5 -1.96 19.57 -2.81
CA SER A 5 -2.11 20.33 -1.57
C SER A 5 -3.57 20.68 -1.30
N SER A 6 -4.43 19.68 -1.40
CA SER A 6 -5.86 19.88 -1.17
C SER A 6 -6.55 18.56 -0.81
N GLY A 7 -7.52 18.64 0.09
CA GLY A 7 -8.24 17.45 0.50
C GLY A 7 -7.66 16.82 1.76
N MET A 8 -7.94 15.54 1.98
CA MET A 8 -7.44 14.84 3.15
C MET A 8 -6.28 13.92 2.77
N SER A 9 -5.59 13.40 3.79
CA SER A 9 -4.46 12.51 3.56
C SER A 9 -4.86 11.06 3.87
N LYS A 10 -5.82 10.89 4.76
CA LYS A 10 -6.29 9.56 5.13
C LYS A 10 -6.50 8.69 3.90
N LYS A 11 -7.57 8.98 3.16
CA LYS A 11 -7.89 8.22 1.96
C LYS A 11 -6.77 8.33 0.93
N PRO A 12 -6.65 7.31 0.06
CA PRO A 12 -5.62 7.27 -0.98
C PRO A 12 -5.88 8.30 -2.08
N PRO A 13 -5.03 9.34 -2.14
CA PRO A 13 -5.15 10.40 -3.14
C PRO A 13 -4.80 9.92 -4.54
N ASN A 14 -4.81 10.84 -5.50
CA ASN A 14 -4.50 10.50 -6.89
C ASN A 14 -3.07 9.99 -7.01
N ARG A 15 -2.92 8.67 -7.09
CA ARG A 15 -1.62 8.05 -7.20
C ARG A 15 -1.62 6.95 -8.26
N PRO A 16 -1.04 7.25 -9.44
CA PRO A 16 -0.98 6.30 -10.55
C PRO A 16 -0.03 5.14 -10.27
N GLY A 17 -0.51 4.16 -9.50
CA GLY A 17 0.30 3.01 -9.17
C GLY A 17 -0.05 2.41 -7.83
N ILE A 18 0.27 3.12 -6.75
CA ILE A 18 -0.02 2.66 -5.40
C ILE A 18 -1.49 2.89 -5.05
N THR A 19 -2.07 1.94 -4.32
CA THR A 19 -3.47 2.04 -3.91
C THR A 19 -3.69 1.42 -2.54
N PHE A 20 -3.88 2.26 -1.54
CA PHE A 20 -4.10 1.80 -0.18
C PHE A 20 -5.45 1.10 -0.04
N GLU A 21 -5.43 -0.23 -0.01
CA GLU A 21 -6.66 -1.02 0.11
C GLU A 21 -6.41 -2.29 0.91
N ILE A 22 -7.46 -3.08 1.08
CA ILE A 22 -7.35 -4.34 1.83
C ILE A 22 -6.87 -5.47 0.93
N GLY A 23 -5.65 -5.94 1.20
CA GLY A 23 -5.09 -7.02 0.40
C GLY A 23 -4.22 -6.53 -0.73
N ALA A 24 -4.15 -5.21 -0.88
CA ALA A 24 -3.34 -4.60 -1.94
C ALA A 24 -1.89 -5.07 -1.85
N ARG A 25 -1.31 -5.40 -3.00
CA ARG A 25 0.07 -5.87 -3.05
C ARG A 25 1.00 -4.75 -3.54
N LEU A 26 1.89 -4.32 -2.66
CA LEU A 26 2.84 -3.26 -2.99
C LEU A 26 4.18 -3.48 -2.29
N GLU A 27 5.11 -2.56 -2.52
CA GLU A 27 6.43 -2.66 -1.90
C GLU A 27 6.55 -1.72 -0.70
N ALA A 28 7.40 -2.09 0.25
CA ALA A 28 7.61 -1.27 1.44
C ALA A 28 9.09 -1.05 1.70
N LEU A 29 9.41 0.09 2.30
CA LEU A 29 10.80 0.43 2.60
C LEU A 29 11.15 0.05 4.03
N ASP A 30 12.04 -0.92 4.18
CA ASP A 30 12.47 -1.38 5.50
C ASP A 30 13.44 -0.40 6.13
N TYR A 31 13.63 -0.51 7.43
CA TYR A 31 14.54 0.37 8.16
C TYR A 31 15.91 0.43 7.48
N LEU A 32 16.29 -0.68 6.84
CA LEU A 32 17.57 -0.76 6.15
C LEU A 32 17.50 -0.07 4.79
N GLN A 33 16.44 0.71 4.58
CA GLN A 33 16.26 1.41 3.32
C GLN A 33 16.21 0.44 2.14
N LYS A 34 15.68 -0.76 2.39
CA LYS A 34 15.57 -1.78 1.35
C LYS A 34 14.12 -1.95 0.90
N TRP A 35 13.93 -2.16 -0.39
CA TRP A 35 12.59 -2.35 -0.94
C TRP A 35 12.21 -3.83 -0.96
N TYR A 36 10.96 -4.12 -0.65
CA TYR A 36 10.46 -5.49 -0.63
C TYR A 36 8.95 -5.53 -0.78
N PRO A 37 8.44 -6.68 -1.25
CA PRO A 37 7.00 -6.88 -1.44
C PRO A 37 6.24 -6.97 -0.13
N SER A 38 5.00 -6.50 -0.13
CA SER A 38 4.17 -6.54 1.07
C SER A 38 2.68 -6.41 0.71
N ARG A 39 1.83 -6.54 1.72
CA ARG A 39 0.39 -6.45 1.51
C ARG A 39 -0.28 -5.71 2.67
N ILE A 40 -1.52 -5.28 2.45
CA ILE A 40 -2.27 -4.57 3.47
C ILE A 40 -3.32 -5.46 4.11
N GLU A 41 -3.07 -5.84 5.37
CA GLU A 41 -3.99 -6.70 6.10
C GLU A 41 -5.22 -5.92 6.56
N LYS A 42 -4.98 -4.70 7.03
CA LYS A 42 -6.07 -3.85 7.51
C LYS A 42 -5.75 -2.38 7.26
N ILE A 43 -6.75 -1.52 7.41
CA ILE A 43 -6.58 -0.09 7.21
C ILE A 43 -7.42 0.72 8.21
N ASP A 44 -6.74 1.41 9.11
CA ASP A 44 -7.42 2.22 10.12
C ASP A 44 -7.59 3.65 9.62
N TYR A 45 -8.85 4.08 9.48
CA TYR A 45 -9.14 5.43 9.02
C TYR A 45 -9.38 6.37 10.20
N GLU A 46 -9.69 5.79 11.36
CA GLU A 46 -9.93 6.58 12.56
C GLU A 46 -8.64 7.19 13.08
N GLU A 47 -7.53 6.50 12.84
CA GLU A 47 -6.22 6.99 13.28
C GLU A 47 -5.39 7.47 12.10
N GLY A 48 -5.39 6.70 11.02
CA GLY A 48 -4.62 7.07 9.84
C GLY A 48 -3.48 6.11 9.58
N LYS A 49 -3.59 4.89 10.09
CA LYS A 49 -2.54 3.89 9.91
C LYS A 49 -3.13 2.60 9.35
N MET A 50 -2.34 1.91 8.53
CA MET A 50 -2.78 0.66 7.93
C MET A 50 -1.85 -0.49 8.32
N LEU A 51 -2.42 -1.68 8.44
CA LEU A 51 -1.64 -2.87 8.81
C LEU A 51 -1.02 -3.52 7.58
N VAL A 52 0.30 -3.40 7.45
CA VAL A 52 1.02 -3.98 6.33
C VAL A 52 1.93 -5.11 6.78
N HIS A 53 1.98 -6.17 5.98
CA HIS A 53 2.82 -7.33 6.29
C HIS A 53 4.00 -7.41 5.34
N PHE A 54 5.14 -7.88 5.86
CA PHE A 54 6.34 -8.01 5.06
C PHE A 54 6.56 -9.46 4.62
N GLU A 55 7.15 -9.64 3.44
CA GLU A 55 7.42 -10.96 2.90
C GLU A 55 8.75 -11.50 3.40
N ARG A 56 9.78 -10.67 3.33
CA ARG A 56 11.11 -11.07 3.77
C ARG A 56 11.22 -10.98 5.29
N TRP A 57 10.81 -9.86 5.85
CA TRP A 57 10.86 -9.64 7.30
C TRP A 57 9.97 -10.64 8.02
N SER A 58 10.54 -11.31 9.02
CA SER A 58 9.79 -12.30 9.79
C SER A 58 9.52 -11.80 11.20
N HIS A 59 10.54 -11.20 11.81
CA HIS A 59 10.42 -10.66 13.17
C HIS A 59 9.09 -9.92 13.35
N ARG A 60 8.82 -8.99 12.43
CA ARG A 60 7.59 -8.21 12.49
C ARG A 60 6.68 -8.54 11.31
N TYR A 61 6.27 -9.80 11.22
CA TYR A 61 5.40 -10.24 10.14
C TYR A 61 4.43 -9.14 9.72
N ASP A 62 3.63 -8.67 10.67
CA ASP A 62 2.67 -7.61 10.41
C ASP A 62 3.00 -6.35 11.22
N GLU A 63 3.06 -5.22 10.53
CA GLU A 63 3.37 -3.95 11.19
C GLU A 63 2.56 -2.81 10.58
N TRP A 64 1.95 -2.00 11.43
CA TRP A 64 1.15 -0.87 10.97
C TRP A 64 2.04 0.27 10.48
N ILE A 65 1.74 0.77 9.29
CA ILE A 65 2.51 1.85 8.70
C ILE A 65 1.60 2.92 8.12
N TYR A 66 1.70 4.14 8.66
CA TYR A 66 0.88 5.25 8.19
C TYR A 66 0.78 5.26 6.67
N TRP A 67 -0.45 5.17 6.16
CA TRP A 67 -0.68 5.17 4.73
C TRP A 67 -0.14 6.45 4.09
N ASP A 68 0.27 7.39 4.92
CA ASP A 68 0.81 8.66 4.43
C ASP A 68 2.29 8.76 4.74
N SER A 69 2.94 7.62 4.93
CA SER A 69 4.37 7.59 5.24
C SER A 69 5.19 7.86 4.00
N ASN A 70 4.72 7.38 2.86
CA ASN A 70 5.42 7.56 1.59
C ASN A 70 6.63 6.65 1.49
N ARG A 71 6.53 5.48 2.11
CA ARG A 71 7.63 4.52 2.11
C ARG A 71 7.23 3.25 1.35
N LEU A 72 6.21 3.37 0.50
CA LEU A 72 5.73 2.24 -0.28
C LEU A 72 5.77 2.54 -1.77
N ARG A 73 5.97 1.51 -2.58
CA ARG A 73 6.03 1.68 -4.03
C ARG A 73 5.02 0.76 -4.72
N PRO A 74 4.55 1.17 -5.91
CA PRO A 74 3.59 0.41 -6.69
C PRO A 74 4.18 -0.87 -7.27
N LEU A 75 4.04 -1.97 -6.54
CA LEU A 75 4.57 -3.26 -6.98
C LEU A 75 4.00 -3.65 -8.33
N GLU A 76 4.87 -4.14 -9.21
CA GLU A 76 4.45 -4.55 -10.55
C GLU A 76 4.22 -6.06 -10.61
N ARG A 77 3.05 -6.44 -11.10
CA ARG A 77 2.69 -7.86 -11.22
C ARG A 77 2.72 -8.31 -12.67
N PRO A 78 3.10 -9.58 -12.88
CA PRO A 78 3.18 -10.17 -14.23
C PRO A 78 1.80 -10.36 -14.85
N ALA A 79 1.75 -10.29 -16.18
CA ALA A 79 0.49 -10.46 -16.90
C ALA A 79 -0.59 -9.53 -16.37
N LEU A 80 -0.28 -8.24 -16.33
CA LEU A 80 -1.22 -7.24 -15.84
C LEU A 80 -2.33 -7.00 -16.85
N ARG A 81 -3.49 -7.63 -16.63
CA ARG A 81 -4.62 -7.48 -17.51
C ARG A 81 -5.89 -7.14 -16.73
N LYS A 82 -6.01 -5.86 -16.36
CA LYS A 82 -7.17 -5.40 -15.60
C LYS A 82 -8.37 -5.18 -16.53
N GLU A 83 -9.25 -6.18 -16.59
CA GLU A 83 -10.43 -6.10 -17.44
C GLU A 83 -11.39 -5.03 -16.92
N GLY A 84 -11.64 -5.04 -15.62
CA GLY A 84 -12.54 -4.06 -15.02
C GLY A 84 -13.92 -4.10 -15.64
N LEU A 85 -14.68 -5.15 -15.32
CA LEU A 85 -16.03 -5.31 -15.85
C LEU A 85 -16.99 -4.32 -15.19
N LYS A 86 -17.06 -4.35 -13.87
CA LYS A 86 -17.93 -3.45 -13.12
C LYS A 86 -17.15 -2.23 -12.63
N ASP A 87 -17.65 -1.04 -12.97
CA ASP A 87 -17.02 0.21 -12.57
C ASP A 87 -16.89 0.28 -11.05
N GLU A 88 -18.02 0.27 -10.36
CA GLU A 88 -18.04 0.32 -8.91
C GLU A 88 -17.76 -1.04 -8.29
#